data_5F0V
#
_entry.id   5F0V
#
_cell.length_a   190.930
_cell.length_b   75.310
_cell.length_c   147.410
_cell.angle_alpha   90.00
_cell.angle_beta   131.42
_cell.angle_gamma   90.00
#
_symmetry.space_group_name_H-M   'C 1 2 1'
#
loop_
_entity.id
_entity.type
_entity.pdbx_description
1 polymer 'Acetyl-CoA acetyltransferase'
2 non-polymer 1,2-ETHANEDIOL
3 water water
#
_entity_poly.entity_id   1
_entity_poly.type   'polypeptide(L)'
_entity_poly.pdbx_seq_one_letter_code
;ASMKNCVIVSAVRTAIGSFNGSLASTSAIDLGATVIKAAIERAKIDSQHVDEVIMGNVLQAGLGQNPARQALLKSGLAET
VCGFTVN(MLY)VCGSGLKSVALAAQAIQAGQAQSIVAGGMENMSLAPYLLDAKARSGYRLGDGQVYDVILRDGLMCATH
GYHMGITAENVAKEYGITREMQDELALHSQRKAAAAIESGAFTAEIVPVNVVTRKKTFVFSQDEFPKANSTAEALGALRP
AFDKAGTVTAGNASGINDGAAALVIMEESAALAAGLTPLARIKSYASGGVPPALMGMGPVPATQKALQLAGLQLADIDLI
EANEAFAAQFLAVGKNLGFDSEKVNVNGGAIALGHPIGASGARILVTLLHAMQARDKTLGLATLCIGGGQGIAMVIERL
;
_entity_poly.pdbx_strand_id   A,B,C,D
#
loop_
_chem_comp.id
_chem_comp.type
_chem_comp.name
_chem_comp.formula
EDO non-polymer 1,2-ETHANEDIOL 'C2 H6 O2'
#
# COMPACT_ATOMS: atom_id res chain seq x y z
N ALA A 1 27.41 32.34 -36.06
CA ALA A 1 26.11 32.84 -35.53
C ALA A 1 26.41 33.78 -34.36
N SER A 2 25.64 34.84 -34.19
CA SER A 2 25.72 35.69 -32.99
C SER A 2 24.51 35.46 -32.03
N MET A 3 24.69 35.71 -30.75
CA MET A 3 23.69 35.48 -29.71
C MET A 3 22.51 36.39 -29.94
N LYS A 4 21.33 35.93 -29.58
CA LYS A 4 20.10 36.73 -29.74
C LYS A 4 19.65 37.20 -28.37
N ASN A 5 18.77 38.18 -28.37
CA ASN A 5 18.14 38.66 -27.15
C ASN A 5 16.85 37.90 -26.91
N CYS A 6 16.57 37.68 -25.63
CA CYS A 6 15.39 36.98 -25.22
C CYS A 6 14.49 37.92 -24.42
N VAL A 7 13.19 37.94 -24.69
CA VAL A 7 12.22 38.74 -23.91
C VAL A 7 11.07 37.91 -23.35
N ILE A 8 10.56 38.36 -22.20
CA ILE A 8 9.35 37.89 -21.64
C ILE A 8 8.19 38.59 -22.26
N VAL A 9 7.19 37.81 -22.68
CA VAL A 9 5.99 38.35 -23.33
C VAL A 9 4.74 38.21 -22.48
N SER A 10 4.74 37.29 -21.53
CA SER A 10 3.70 37.16 -20.61
C SER A 10 4.21 36.40 -19.38
N ALA A 11 3.47 36.56 -18.29
CA ALA A 11 3.82 35.98 -17.02
C ALA A 11 2.59 35.75 -16.21
N VAL A 12 2.39 34.53 -15.75
CA VAL A 12 1.19 34.24 -15.01
C VAL A 12 1.42 33.13 -13.98
N ARG A 13 0.59 33.10 -12.97
CA ARG A 13 0.65 32.10 -11.95
C ARG A 13 -0.72 31.76 -11.39
N THR A 14 -0.86 30.59 -10.80
CA THR A 14 -2.07 30.35 -10.00
C THR A 14 -1.89 31.04 -8.67
N ALA A 15 -3.01 31.25 -7.99
CA ALA A 15 -2.92 31.48 -6.58
C ALA A 15 -2.33 30.24 -5.95
N ILE A 16 -1.70 30.42 -4.80
CA ILE A 16 -0.94 29.32 -4.15
C ILE A 16 -1.86 28.74 -3.11
N GLY A 17 -2.03 27.46 -3.18
CA GLY A 17 -2.89 26.78 -2.22
C GLY A 17 -2.14 26.30 -1.02
N SER A 18 -2.88 26.18 0.11
CA SER A 18 -2.38 25.50 1.30
C SER A 18 -2.38 23.99 1.18
N PHE A 19 -1.59 23.35 2.01
CA PHE A 19 -1.53 21.88 2.11
C PHE A 19 -2.92 21.38 2.45
N ASN A 20 -3.47 20.47 1.64
CA ASN A 20 -4.82 19.92 1.76
CA ASN A 20 -4.87 19.96 1.82
C ASN A 20 -5.88 21.05 1.59
N GLY A 21 -5.49 22.14 0.93
CA GLY A 21 -6.36 23.30 0.72
C GLY A 21 -7.04 23.31 -0.66
N SER A 22 -7.23 24.51 -1.20
CA SER A 22 -8.07 24.71 -2.35
C SER A 22 -7.63 24.01 -3.65
N LEU A 23 -6.34 23.80 -3.84
CA LEU A 23 -5.78 23.13 -4.99
C LEU A 23 -5.45 21.66 -4.74
N ALA A 24 -5.81 21.15 -3.56
CA ALA A 24 -5.41 19.81 -3.18
C ALA A 24 -6.02 18.68 -4.01
N SER A 25 -6.99 18.98 -4.86
CA SER A 25 -7.53 17.99 -5.76
C SER A 25 -7.15 18.24 -7.22
N THR A 26 -6.29 19.23 -7.50
CA THR A 26 -5.95 19.61 -8.87
C THR A 26 -4.49 19.22 -9.14
N SER A 27 -4.30 18.27 -10.06
CA SER A 27 -2.99 17.67 -10.23
C SER A 27 -1.96 18.78 -10.56
N ALA A 28 -0.69 18.48 -10.30
CA ALA A 28 0.39 19.38 -10.72
C ALA A 28 0.32 19.62 -12.22
N ILE A 29 0.10 18.56 -12.95
CA ILE A 29 0.01 18.64 -14.45
C ILE A 29 -1.15 19.50 -14.92
N ASP A 30 -2.32 19.43 -14.26
CA ASP A 30 -3.40 20.33 -14.57
C ASP A 30 -3.18 21.75 -14.18
N LEU A 31 -2.53 21.97 -13.05
CA LEU A 31 -2.07 23.34 -12.72
C LEU A 31 -1.09 23.86 -13.77
N GLY A 32 -0.17 22.98 -14.20
CA GLY A 32 0.81 23.40 -15.25
C GLY A 32 0.07 23.72 -16.54
N ALA A 33 -0.86 22.86 -16.92
CA ALA A 33 -1.62 23.09 -18.15
C ALA A 33 -2.38 24.44 -18.10
N THR A 34 -2.89 24.75 -16.91
CA THR A 34 -3.62 26.01 -16.71
C THR A 34 -2.75 27.21 -16.93
N VAL A 35 -1.54 27.21 -16.38
CA VAL A 35 -0.66 28.36 -16.57
C VAL A 35 -0.04 28.42 -17.92
N ILE A 36 0.20 27.27 -18.54
CA ILE A 36 0.73 27.29 -19.91
C ILE A 36 -0.27 27.96 -20.88
N LYS A 37 -1.51 27.50 -20.83
CA LYS A 37 -2.57 28.09 -21.62
C LYS A 37 -2.81 29.52 -21.36
N ALA A 38 -2.87 29.92 -20.08
CA ALA A 38 -2.97 31.33 -19.73
C ALA A 38 -1.78 32.19 -20.17
N ALA A 39 -0.57 31.66 -20.11
CA ALA A 39 0.58 32.44 -20.53
C ALA A 39 0.50 32.64 -22.05
N ILE A 40 0.09 31.60 -22.76
CA ILE A 40 -0.08 31.72 -24.22
C ILE A 40 -1.13 32.80 -24.56
N GLU A 41 -2.29 32.72 -23.91
CA GLU A 41 -3.33 33.62 -24.15
C GLU A 41 -2.87 35.04 -23.92
N ARG A 42 -2.27 35.27 -22.78
CA ARG A 42 -1.91 36.63 -22.38
C ARG A 42 -0.82 37.19 -23.25
N ALA A 43 0.04 36.33 -23.80
CA ALA A 43 1.09 36.81 -24.70
C ALA A 43 0.51 37.24 -26.06
N LYS A 44 -0.68 36.72 -26.43
CA LYS A 44 -1.29 36.92 -27.75
C LYS A 44 -0.45 36.32 -28.88
N ILE A 45 0.39 35.34 -28.55
CA ILE A 45 1.09 34.62 -29.59
C ILE A 45 0.16 33.61 -30.28
N ASP A 46 0.54 33.25 -31.48
CA ASP A 46 -0.08 32.17 -32.20
C ASP A 46 0.36 30.89 -31.49
N SER A 47 -0.57 30.12 -30.97
CA SER A 47 -0.17 28.93 -30.19
C SER A 47 0.51 27.84 -31.06
N GLN A 48 0.38 27.92 -32.39
CA GLN A 48 1.10 26.99 -33.24
C GLN A 48 2.55 27.41 -33.44
N HIS A 49 2.99 28.51 -32.85
CA HIS A 49 4.37 28.97 -33.00
C HIS A 49 5.23 28.66 -31.74
N VAL A 50 4.69 27.90 -30.79
CA VAL A 50 5.46 27.52 -29.58
C VAL A 50 6.42 26.37 -29.98
N ASP A 51 7.71 26.56 -29.69
CA ASP A 51 8.73 25.62 -30.03
C ASP A 51 8.98 24.57 -28.95
N GLU A 52 8.69 24.89 -27.71
CA GLU A 52 9.00 23.96 -26.60
C GLU A 52 8.33 24.49 -25.37
N VAL A 53 8.10 23.56 -24.45
CA VAL A 53 7.62 23.83 -23.14
C VAL A 53 8.59 23.21 -22.17
N ILE A 54 9.00 23.97 -21.16
CA ILE A 54 9.97 23.47 -20.16
C ILE A 54 9.33 23.76 -18.82
N MET A 55 9.14 22.73 -18.02
CA MET A 55 8.51 22.92 -16.71
C MET A 55 9.28 22.23 -15.62
N GLY A 56 9.45 22.98 -14.51
CA GLY A 56 9.97 22.42 -13.26
C GLY A 56 8.97 21.62 -12.53
N ASN A 57 9.43 20.55 -11.88
CA ASN A 57 8.53 19.71 -11.10
C ASN A 57 9.40 18.79 -10.28
N VAL A 58 9.26 18.87 -8.97
CA VAL A 58 10.23 18.15 -8.12
C VAL A 58 9.70 16.77 -7.70
N LEU A 59 8.42 16.72 -7.33
CA LEU A 59 7.86 15.49 -6.86
C LEU A 59 7.20 14.81 -8.07
N GLN A 60 8.06 14.17 -8.90
CA GLN A 60 7.60 13.57 -10.13
C GLN A 60 7.02 12.16 -9.90
N ALA A 61 7.26 11.60 -8.71
CA ALA A 61 6.85 10.21 -8.41
C ALA A 61 5.40 9.96 -8.69
N GLY A 62 5.17 9.04 -9.58
CA GLY A 62 3.82 8.58 -9.85
C GLY A 62 3.05 9.47 -10.77
N LEU A 63 3.68 10.53 -11.26
CA LEU A 63 2.90 11.46 -12.12
C LEU A 63 2.85 11.02 -13.62
N GLY A 64 3.63 10.00 -13.95
CA GLY A 64 3.60 9.51 -15.32
C GLY A 64 4.74 10.11 -16.15
N GLN A 65 4.96 9.52 -17.32
CA GLN A 65 6.03 9.92 -18.21
C GLN A 65 6.04 11.48 -18.38
N ASN A 66 7.22 12.07 -18.08
CA ASN A 66 7.52 13.46 -18.43
C ASN A 66 6.39 14.44 -18.18
N PRO A 67 6.18 14.84 -16.92
CA PRO A 67 5.09 15.75 -16.56
C PRO A 67 4.95 16.99 -17.42
N ALA A 68 6.05 17.61 -17.81
CA ALA A 68 5.99 18.76 -18.68
C ALA A 68 5.30 18.54 -19.99
N ARG A 69 5.59 17.41 -20.65
CA ARG A 69 4.92 17.03 -21.87
C ARG A 69 3.40 16.74 -21.65
N GLN A 70 3.06 16.12 -20.52
CA GLN A 70 1.65 15.91 -20.24
C GLN A 70 0.95 17.25 -20.08
N ALA A 71 1.62 18.19 -19.45
CA ALA A 71 1.03 19.48 -19.17
C ALA A 71 0.85 20.28 -20.47
N LEU A 72 1.83 20.20 -21.34
CA LEU A 72 1.70 20.93 -22.62
C LEU A 72 0.57 20.35 -23.46
N LEU A 73 0.44 19.02 -23.48
CA LEU A 73 -0.63 18.38 -24.20
C LEU A 73 -2.00 18.78 -23.59
N LYS A 74 -2.10 18.69 -22.26
CA LYS A 74 -3.35 19.08 -21.59
C LYS A 74 -3.68 20.54 -21.80
N SER A 75 -2.72 21.42 -22.02
CA SER A 75 -2.94 22.81 -22.30
C SER A 75 -3.60 23.03 -23.66
N GLY A 76 -3.52 22.05 -24.54
CA GLY A 76 -4.09 22.15 -25.88
C GLY A 76 -3.08 22.31 -26.99
N LEU A 77 -1.81 22.41 -26.64
CA LEU A 77 -0.76 22.54 -27.63
C LEU A 77 -0.69 21.29 -28.50
N ALA A 78 -0.23 21.47 -29.73
CA ALA A 78 -0.17 20.36 -30.68
C ALA A 78 0.90 19.32 -30.25
N GLU A 79 0.67 18.07 -30.62
CA GLU A 79 1.62 16.96 -30.39
C GLU A 79 3.06 17.16 -30.93
N THR A 80 3.20 18.07 -31.87
CA THR A 80 4.49 18.42 -32.45
C THR A 80 5.31 19.31 -31.58
N VAL A 81 4.72 19.83 -30.49
CA VAL A 81 5.41 20.73 -29.58
C VAL A 81 6.15 19.91 -28.52
N CYS A 82 7.49 20.03 -28.52
CA CYS A 82 8.31 19.24 -27.58
C CYS A 82 8.28 19.83 -26.19
N GLY A 83 8.62 18.99 -25.21
CA GLY A 83 8.82 19.51 -23.87
C GLY A 83 9.56 18.54 -22.98
N PHE A 84 10.05 19.06 -21.89
CA PHE A 84 10.74 18.29 -20.88
C PHE A 84 10.65 18.91 -19.52
N THR A 85 10.94 18.07 -18.53
CA THR A 85 10.74 18.38 -17.17
C THR A 85 12.09 18.49 -16.45
N VAL A 86 12.22 19.53 -15.65
CA VAL A 86 13.43 19.91 -15.01
C VAL A 86 13.28 19.72 -13.49
N ASN A 87 14.30 19.13 -12.91
CA ASN A 87 14.39 19.01 -11.44
C ASN A 87 15.75 19.54 -11.02
N MLY A 88 15.72 20.75 -10.46
CA MLY A 88 16.84 21.43 -9.75
CB MLY A 88 17.36 22.65 -10.55
CG MLY A 88 18.74 23.16 -10.11
CD MLY A 88 19.51 24.45 -10.62
CE MLY A 88 21.18 24.35 -10.65
NZ MLY A 88 21.79 24.08 -12.00
CH1 MLY A 88 21.61 25.16 -12.89
CH2 MLY A 88 22.95 23.36 -12.57
C MLY A 88 16.18 21.82 -8.40
O MLY A 88 16.34 22.90 -7.94
N VAL A 89 15.42 20.90 -7.79
CA VAL A 89 14.64 21.09 -6.50
C VAL A 89 13.90 22.46 -6.50
N CYS A 90 14.10 23.30 -5.45
CA CYS A 90 13.41 24.58 -5.31
C CYS A 90 13.73 25.52 -6.47
N GLY A 91 14.85 25.29 -7.16
CA GLY A 91 15.26 26.15 -8.29
C GLY A 91 14.63 25.77 -9.60
N SER A 92 13.87 24.67 -9.62
CA SER A 92 13.34 24.06 -10.92
C SER A 92 12.56 25.04 -11.82
N GLY A 93 11.66 25.83 -11.22
CA GLY A 93 10.84 26.73 -11.99
C GLY A 93 11.61 27.89 -12.56
N LEU A 94 12.65 28.38 -11.88
CA LEU A 94 13.46 29.44 -12.48
C LEU A 94 14.48 28.84 -13.47
N LYS A 95 15.02 27.67 -13.13
CA LYS A 95 15.93 27.00 -14.09
C LYS A 95 15.31 26.75 -15.44
N SER A 96 14.03 26.37 -15.46
CA SER A 96 13.29 26.20 -16.67
C SER A 96 13.23 27.46 -17.53
N VAL A 97 13.01 28.57 -16.89
CA VAL A 97 12.99 29.86 -17.61
C VAL A 97 14.39 30.21 -18.14
N ALA A 98 15.40 29.98 -17.32
CA ALA A 98 16.81 30.19 -17.76
C ALA A 98 17.23 29.33 -18.93
N LEU A 99 16.77 28.11 -18.95
CA LEU A 99 16.99 27.21 -20.12
C LEU A 99 16.26 27.65 -21.35
N ALA A 100 15.02 28.16 -21.17
CA ALA A 100 14.29 28.71 -22.27
C ALA A 100 15.02 29.89 -22.86
N ALA A 101 15.50 30.77 -22.00
CA ALA A 101 16.19 31.96 -22.45
C ALA A 101 17.46 31.53 -23.19
N GLN A 102 18.16 30.56 -22.66
CA GLN A 102 19.41 30.11 -23.28
C GLN A 102 19.20 29.53 -24.69
N ALA A 103 18.14 28.73 -24.83
CA ALA A 103 17.78 28.14 -26.11
C ALA A 103 17.46 29.22 -27.13
N ILE A 104 16.77 30.23 -26.67
CA ILE A 104 16.41 31.39 -27.54
C ILE A 104 17.68 32.18 -27.87
N GLN A 105 18.47 32.49 -26.87
CA GLN A 105 19.70 33.27 -27.13
C GLN A 105 20.61 32.55 -28.09
N ALA A 106 20.66 31.24 -27.95
CA ALA A 106 21.45 30.39 -28.83
C ALA A 106 20.89 30.15 -30.25
N GLY A 107 19.73 30.69 -30.57
CA GLY A 107 19.13 30.54 -31.88
C GLY A 107 18.48 29.20 -32.08
N GLN A 108 18.24 28.45 -31.02
CA GLN A 108 17.73 27.10 -31.16
C GLN A 108 16.23 27.06 -31.13
N ALA A 109 15.62 28.14 -30.69
CA ALA A 109 14.15 28.24 -30.62
C ALA A 109 13.83 29.73 -30.71
N GLN A 110 12.61 30.03 -31.06
CA GLN A 110 12.12 31.40 -31.05
C GLN A 110 11.08 31.71 -29.97
N SER A 111 10.31 30.69 -29.56
CA SER A 111 9.19 30.88 -28.63
CA SER A 111 9.17 30.89 -28.64
C SER A 111 9.09 29.65 -27.73
N ILE A 112 9.14 29.87 -26.44
CA ILE A 112 9.07 28.77 -25.45
C ILE A 112 8.18 29.20 -24.28
N VAL A 113 7.40 28.23 -23.73
CA VAL A 113 6.72 28.50 -22.54
C VAL A 113 7.50 27.80 -21.46
N ALA A 114 7.78 28.52 -20.38
CA ALA A 114 8.56 27.89 -19.31
C ALA A 114 8.03 28.29 -17.94
N GLY A 115 8.25 27.40 -16.99
CA GLY A 115 7.80 27.72 -15.65
C GLY A 115 7.96 26.49 -14.76
N GLY A 116 7.00 26.31 -13.87
CA GLY A 116 7.03 25.16 -12.97
C GLY A 116 5.67 24.88 -12.37
N MET A 117 5.58 23.72 -11.73
CA MET A 117 4.29 23.23 -11.22
C MET A 117 4.56 22.23 -10.11
N GLU A 118 3.72 22.24 -9.13
CA GLU A 118 3.89 21.34 -7.99
C GLU A 118 2.56 21.18 -7.28
N ASN A 119 2.22 19.93 -6.97
CA ASN A 119 1.14 19.72 -6.05
C ASN A 119 1.66 18.82 -4.98
N MET A 120 1.89 19.43 -3.82
CA MET A 120 2.47 18.69 -2.72
C MET A 120 1.39 17.94 -1.97
N SER A 121 0.20 18.50 -1.89
CA SER A 121 -0.93 17.78 -1.29
C SER A 121 -1.19 16.43 -1.89
N LEU A 122 -0.95 16.27 -3.19
CA LEU A 122 -1.11 15.01 -3.87
C LEU A 122 0.17 14.08 -4.00
N ALA A 123 1.29 14.45 -3.35
CA ALA A 123 2.43 13.65 -3.39
C ALA A 123 2.14 12.24 -2.81
N PRO A 124 2.77 11.22 -3.36
CA PRO A 124 2.46 9.82 -2.97
C PRO A 124 3.36 9.32 -1.83
N TYR A 125 3.20 8.05 -1.51
CA TYR A 125 4.07 7.30 -0.61
C TYR A 125 4.75 6.18 -1.37
N LEU A 126 5.92 5.80 -0.91
CA LEU A 126 6.66 4.68 -1.48
C LEU A 126 6.73 3.50 -0.47
N LEU A 127 6.58 2.32 -1.02
CA LEU A 127 6.88 1.10 -0.25
C LEU A 127 8.38 0.88 -0.03
N ASP A 128 8.77 0.16 1.05
CA ASP A 128 10.20 0.08 1.26
C ASP A 128 10.87 -0.76 0.20
N ALA A 129 12.17 -0.75 0.22
CA ALA A 129 12.96 -1.45 -0.85
C ALA A 129 12.63 -2.95 -1.00
N LYS A 130 12.19 -3.61 0.05
CA LYS A 130 11.81 -5.02 -0.01
C LYS A 130 10.53 -5.38 -0.85
N ALA A 131 9.70 -4.41 -1.23
CA ALA A 131 8.38 -4.78 -1.82
C ALA A 131 8.45 -5.55 -3.13
N ARG A 132 9.41 -5.20 -3.98
CA ARG A 132 9.50 -5.88 -5.26
CA ARG A 132 9.49 -5.88 -5.26
C ARG A 132 9.87 -7.34 -5.07
N SER A 133 10.84 -7.61 -4.23
CA SER A 133 11.30 -9.01 -4.07
C SER A 133 10.60 -9.72 -2.96
N GLY A 134 9.89 -8.95 -2.14
CA GLY A 134 9.06 -9.52 -1.12
C GLY A 134 9.45 -9.09 0.27
N TYR A 135 8.47 -8.65 1.07
CA TYR A 135 8.74 -8.37 2.48
C TYR A 135 9.16 -9.60 3.28
N ARG A 136 8.63 -10.75 2.90
CA ARG A 136 8.90 -12.06 3.48
C ARG A 136 8.31 -12.25 4.86
N LEU A 137 8.84 -11.50 5.83
CA LEU A 137 8.47 -11.67 7.22
C LEU A 137 8.94 -10.46 7.96
N GLY A 138 8.10 -9.88 8.78
CA GLY A 138 8.45 -8.67 9.50
C GLY A 138 7.87 -7.39 8.91
N ASP A 139 7.64 -6.40 9.77
CA ASP A 139 7.05 -5.13 9.33
C ASP A 139 7.99 -4.33 8.41
N GLY A 140 7.42 -3.36 7.72
CA GLY A 140 8.15 -2.56 6.78
C GLY A 140 7.74 -1.14 6.95
N GLN A 141 8.19 -0.31 6.04
CA GLN A 141 7.90 1.10 6.12
C GLN A 141 7.22 1.60 4.91
N VAL A 142 6.58 2.74 5.05
CA VAL A 142 6.14 3.51 3.90
C VAL A 142 6.76 4.89 4.00
N TYR A 143 7.27 5.40 2.87
CA TYR A 143 8.04 6.65 2.87
C TYR A 143 7.30 7.79 2.21
N ASP A 144 7.19 8.92 2.91
CA ASP A 144 6.55 10.13 2.41
C ASP A 144 7.44 10.79 1.34
N VAL A 145 6.92 10.88 0.14
CA VAL A 145 7.71 11.43 -1.00
C VAL A 145 8.01 12.90 -0.88
N ILE A 146 7.12 13.68 -0.25
CA ILE A 146 7.45 15.06 0.04
C ILE A 146 8.77 15.14 0.74
N LEU A 147 8.90 14.35 1.82
CA LEU A 147 10.10 14.36 2.59
C LEU A 147 11.26 13.75 1.78
N ARG A 148 11.04 12.61 1.21
CA ARG A 148 12.14 11.88 0.60
CA ARG A 148 12.17 11.89 0.57
C ARG A 148 12.76 12.62 -0.60
N ASP A 149 11.91 13.09 -1.47
CA ASP A 149 12.40 13.75 -2.73
C ASP A 149 12.39 15.26 -2.73
N GLY A 150 11.72 15.88 -1.75
CA GLY A 150 11.51 17.32 -1.74
C GLY A 150 12.15 18.07 -0.57
N LEU A 151 11.94 17.59 0.65
CA LEU A 151 12.26 18.39 1.86
C LEU A 151 13.34 17.86 2.78
N MET A 152 13.92 16.71 2.49
CA MET A 152 15.04 16.18 3.24
C MET A 152 16.26 16.26 2.41
N CYS A 153 17.38 16.51 3.07
CA CYS A 153 18.67 16.59 2.44
C CYS A 153 19.09 15.19 2.08
N ALA A 154 19.37 14.97 0.81
CA ALA A 154 19.97 13.70 0.43
C ALA A 154 21.41 13.49 0.91
N THR A 155 22.16 14.56 1.13
CA THR A 155 23.51 14.41 1.62
C THR A 155 23.55 14.14 3.12
N HIS A 156 22.75 14.86 3.90
CA HIS A 156 22.85 14.75 5.35
C HIS A 156 21.69 13.99 5.98
N GLY A 157 20.61 13.77 5.27
CA GLY A 157 19.51 12.97 5.82
C GLY A 157 18.63 13.73 6.80
N TYR A 158 18.78 15.05 6.91
CA TYR A 158 17.91 15.83 7.79
C TYR A 158 17.13 16.83 6.97
N HIS A 159 16.10 17.42 7.58
CA HIS A 159 15.18 18.32 6.89
C HIS A 159 15.84 19.63 6.45
N MET A 160 15.31 20.20 5.37
CA MET A 160 15.75 21.54 4.93
C MET A 160 15.74 22.55 6.12
N GLY A 161 14.78 22.39 7.01
CA GLY A 161 14.65 23.19 8.22
C GLY A 161 15.88 23.11 9.12
N ILE A 162 16.54 21.94 9.17
CA ILE A 162 17.82 21.82 9.82
C ILE A 162 18.94 22.61 9.10
N THR A 163 18.94 22.60 7.75
CA THR A 163 19.89 23.47 7.04
C THR A 163 19.64 24.93 7.37
N ALA A 164 18.39 25.27 7.65
CA ALA A 164 18.05 26.63 8.04
C ALA A 164 18.60 26.95 9.44
N GLU A 165 18.52 25.98 10.35
CA GLU A 165 19.14 26.14 11.68
C GLU A 165 20.62 26.33 11.53
N ASN A 166 21.25 25.57 10.63
CA ASN A 166 22.71 25.71 10.42
C ASN A 166 23.09 27.14 10.00
N VAL A 167 22.34 27.66 9.03
CA VAL A 167 22.52 29.00 8.56
C VAL A 167 22.26 30.02 9.68
N ALA A 168 21.21 29.84 10.44
CA ALA A 168 20.93 30.75 11.57
C ALA A 168 22.09 30.85 12.53
N LYS A 169 22.66 29.69 12.85
CA LYS A 169 23.80 29.66 13.76
C LYS A 169 25.04 30.28 13.10
N GLU A 170 25.33 29.93 11.86
CA GLU A 170 26.53 30.35 11.17
C GLU A 170 26.54 31.86 10.95
N TYR A 171 25.37 32.45 10.70
CA TYR A 171 25.30 33.89 10.39
C TYR A 171 24.65 34.72 11.46
N GLY A 172 24.44 34.13 12.63
CA GLY A 172 23.90 34.84 13.77
C GLY A 172 22.52 35.43 13.55
N ILE A 173 21.61 34.62 13.01
CA ILE A 173 20.28 35.05 12.75
C ILE A 173 19.37 34.51 13.85
N THR A 174 18.91 35.40 14.73
CA THR A 174 18.17 34.97 15.90
C THR A 174 16.69 34.64 15.65
N ARG A 175 16.07 33.96 16.61
CA ARG A 175 14.67 33.70 16.57
C ARG A 175 13.87 35.04 16.44
N GLU A 176 14.29 36.07 17.15
CA GLU A 176 13.53 37.33 17.11
CA GLU A 176 13.55 37.34 17.09
C GLU A 176 13.70 37.97 15.72
N MET A 177 14.90 37.93 15.15
CA MET A 177 15.12 38.46 13.80
C MET A 177 14.21 37.71 12.78
N GLN A 178 14.17 36.41 12.90
CA GLN A 178 13.35 35.57 12.01
C GLN A 178 11.87 35.84 12.16
N ASP A 179 11.39 36.01 13.40
CA ASP A 179 9.99 36.39 13.63
C ASP A 179 9.64 37.79 13.15
N GLU A 180 10.53 38.77 13.33
CA GLU A 180 10.26 40.13 12.80
C GLU A 180 10.12 40.06 11.26
N LEU A 181 10.98 39.29 10.62
CA LEU A 181 10.95 39.15 9.17
C LEU A 181 9.64 38.51 8.73
N ALA A 182 9.25 37.42 9.39
CA ALA A 182 8.01 36.79 9.11
C ALA A 182 6.80 37.74 9.21
N LEU A 183 6.74 38.54 10.30
CA LEU A 183 5.62 39.41 10.48
C LEU A 183 5.62 40.46 9.36
N HIS A 184 6.80 40.91 8.92
CA HIS A 184 6.93 41.85 7.83
C HIS A 184 6.35 41.24 6.51
N SER A 185 6.71 40.00 6.27
CA SER A 185 6.22 39.32 5.08
C SER A 185 4.71 39.19 5.15
N GLN A 186 4.19 38.75 6.28
CA GLN A 186 2.73 38.66 6.47
C GLN A 186 2.03 39.98 6.22
N ARG A 187 2.62 41.06 6.72
CA ARG A 187 1.99 42.36 6.57
C ARG A 187 2.02 42.84 5.10
N LYS A 188 3.14 42.64 4.43
CA LYS A 188 3.25 43.06 3.05
C LYS A 188 2.32 42.25 2.16
N ALA A 189 2.22 40.94 2.41
CA ALA A 189 1.36 40.11 1.64
C ALA A 189 -0.08 40.54 1.83
N ALA A 190 -0.46 40.81 3.09
CA ALA A 190 -1.85 41.18 3.35
C ALA A 190 -2.21 42.47 2.62
N ALA A 191 -1.30 43.44 2.63
CA ALA A 191 -1.54 44.68 1.98
C ALA A 191 -1.58 44.55 0.44
N ALA A 192 -0.71 43.68 -0.11
CA ALA A 192 -0.73 43.41 -1.53
C ALA A 192 -2.05 42.74 -1.95
N ILE A 193 -2.50 41.77 -1.20
CA ILE A 193 -3.75 41.11 -1.48
C ILE A 193 -4.88 42.14 -1.44
N GLU A 194 -4.94 42.89 -0.36
CA GLU A 194 -6.06 43.82 -0.17
C GLU A 194 -6.07 44.93 -1.25
N SER A 195 -4.92 45.34 -1.77
CA SER A 195 -4.87 46.44 -2.71
C SER A 195 -5.07 45.94 -4.14
N GLY A 196 -5.15 44.62 -4.33
CA GLY A 196 -5.26 44.09 -5.69
C GLY A 196 -3.95 43.94 -6.43
N ALA A 197 -2.85 43.91 -5.72
CA ALA A 197 -1.53 43.90 -6.35
C ALA A 197 -1.27 42.60 -7.11
N PHE A 198 -1.95 41.49 -6.72
CA PHE A 198 -1.75 40.21 -7.40
C PHE A 198 -2.81 39.89 -8.46
N THR A 199 -3.77 40.78 -8.65
CA THR A 199 -4.86 40.53 -9.54
C THR A 199 -4.37 40.28 -10.93
N ALA A 200 -3.42 41.06 -11.37
CA ALA A 200 -2.97 40.99 -12.75
C ALA A 200 -2.25 39.68 -13.04
N GLU A 201 -1.56 39.13 -12.05
CA GLU A 201 -0.63 38.01 -12.31
C GLU A 201 -1.30 36.65 -12.10
N ILE A 202 -2.44 36.65 -11.46
CA ILE A 202 -3.09 35.39 -11.11
C ILE A 202 -4.18 34.97 -12.09
N VAL A 203 -4.07 33.74 -12.54
CA VAL A 203 -5.11 33.07 -13.28
C VAL A 203 -5.96 32.26 -12.31
N PRO A 204 -7.25 32.55 -12.26
CA PRO A 204 -8.12 31.71 -11.38
C PRO A 204 -8.22 30.26 -11.82
N VAL A 205 -8.41 29.36 -10.87
CA VAL A 205 -8.60 27.98 -11.13
C VAL A 205 -10.04 27.56 -10.71
N ASN A 206 -10.81 26.94 -11.60
CA ASN A 206 -12.15 26.40 -11.20
C ASN A 206 -11.96 25.07 -10.53
N VAL A 207 -12.37 24.97 -9.29
CA VAL A 207 -12.14 23.72 -8.52
C VAL A 207 -13.45 23.00 -8.31
N VAL A 208 -13.54 21.78 -8.81
CA VAL A 208 -14.81 21.04 -8.73
C VAL A 208 -14.57 19.77 -7.96
N THR A 209 -15.34 19.55 -6.90
CA THR A 209 -15.34 18.26 -6.21
C THR A 209 -16.79 17.82 -5.96
N ARG A 210 -16.96 16.59 -5.48
CA ARG A 210 -18.28 16.08 -5.14
C ARG A 210 -18.91 17.07 -4.18
N LYS A 211 -18.13 17.55 -3.21
CA LYS A 211 -18.70 18.38 -2.13
C LYS A 211 -19.08 19.77 -2.64
N LYS A 212 -18.20 20.40 -3.44
CA LYS A 212 -18.39 21.78 -3.78
C LYS A 212 -17.61 22.17 -5.05
N THR A 213 -18.10 23.24 -5.66
CA THR A 213 -17.42 23.93 -6.71
C THR A 213 -17.15 25.33 -6.29
N PHE A 214 -15.95 25.85 -6.59
CA PHE A 214 -15.64 27.20 -6.30
C PHE A 214 -14.44 27.63 -7.13
N VAL A 215 -14.25 28.94 -7.25
CA VAL A 215 -13.14 29.49 -8.03
C VAL A 215 -12.03 29.90 -7.07
N PHE A 216 -10.82 29.46 -7.29
CA PHE A 216 -9.70 29.80 -6.43
C PHE A 216 -8.87 30.87 -7.14
N SER A 217 -8.81 32.04 -6.53
CA SER A 217 -8.07 33.19 -7.09
C SER A 217 -7.25 34.06 -6.13
N GLN A 218 -7.23 33.70 -4.84
CA GLN A 218 -6.53 34.47 -3.84
C GLN A 218 -5.69 33.55 -3.03
N ASP A 219 -4.42 33.91 -2.93
CA ASP A 219 -3.44 33.19 -2.14
C ASP A 219 -3.95 32.93 -0.73
N GLU A 220 -3.95 31.65 -0.30
CA GLU A 220 -4.68 31.30 0.94
C GLU A 220 -3.78 30.96 2.09
N PHE A 221 -2.47 30.90 1.85
CA PHE A 221 -1.53 30.58 2.92
C PHE A 221 -1.38 31.71 3.94
N PRO A 222 -1.57 32.98 3.53
CA PRO A 222 -1.23 34.04 4.49
C PRO A 222 -2.00 33.85 5.80
N LYS A 223 -1.38 34.21 6.93
CA LYS A 223 -1.99 34.05 8.24
C LYS A 223 -2.46 35.44 8.76
N ALA A 224 -3.74 35.61 8.68
CA ALA A 224 -4.39 36.87 9.09
C ALA A 224 -4.12 37.18 10.55
N ASN A 225 -4.03 38.48 10.88
CA ASN A 225 -3.71 38.90 12.26
C ASN A 225 -2.47 38.22 12.87
N SER A 226 -1.42 37.96 12.07
CA SER A 226 -0.17 37.51 12.62
C SER A 226 0.35 38.55 13.62
N THR A 227 0.97 38.13 14.72
CA THR A 227 1.55 39.10 15.67
C THR A 227 2.88 38.62 16.17
N ALA A 228 3.72 39.56 16.64
CA ALA A 228 5.04 39.20 17.18
C ALA A 228 4.86 38.23 18.37
N GLU A 229 3.77 38.43 19.11
CA GLU A 229 3.49 37.61 20.31
C GLU A 229 3.11 36.20 19.95
N ALA A 230 2.15 36.03 19.05
CA ALA A 230 1.79 34.71 18.58
C ALA A 230 3.02 33.96 17.97
N LEU A 231 3.85 34.68 17.21
CA LEU A 231 5.04 34.09 16.59
C LEU A 231 6.02 33.64 17.65
N GLY A 232 6.19 34.49 18.68
CA GLY A 232 7.19 34.20 19.71
C GLY A 232 6.84 33.03 20.58
N ALA A 233 5.56 32.66 20.56
CA ALA A 233 5.03 31.54 21.35
C ALA A 233 5.04 30.19 20.62
N LEU A 234 5.32 30.19 19.34
CA LEU A 234 5.39 28.93 18.63
C LEU A 234 6.56 28.11 19.11
N ARG A 235 6.42 26.79 19.00
CA ARG A 235 7.51 25.86 19.27
C ARG A 235 8.31 25.67 18.02
N PRO A 236 9.60 25.37 18.16
CA PRO A 236 10.41 25.04 16.96
C PRO A 236 9.89 23.82 16.25
N ALA A 237 10.00 23.86 14.94
CA ALA A 237 9.38 22.85 14.10
C ALA A 237 10.32 21.69 13.85
N PHE A 238 11.63 21.93 13.87
CA PHE A 238 12.58 20.85 13.45
C PHE A 238 13.54 20.39 14.47
N ASP A 239 13.81 21.23 15.47
CA ASP A 239 14.74 20.93 16.53
C ASP A 239 14.21 21.67 17.76
N LYS A 240 14.06 20.97 18.88
CA LYS A 240 13.59 21.58 20.11
C LYS A 240 14.43 22.74 20.58
N ALA A 241 15.73 22.71 20.27
CA ALA A 241 16.64 23.74 20.67
C ALA A 241 16.83 24.80 19.61
N GLY A 242 16.01 24.77 18.56
CA GLY A 242 16.24 25.62 17.45
C GLY A 242 15.38 26.86 17.41
N THR A 243 15.43 27.51 16.25
CA THR A 243 14.85 28.81 16.03
C THR A 243 13.75 28.80 14.97
N VAL A 244 13.72 27.77 14.11
CA VAL A 244 12.84 27.76 12.98
C VAL A 244 11.51 27.14 13.40
N THR A 245 10.43 27.87 13.11
CA THR A 245 9.09 27.46 13.41
C THR A 245 8.22 27.47 12.16
N ALA A 246 6.99 26.94 12.30
CA ALA A 246 5.98 27.06 11.25
C ALA A 246 5.63 28.52 10.92
N GLY A 247 5.92 29.43 11.85
CA GLY A 247 5.65 30.82 11.61
C GLY A 247 6.74 31.61 10.94
N ASN A 248 7.97 31.13 10.95
CA ASN A 248 9.07 31.83 10.28
C ASN A 248 9.70 31.03 9.12
N ALA A 249 8.94 30.04 8.65
CA ALA A 249 9.31 29.24 7.48
C ALA A 249 8.12 29.26 6.57
N SER A 250 8.34 29.02 5.29
CA SER A 250 7.23 28.81 4.37
C SER A 250 6.59 27.43 4.65
N GLY A 251 5.63 27.08 3.84
CA GLY A 251 4.78 25.91 4.04
C GLY A 251 5.03 24.80 3.05
N ILE A 252 4.12 23.84 3.07
CA ILE A 252 3.93 22.84 1.98
C ILE A 252 2.74 23.37 1.20
N ASN A 253 2.84 23.47 -0.12
CA ASN A 253 1.86 24.24 -0.89
C ASN A 253 1.78 23.71 -2.29
N ASP A 254 0.74 24.16 -2.98
CA ASP A 254 0.38 23.71 -4.31
C ASP A 254 0.19 24.88 -5.23
N GLY A 255 0.68 24.77 -6.46
CA GLY A 255 0.62 25.90 -7.40
C GLY A 255 1.42 25.75 -8.69
N ALA A 256 1.29 26.71 -9.61
CA ALA A 256 2.09 26.69 -10.80
C ALA A 256 2.28 28.10 -11.33
N ALA A 257 3.22 28.24 -12.22
CA ALA A 257 3.52 29.54 -12.89
C ALA A 257 4.17 29.30 -14.23
N ALA A 258 3.97 30.20 -15.17
CA ALA A 258 4.59 30.05 -16.48
C ALA A 258 4.70 31.40 -17.17
N LEU A 259 5.65 31.46 -18.09
CA LEU A 259 5.96 32.64 -18.89
C LEU A 259 6.18 32.26 -20.32
N VAL A 260 5.74 33.12 -21.23
CA VAL A 260 6.10 33.00 -22.62
C VAL A 260 7.38 33.81 -22.76
N ILE A 261 8.39 33.15 -23.28
CA ILE A 261 9.66 33.80 -23.64
C ILE A 261 9.91 33.71 -25.15
N MET A 262 10.41 34.77 -25.74
CA MET A 262 10.57 34.79 -27.21
C MET A 262 11.81 35.56 -27.64
N GLU A 263 12.30 35.22 -28.82
CA GLU A 263 13.41 35.95 -29.41
C GLU A 263 12.87 37.34 -29.70
N GLU A 264 13.63 38.35 -29.37
CA GLU A 264 13.12 39.71 -29.35
C GLU A 264 12.66 40.19 -30.76
N SER A 265 13.46 40.00 -31.78
CA SER A 265 13.07 40.51 -33.11
C SER A 265 11.80 39.82 -33.55
N ALA A 266 11.67 38.53 -33.22
CA ALA A 266 10.51 37.76 -33.64
C ALA A 266 9.24 38.22 -32.91
N ALA A 267 9.35 38.55 -31.62
CA ALA A 267 8.20 39.08 -30.88
C ALA A 267 7.70 40.41 -31.50
N LEU A 268 8.65 41.31 -31.76
CA LEU A 268 8.35 42.56 -32.43
C LEU A 268 7.75 42.41 -33.81
N ALA A 269 8.29 41.52 -34.62
CA ALA A 269 7.78 41.28 -35.95
C ALA A 269 6.37 40.71 -35.90
N ALA A 270 6.03 39.98 -34.84
CA ALA A 270 4.70 39.44 -34.70
C ALA A 270 3.77 40.45 -34.09
N GLY A 271 4.21 41.67 -33.83
CA GLY A 271 3.30 42.68 -33.27
C GLY A 271 3.02 42.51 -31.80
N LEU A 272 3.85 41.74 -31.11
CA LEU A 272 3.67 41.49 -29.71
C LEU A 272 4.43 42.52 -28.91
N THR A 273 4.16 42.58 -27.62
CA THR A 273 4.76 43.60 -26.75
C THR A 273 5.70 42.98 -25.72
N PRO A 274 7.03 43.13 -25.90
CA PRO A 274 7.93 42.61 -24.93
C PRO A 274 7.67 43.29 -23.61
N LEU A 275 7.61 42.51 -22.53
CA LEU A 275 7.46 43.07 -21.19
C LEU A 275 8.82 43.33 -20.49
N ALA A 276 9.84 42.53 -20.79
CA ALA A 276 11.16 42.65 -20.19
C ALA A 276 12.13 41.81 -20.99
N ARG A 277 13.39 42.17 -20.96
CA ARG A 277 14.42 41.40 -21.54
C ARG A 277 15.04 40.60 -20.40
N ILE A 278 15.38 39.35 -20.66
CA ILE A 278 16.13 38.55 -19.70
C ILE A 278 17.60 38.93 -19.91
N LYS A 279 18.20 39.52 -18.91
CA LYS A 279 19.54 40.13 -19.06
C LYS A 279 20.64 39.16 -18.72
N SER A 280 20.45 38.36 -17.67
CA SER A 280 21.38 37.35 -17.34
C SER A 280 20.72 36.33 -16.39
N TYR A 281 21.40 35.24 -16.20
CA TYR A 281 20.99 34.19 -15.27
C TYR A 281 22.22 33.37 -14.87
N ALA A 282 22.14 32.71 -13.71
CA ALA A 282 23.28 31.92 -13.28
C ALA A 282 22.87 31.05 -12.13
N SER A 283 23.64 30.01 -11.95
CA SER A 283 23.47 29.14 -10.77
C SER A 283 24.74 29.11 -9.96
N GLY A 284 24.60 28.73 -8.71
CA GLY A 284 25.74 28.70 -7.81
C GLY A 284 25.62 27.48 -6.87
N GLY A 285 26.76 27.01 -6.41
CA GLY A 285 26.80 25.85 -5.50
C GLY A 285 27.41 26.30 -4.13
N VAL A 286 26.92 25.69 -3.07
CA VAL A 286 27.39 25.91 -1.69
C VAL A 286 27.28 24.56 -1.00
N PRO A 287 27.77 24.46 0.24
CA PRO A 287 27.62 23.22 0.96
C PRO A 287 26.15 22.85 1.15
N PRO A 288 25.83 21.57 0.98
CA PRO A 288 24.43 21.19 1.26
C PRO A 288 23.93 21.63 2.63
N ALA A 289 24.79 21.51 3.64
CA ALA A 289 24.38 21.86 5.03
C ALA A 289 23.94 23.31 5.13
N LEU A 290 24.48 24.17 4.24
CA LEU A 290 24.17 25.58 4.19
C LEU A 290 23.45 25.99 2.91
N MET A 291 22.52 25.18 2.48
CA MET A 291 21.89 25.33 1.14
C MET A 291 21.20 26.68 0.98
N GLY A 292 20.75 27.22 2.11
CA GLY A 292 20.06 28.45 2.09
C GLY A 292 20.88 29.66 1.62
N MET A 293 22.19 29.48 1.55
CA MET A 293 23.10 30.54 1.08
C MET A 293 23.34 30.47 -0.42
N GLY A 294 22.69 29.52 -1.09
CA GLY A 294 22.79 29.38 -2.56
C GLY A 294 22.68 30.66 -3.37
N PRO A 295 21.78 31.57 -2.98
CA PRO A 295 21.58 32.76 -3.74
C PRO A 295 22.78 33.65 -3.82
N VAL A 296 23.71 33.53 -2.86
CA VAL A 296 24.88 34.41 -2.84
C VAL A 296 25.75 34.23 -4.11
N PRO A 297 26.33 33.08 -4.31
CA PRO A 297 27.09 32.95 -5.58
C PRO A 297 26.26 33.04 -6.88
N ALA A 298 25.02 32.58 -6.86
CA ALA A 298 24.16 32.70 -8.04
C ALA A 298 23.97 34.16 -8.39
N THR A 299 23.68 34.98 -7.37
CA THR A 299 23.44 36.37 -7.61
C THR A 299 24.70 37.08 -8.07
N GLN A 300 25.81 36.79 -7.41
CA GLN A 300 27.08 37.43 -7.81
C GLN A 300 27.44 37.17 -9.25
N LYS A 301 27.28 35.93 -9.66
CA LYS A 301 27.50 35.52 -11.06
C LYS A 301 26.54 36.15 -12.05
N ALA A 302 25.27 36.22 -11.66
CA ALA A 302 24.27 36.84 -12.49
C ALA A 302 24.52 38.31 -12.72
N LEU A 303 24.87 39.01 -11.64
CA LEU A 303 25.12 40.41 -11.74
C LEU A 303 26.36 40.66 -12.63
N GLN A 304 27.35 39.79 -12.48
CA GLN A 304 28.58 39.96 -13.29
C GLN A 304 28.27 39.77 -14.77
N LEU A 305 27.47 38.76 -15.07
CA LEU A 305 27.07 38.47 -16.45
C LEU A 305 26.24 39.56 -17.04
N ALA A 306 25.50 40.32 -16.21
CA ALA A 306 24.67 41.42 -16.65
C ALA A 306 25.50 42.75 -16.76
N GLY A 307 26.74 42.73 -16.30
CA GLY A 307 27.50 43.97 -16.19
C GLY A 307 26.93 44.99 -15.20
N LEU A 308 26.35 44.49 -14.10
CA LEU A 308 25.72 45.37 -13.10
C LEU A 308 26.31 45.22 -11.69
N GLN A 309 26.01 46.18 -10.84
CA GLN A 309 26.19 46.07 -9.41
C GLN A 309 24.82 45.88 -8.78
N LEU A 310 24.82 45.25 -7.61
CA LEU A 310 23.59 45.00 -6.86
C LEU A 310 22.78 46.26 -6.70
N ALA A 311 23.42 47.39 -6.41
CA ALA A 311 22.67 48.63 -6.25
C ALA A 311 21.93 49.08 -7.48
N ASP A 312 22.32 48.62 -8.67
CA ASP A 312 21.59 49.00 -9.89
C ASP A 312 20.20 48.37 -9.95
N ILE A 313 20.01 47.28 -9.23
CA ILE A 313 18.73 46.59 -9.22
C ILE A 313 17.65 47.35 -8.42
N ASP A 314 16.54 47.61 -9.05
CA ASP A 314 15.43 48.38 -8.45
C ASP A 314 14.56 47.52 -7.54
N LEU A 315 14.30 46.29 -7.94
CA LEU A 315 13.42 45.38 -7.15
C LEU A 315 13.98 43.97 -7.15
N ILE A 316 13.80 43.31 -6.00
CA ILE A 316 14.38 41.98 -5.75
C ILE A 316 13.27 41.07 -5.24
N GLU A 317 13.15 39.88 -5.83
CA GLU A 317 12.46 38.78 -5.23
C GLU A 317 13.44 37.75 -4.81
N ALA A 318 13.57 37.57 -3.52
CA ALA A 318 14.47 36.57 -2.93
C ALA A 318 13.59 35.65 -2.10
N ASN A 319 13.53 34.39 -2.46
CA ASN A 319 12.54 33.49 -1.85
C ASN A 319 12.71 33.31 -0.35
N GLU A 320 11.61 33.19 0.36
CA GLU A 320 11.64 33.05 1.82
C GLU A 320 11.28 31.59 2.23
N ALA A 321 12.05 30.59 1.79
CA ALA A 321 11.83 29.24 2.28
C ALA A 321 11.90 29.19 3.79
N PHE A 322 12.88 29.88 4.33
CA PHE A 322 13.08 30.10 5.78
C PHE A 322 13.58 31.48 6.02
N ALA A 323 12.97 32.17 6.96
CA ALA A 323 13.48 33.45 7.39
C ALA A 323 14.96 33.44 7.68
N ALA A 324 15.44 32.37 8.30
CA ALA A 324 16.87 32.28 8.66
C ALA A 324 17.79 32.46 7.49
N GLN A 325 17.45 31.80 6.38
CA GLN A 325 18.31 31.87 5.19
C GLN A 325 18.02 33.10 4.40
N PHE A 326 16.77 33.54 4.40
CA PHE A 326 16.44 34.81 3.73
C PHE A 326 17.32 35.93 4.31
N LEU A 327 17.34 36.01 5.63
CA LEU A 327 18.10 37.07 6.34
C LEU A 327 19.61 36.95 6.14
N ALA A 328 20.13 35.75 6.24
CA ALA A 328 21.54 35.53 6.06
C ALA A 328 22.00 35.90 4.66
N VAL A 329 21.19 35.61 3.66
CA VAL A 329 21.49 36.00 2.30
C VAL A 329 21.52 37.46 2.16
N GLY A 330 20.49 38.12 2.75
CA GLY A 330 20.40 39.56 2.61
C GLY A 330 21.55 40.30 3.27
N LYS A 331 21.96 39.79 4.42
CA LYS A 331 23.08 40.33 5.17
C LYS A 331 24.38 40.15 4.36
N ASN A 332 24.63 38.97 3.85
CA ASN A 332 25.81 38.68 3.04
C ASN A 332 25.84 39.54 1.77
N LEU A 333 24.72 39.67 1.05
CA LEU A 333 24.77 40.43 -0.19
C LEU A 333 24.59 41.95 0.02
N GLY A 334 24.05 42.36 1.16
CA GLY A 334 23.76 43.77 1.46
C GLY A 334 22.50 44.29 0.74
N PHE A 335 21.46 43.47 0.70
CA PHE A 335 20.19 43.81 0.08
C PHE A 335 19.62 45.08 0.76
N ASP A 336 19.11 46.02 -0.01
CA ASP A 336 18.32 47.10 0.50
C ASP A 336 16.95 46.53 0.81
N SER A 337 16.61 46.41 2.08
CA SER A 337 15.38 45.71 2.50
C SER A 337 14.09 46.29 1.89
N GLU A 338 14.10 47.57 1.54
CA GLU A 338 12.93 48.23 0.98
C GLU A 338 12.69 47.82 -0.46
N LYS A 339 13.71 47.25 -1.11
CA LYS A 339 13.55 46.77 -2.49
C LYS A 339 13.11 45.27 -2.60
N VAL A 340 13.06 44.54 -1.50
CA VAL A 340 12.92 43.07 -1.51
C VAL A 340 11.49 42.67 -1.15
N ASN A 341 10.93 41.79 -1.94
CA ASN A 341 9.66 41.11 -1.71
C ASN A 341 8.61 42.12 -1.34
N VAL A 342 8.43 43.11 -2.23
CA VAL A 342 7.65 44.26 -1.85
C VAL A 342 6.20 43.94 -1.64
N ASN A 343 5.74 42.79 -2.21
CA ASN A 343 4.37 42.33 -2.01
C ASN A 343 4.29 41.15 -1.06
N GLY A 344 5.32 40.99 -0.25
CA GLY A 344 5.37 39.80 0.64
C GLY A 344 6.05 38.64 -0.04
N GLY A 345 6.35 37.63 0.77
CA GLY A 345 7.13 36.50 0.25
C GLY A 345 6.61 35.18 0.79
N ALA A 346 7.35 34.13 0.53
CA ALA A 346 6.88 32.77 0.73
C ALA A 346 6.43 32.46 2.14
N ILE A 347 6.95 33.15 3.14
CA ILE A 347 6.49 32.85 4.52
C ILE A 347 5.01 33.09 4.61
N ALA A 348 4.55 34.10 3.88
CA ALA A 348 3.12 34.40 3.84
C ALA A 348 2.46 33.65 2.69
N LEU A 349 3.11 33.63 1.53
CA LEU A 349 2.48 33.17 0.30
C LEU A 349 2.57 31.66 0.02
N GLY A 350 3.60 30.96 0.49
CA GLY A 350 3.71 29.51 0.28
C GLY A 350 4.86 29.17 -0.67
N HIS A 351 5.19 27.89 -0.71
CA HIS A 351 6.38 27.40 -1.44
C HIS A 351 6.10 26.06 -2.12
N PRO A 352 5.37 26.12 -3.24
CA PRO A 352 5.19 24.97 -4.08
C PRO A 352 6.45 24.72 -4.85
N ILE A 353 7.20 23.74 -4.42
CA ILE A 353 8.66 23.74 -4.65
C ILE A 353 9.07 23.87 -6.09
N GLY A 354 8.45 23.12 -6.98
CA GLY A 354 8.89 23.11 -8.36
C GLY A 354 8.37 24.34 -9.13
N ALA A 355 7.39 25.03 -8.59
CA ALA A 355 6.85 26.26 -9.18
C ALA A 355 7.44 27.54 -8.65
N SER A 356 7.96 27.56 -7.42
CA SER A 356 8.34 28.79 -6.76
C SER A 356 9.32 29.69 -7.53
N GLY A 357 10.27 29.08 -8.23
CA GLY A 357 11.26 29.85 -8.93
C GLY A 357 10.68 30.64 -10.08
N ALA A 358 9.65 30.08 -10.69
CA ALA A 358 8.91 30.78 -11.73
C ALA A 358 7.90 31.78 -11.10
N ARG A 359 7.32 31.36 -9.99
CA ARG A 359 6.37 32.17 -9.26
C ARG A 359 6.97 33.52 -8.87
N ILE A 360 8.15 33.51 -8.31
CA ILE A 360 8.80 34.74 -7.89
C ILE A 360 9.14 35.64 -9.04
N LEU A 361 9.46 35.02 -10.19
CA LEU A 361 9.75 35.82 -11.40
C LEU A 361 8.49 36.54 -11.88
N VAL A 362 7.38 35.84 -11.91
CA VAL A 362 6.06 36.40 -12.23
C VAL A 362 5.73 37.59 -11.30
N THR A 363 5.86 37.39 -9.99
CA THR A 363 5.61 38.42 -9.00
C THR A 363 6.56 39.62 -9.20
N LEU A 364 7.84 39.33 -9.47
CA LEU A 364 8.82 40.37 -9.70
C LEU A 364 8.42 41.26 -10.90
N LEU A 365 8.09 40.64 -12.03
CA LEU A 365 7.80 41.41 -13.24
C LEU A 365 6.62 42.32 -12.95
N HIS A 366 5.55 41.76 -12.39
CA HIS A 366 4.34 42.54 -12.16
C HIS A 366 4.57 43.65 -11.17
N ALA A 367 5.35 43.42 -10.14
CA ALA A 367 5.71 44.48 -9.20
C ALA A 367 6.56 45.61 -9.85
N MET A 368 7.47 45.25 -10.77
CA MET A 368 8.27 46.24 -11.54
C MET A 368 7.35 47.08 -12.39
N GLN A 369 6.35 46.44 -13.00
CA GLN A 369 5.39 47.18 -13.84
C GLN A 369 4.56 48.14 -12.99
N ALA A 370 4.08 47.66 -11.84
CA ALA A 370 3.27 48.49 -10.98
C ALA A 370 4.03 49.70 -10.48
N ARG A 371 5.33 49.57 -10.27
CA ARG A 371 6.13 50.62 -9.69
C ARG A 371 7.00 51.31 -10.74
N ASP A 372 6.79 50.98 -12.01
CA ASP A 372 7.60 51.47 -13.12
C ASP A 372 9.11 51.44 -12.85
N LYS A 373 9.61 50.27 -12.49
CA LYS A 373 11.01 50.08 -12.24
C LYS A 373 11.67 49.39 -13.44
N THR A 374 12.97 49.58 -13.51
CA THR A 374 13.71 49.10 -14.66
C THR A 374 14.41 47.77 -14.52
N LEU A 375 15.05 47.50 -13.40
CA LEU A 375 15.89 46.33 -13.27
C LEU A 375 15.42 45.52 -12.12
N GLY A 376 15.37 44.21 -12.32
CA GLY A 376 14.88 43.27 -11.25
C GLY A 376 15.71 42.03 -11.16
N LEU A 377 15.75 41.49 -9.96
CA LEU A 377 16.51 40.29 -9.66
C LEU A 377 15.59 39.27 -8.98
N ALA A 378 15.59 38.05 -9.44
CA ALA A 378 14.87 36.97 -8.79
C ALA A 378 15.90 35.93 -8.43
N THR A 379 15.84 35.45 -7.21
CA THR A 379 16.79 34.47 -6.76
C THR A 379 16.23 33.59 -5.65
N LEU A 380 16.70 32.36 -5.58
CA LEU A 380 16.29 31.45 -4.54
C LEU A 380 17.26 30.37 -4.26
N CYS A 381 17.21 29.90 -3.01
CA CYS A 381 18.06 28.77 -2.59
C CYS A 381 17.44 27.43 -3.01
N ILE A 382 18.28 26.40 -3.04
CA ILE A 382 17.98 25.11 -3.62
C ILE A 382 18.53 24.02 -2.71
N GLY A 383 17.67 23.14 -2.28
CA GLY A 383 18.11 21.97 -1.54
C GLY A 383 19.22 21.22 -2.25
N GLY A 384 20.16 20.70 -1.49
CA GLY A 384 21.33 20.02 -2.04
C GLY A 384 22.49 21.00 -2.18
N GLY A 385 22.26 22.27 -1.85
CA GLY A 385 23.33 23.24 -1.81
C GLY A 385 23.54 24.01 -3.11
N GLN A 386 22.45 24.57 -3.63
CA GLN A 386 22.52 25.44 -4.86
C GLN A 386 21.69 26.67 -4.74
N GLY A 387 21.85 27.58 -5.71
CA GLY A 387 21.08 28.74 -5.81
C GLY A 387 20.93 29.03 -7.30
N ILE A 388 19.96 29.84 -7.63
CA ILE A 388 19.77 30.32 -8.99
C ILE A 388 19.32 31.74 -8.95
N ALA A 389 19.72 32.53 -9.96
CA ALA A 389 19.36 33.90 -10.02
C ALA A 389 19.14 34.33 -11.45
N MET A 390 18.28 35.30 -11.63
CA MET A 390 18.02 35.86 -12.95
C MET A 390 17.83 37.36 -12.81
N VAL A 391 18.35 38.11 -13.77
CA VAL A 391 18.16 39.55 -13.85
C VAL A 391 17.36 39.91 -15.10
N ILE A 392 16.35 40.76 -14.93
CA ILE A 392 15.50 41.14 -16.01
C ILE A 392 15.47 42.68 -16.08
N GLU A 393 15.17 43.16 -17.24
CA GLU A 393 15.14 44.59 -17.52
C GLU A 393 13.86 44.95 -18.21
N ARG A 394 13.08 45.82 -17.58
CA ARG A 394 11.79 46.21 -18.15
CA ARG A 394 11.79 46.21 -18.15
C ARG A 394 11.88 47.02 -19.40
N LEU A 395 10.90 46.72 -20.27
CA LEU A 395 10.71 47.37 -21.55
C LEU A 395 9.31 48.01 -21.57
N ALA B 1 27.49 39.23 -28.86
CA ALA B 1 28.37 38.08 -28.51
C ALA B 1 28.25 37.03 -29.62
N SER B 2 29.31 36.30 -29.88
CA SER B 2 29.32 35.28 -30.91
C SER B 2 29.12 33.86 -30.28
N MET B 3 28.44 32.95 -30.98
CA MET B 3 28.28 31.55 -30.55
C MET B 3 29.61 30.82 -30.61
N LYS B 4 29.80 29.86 -29.72
CA LYS B 4 31.03 29.12 -29.64
C LYS B 4 30.80 27.68 -30.13
N ASN B 5 31.89 27.00 -30.46
CA ASN B 5 31.85 25.59 -30.79
C ASN B 5 31.99 24.76 -29.57
N CYS B 6 31.33 23.60 -29.60
CA CYS B 6 31.36 22.63 -28.47
C CYS B 6 32.01 21.32 -28.93
N VAL B 7 32.91 20.73 -28.16
CA VAL B 7 33.52 19.44 -28.52
C VAL B 7 33.37 18.44 -27.39
N ILE B 8 33.29 17.18 -27.76
CA ILE B 8 33.39 16.05 -26.83
C ILE B 8 34.85 15.72 -26.59
N VAL B 9 35.21 15.62 -25.31
CA VAL B 9 36.55 15.35 -24.91
C VAL B 9 36.72 13.98 -24.30
N SER B 10 35.64 13.39 -23.83
CA SER B 10 35.64 12.00 -23.38
C SER B 10 34.22 11.46 -23.42
N ALA B 11 34.12 10.14 -23.45
CA ALA B 11 32.85 9.46 -23.52
C ALA B 11 32.96 8.08 -22.93
N VAL B 12 32.12 7.81 -21.97
CA VAL B 12 32.19 6.56 -21.26
C VAL B 12 30.83 6.05 -20.82
N ARG B 13 30.71 4.74 -20.61
CA ARG B 13 29.45 4.14 -20.09
C ARG B 13 29.74 2.91 -19.23
N THR B 14 28.79 2.55 -18.37
CA THR B 14 28.92 1.27 -17.73
C THR B 14 28.53 0.22 -18.73
N ALA B 15 28.89 -1.02 -18.45
CA ALA B 15 28.16 -2.12 -19.01
C ALA B 15 26.72 -2.03 -18.56
N ILE B 16 25.82 -2.61 -19.36
CA ILE B 16 24.38 -2.52 -19.09
C ILE B 16 23.91 -3.79 -18.44
N GLY B 17 23.31 -3.62 -17.26
CA GLY B 17 22.87 -4.74 -16.47
C GLY B 17 21.46 -5.16 -16.84
N SER B 18 21.18 -6.46 -16.63
CA SER B 18 19.83 -6.97 -16.75
C SER B 18 18.99 -6.61 -15.51
N PHE B 19 17.68 -6.73 -15.66
CA PHE B 19 16.76 -6.55 -14.58
C PHE B 19 17.08 -7.57 -13.49
N ASN B 20 17.30 -7.10 -12.26
CA ASN B 20 17.72 -7.92 -11.18
C ASN B 20 19.09 -8.59 -11.40
N GLY B 21 19.90 -8.03 -12.28
CA GLY B 21 21.19 -8.55 -12.60
C GLY B 21 22.35 -7.84 -11.87
N SER B 22 23.47 -7.73 -12.56
CA SER B 22 24.75 -7.38 -11.93
C SER B 22 24.80 -5.98 -11.26
N LEU B 23 24.03 -5.03 -11.80
CA LEU B 23 23.96 -3.69 -11.28
C LEU B 23 22.74 -3.45 -10.43
N ALA B 24 21.95 -4.49 -10.17
CA ALA B 24 20.70 -4.30 -9.41
C ALA B 24 20.86 -3.85 -7.94
N SER B 25 22.07 -3.87 -7.38
CA SER B 25 22.27 -3.34 -6.04
C SER B 25 23.07 -2.05 -6.08
N THR B 26 23.36 -1.51 -7.26
CA THR B 26 24.12 -0.26 -7.42
C THR B 26 23.20 0.92 -7.86
N SER B 27 22.97 1.86 -6.96
CA SER B 27 21.98 2.91 -7.18
C SER B 27 22.27 3.69 -8.47
N ALA B 28 21.26 4.23 -9.08
CA ALA B 28 21.43 5.01 -10.27
C ALA B 28 22.43 6.12 -10.04
N ILE B 29 22.33 6.77 -8.87
CA ILE B 29 23.18 7.84 -8.54
C ILE B 29 24.62 7.39 -8.42
N ASP B 30 24.85 6.21 -7.84
CA ASP B 30 26.21 5.65 -7.81
C ASP B 30 26.70 5.29 -9.17
N LEU B 31 25.86 4.81 -10.02
CA LEU B 31 26.28 4.55 -11.46
C LEU B 31 26.61 5.86 -12.15
N GLY B 32 25.79 6.87 -11.91
CA GLY B 32 26.09 8.21 -12.40
C GLY B 32 27.39 8.76 -11.91
N ALA B 33 27.66 8.64 -10.60
CA ALA B 33 28.93 9.11 -10.02
C ALA B 33 30.13 8.39 -10.67
N THR B 34 29.96 7.14 -10.93
CA THR B 34 31.04 6.35 -11.61
C THR B 34 31.40 6.89 -12.98
N VAL B 35 30.38 7.14 -13.81
CA VAL B 35 30.64 7.58 -15.16
C VAL B 35 31.10 9.02 -15.18
N ILE B 36 30.62 9.83 -14.24
CA ILE B 36 31.09 11.22 -14.16
C ILE B 36 32.58 11.25 -13.88
N LYS B 37 33.00 10.51 -12.87
CA LYS B 37 34.36 10.46 -12.50
C LYS B 37 35.22 9.89 -13.62
N ALA B 38 34.77 8.83 -14.23
CA ALA B 38 35.54 8.24 -15.33
C ALA B 38 35.63 9.19 -16.54
N ALA B 39 34.57 9.91 -16.83
CA ALA B 39 34.58 10.78 -17.97
C ALA B 39 35.61 11.90 -17.69
N ILE B 40 35.62 12.40 -16.46
CA ILE B 40 36.56 13.42 -16.07
C ILE B 40 38.02 12.94 -16.19
N GLU B 41 38.26 11.76 -15.68
CA GLU B 41 39.57 11.15 -15.77
C GLU B 41 40.00 11.01 -17.22
N ARG B 42 39.12 10.46 -18.04
CA ARG B 42 39.50 10.15 -19.41
C ARG B 42 39.69 11.37 -20.24
N ALA B 43 39.02 12.45 -19.90
CA ALA B 43 39.22 13.70 -20.59
C ALA B 43 40.56 14.36 -20.26
N LYS B 44 41.13 14.01 -19.09
CA LYS B 44 42.34 14.65 -18.55
C LYS B 44 42.16 16.12 -18.27
N ILE B 45 40.92 16.52 -18.05
CA ILE B 45 40.61 17.85 -17.59
C ILE B 45 40.97 17.99 -16.09
N ASP B 46 41.29 19.21 -15.67
CA ASP B 46 41.34 19.55 -14.26
C ASP B 46 39.90 19.47 -13.72
N SER B 47 39.64 18.60 -12.76
CA SER B 47 38.26 18.47 -12.24
C SER B 47 37.72 19.71 -11.51
N GLN B 48 38.58 20.64 -11.16
CA GLN B 48 38.10 21.90 -10.60
C GLN B 48 37.61 22.83 -11.72
N HIS B 49 37.74 22.44 -13.00
CA HIS B 49 37.34 23.33 -14.07
C HIS B 49 35.94 22.92 -14.65
N VAL B 50 35.24 21.97 -14.03
CA VAL B 50 33.87 21.58 -14.42
C VAL B 50 32.83 22.62 -13.94
N ASP B 51 32.07 23.17 -14.88
CA ASP B 51 31.14 24.23 -14.59
C ASP B 51 29.75 23.70 -14.19
N GLU B 52 29.41 22.47 -14.63
CA GLU B 52 28.07 21.94 -14.35
C GLU B 52 28.04 20.47 -14.71
N VAL B 53 27.08 19.77 -14.10
CA VAL B 53 26.80 18.40 -14.40
C VAL B 53 25.28 18.29 -14.70
N ILE B 54 24.96 17.72 -15.85
CA ILE B 54 23.58 17.59 -16.30
C ILE B 54 23.30 16.09 -16.55
N MET B 55 22.40 15.49 -15.80
CA MET B 55 22.16 14.04 -15.96
C MET B 55 20.67 13.74 -16.15
N GLY B 56 20.38 12.88 -17.09
CA GLY B 56 19.08 12.30 -17.32
C GLY B 56 18.78 11.24 -16.29
N ASN B 57 17.51 11.16 -15.87
CA ASN B 57 17.08 10.15 -14.95
C ASN B 57 15.54 10.18 -14.96
N VAL B 58 14.92 9.06 -15.24
CA VAL B 58 13.48 9.02 -15.47
C VAL B 58 12.73 8.57 -14.25
N LEU B 59 13.26 7.52 -13.63
CA LEU B 59 12.59 6.98 -12.47
C LEU B 59 13.20 7.64 -11.21
N GLN B 60 12.77 8.88 -10.98
CA GLN B 60 13.38 9.66 -9.91
C GLN B 60 12.80 9.29 -8.53
N ALA B 61 11.63 8.61 -8.55
CA ALA B 61 10.88 8.40 -7.32
C ALA B 61 11.75 7.76 -6.20
N GLY B 62 11.76 8.42 -5.03
CA GLY B 62 12.44 7.95 -3.87
C GLY B 62 13.94 8.11 -3.92
N LEU B 63 14.49 8.71 -5.02
CA LEU B 63 15.94 8.83 -5.12
C LEU B 63 16.53 9.98 -4.32
N GLY B 64 15.67 10.85 -3.86
CA GLY B 64 16.12 11.99 -3.04
C GLY B 64 16.32 13.25 -3.91
N GLN B 65 16.45 14.36 -3.26
CA GLN B 65 16.62 15.67 -3.97
C GLN B 65 17.63 15.61 -5.14
N ASN B 66 17.16 15.98 -6.33
CA ASN B 66 17.99 16.27 -7.51
C ASN B 66 19.06 15.24 -7.72
N PRO B 67 18.69 14.08 -8.23
CA PRO B 67 19.68 12.99 -8.48
C PRO B 67 20.99 13.39 -9.17
N ALA B 68 20.97 14.29 -10.15
CA ALA B 68 22.20 14.72 -10.79
C ALA B 68 23.21 15.35 -9.81
N ARG B 69 22.72 16.18 -8.90
CA ARG B 69 23.54 16.84 -7.91
C ARG B 69 24.14 15.82 -6.92
N GLN B 70 23.36 14.83 -6.52
CA GLN B 70 23.92 13.79 -5.63
C GLN B 70 25.01 13.04 -6.37
N ALA B 71 24.80 12.76 -7.66
CA ALA B 71 25.77 12.04 -8.42
C ALA B 71 27.06 12.83 -8.57
N LEU B 72 26.95 14.13 -8.84
CA LEU B 72 28.15 14.92 -8.96
C LEU B 72 28.94 15.01 -7.67
N LEU B 73 28.23 15.18 -6.56
CA LEU B 73 28.91 15.17 -5.23
C LEU B 73 29.56 13.81 -4.95
N LYS B 74 28.87 12.71 -5.20
CA LYS B 74 29.45 11.37 -4.99
C LYS B 74 30.64 11.10 -5.90
N SER B 75 30.67 11.69 -7.08
CA SER B 75 31.83 11.58 -7.96
C SER B 75 33.10 12.29 -7.42
N GLY B 76 32.95 13.17 -6.40
CA GLY B 76 34.05 13.90 -5.79
C GLY B 76 34.21 15.33 -6.25
N LEU B 77 33.31 15.82 -7.09
CA LEU B 77 33.39 17.20 -7.51
C LEU B 77 33.05 18.13 -6.35
N ALA B 78 33.59 19.37 -6.42
CA ALA B 78 33.38 20.34 -5.33
C ALA B 78 31.92 20.82 -5.26
N GLU B 79 31.50 21.20 -4.06
CA GLU B 79 30.15 21.66 -3.81
C GLU B 79 29.74 22.90 -4.58
N THR B 80 30.72 23.62 -5.12
CA THR B 80 30.50 24.79 -5.94
C THR B 80 30.06 24.41 -7.34
N VAL B 81 30.20 23.13 -7.73
CA VAL B 81 29.82 22.67 -9.06
C VAL B 81 28.27 22.42 -9.06
N CYS B 82 27.57 23.12 -9.94
CA CYS B 82 26.13 22.99 -10.03
C CYS B 82 25.69 21.82 -10.84
N GLY B 83 24.47 21.36 -10.59
CA GLY B 83 23.89 20.35 -11.43
C GLY B 83 22.41 20.24 -11.35
N PHE B 84 21.83 19.61 -12.39
CA PHE B 84 20.36 19.36 -12.42
C PHE B 84 20.01 18.15 -13.21
N THR B 85 18.79 17.65 -12.95
CA THR B 85 18.33 16.39 -13.47
C THR B 85 17.26 16.63 -14.54
N VAL B 86 17.44 15.94 -15.66
CA VAL B 86 16.61 16.07 -16.81
C VAL B 86 15.71 14.84 -16.96
N ASN B 87 14.42 15.09 -17.19
CA ASN B 87 13.44 14.04 -17.60
C ASN B 87 12.73 14.41 -18.93
N MLY B 88 13.21 13.81 -20.04
CA MLY B 88 12.57 13.79 -21.34
CB MLY B 88 13.45 14.54 -22.34
CG MLY B 88 12.75 14.93 -23.68
CD MLY B 88 13.36 15.62 -24.93
CE MLY B 88 12.31 16.62 -25.78
NZ MLY B 88 12.56 18.13 -25.64
CH1 MLY B 88 13.80 18.51 -26.10
CH2 MLY B 88 11.80 19.32 -25.39
C MLY B 88 12.35 12.27 -21.63
O MLY B 88 12.72 11.82 -22.66
N VAL B 89 11.94 11.43 -20.62
CA VAL B 89 11.85 9.94 -20.67
C VAL B 89 13.09 9.29 -21.35
N CYS B 90 12.86 8.47 -22.37
CA CYS B 90 13.92 7.77 -23.08
C CYS B 90 14.95 8.74 -23.67
N GLY B 91 14.57 10.01 -23.91
CA GLY B 91 15.50 10.99 -24.51
C GLY B 91 16.40 11.68 -23.51
N SER B 92 16.20 11.43 -22.22
CA SER B 92 16.84 12.22 -21.17
C SER B 92 18.35 12.28 -21.23
N GLY B 93 19.00 11.16 -21.52
CA GLY B 93 20.46 11.12 -21.56
C GLY B 93 21.04 11.88 -22.74
N LEU B 94 20.33 11.88 -23.87
CA LEU B 94 20.80 12.65 -25.01
C LEU B 94 20.43 14.11 -24.85
N LYS B 95 19.25 14.36 -24.30
CA LYS B 95 18.86 15.71 -24.02
C LYS B 95 19.86 16.46 -23.11
N SER B 96 20.37 15.77 -22.09
CA SER B 96 21.39 16.34 -21.21
C SER B 96 22.64 16.81 -21.94
N VAL B 97 23.05 16.00 -22.92
CA VAL B 97 24.24 16.34 -23.67
C VAL B 97 23.91 17.55 -24.50
N ALA B 98 22.74 17.53 -25.13
CA ALA B 98 22.32 18.68 -25.98
C ALA B 98 22.27 19.96 -25.18
N LEU B 99 21.72 19.89 -23.96
CA LEU B 99 21.72 21.05 -23.08
C LEU B 99 23.13 21.53 -22.66
N ALA B 100 24.04 20.61 -22.46
CA ALA B 100 25.42 20.96 -22.16
C ALA B 100 26.03 21.68 -23.36
N ALA B 101 25.80 21.15 -24.56
CA ALA B 101 26.36 21.75 -25.73
C ALA B 101 25.82 23.11 -25.91
N GLN B 102 24.54 23.28 -25.71
CA GLN B 102 23.91 24.57 -25.86
C GLN B 102 24.44 25.63 -24.88
N ALA B 103 24.63 25.22 -23.63
CA ALA B 103 25.18 26.12 -22.65
C ALA B 103 26.58 26.60 -23.04
N ILE B 104 27.39 25.68 -23.58
CA ILE B 104 28.69 25.99 -24.04
C ILE B 104 28.61 26.90 -25.24
N GLN B 105 27.79 26.55 -26.20
CA GLN B 105 27.70 27.35 -27.41
C GLN B 105 27.27 28.75 -27.09
N ALA B 106 26.35 28.85 -26.13
CA ALA B 106 25.86 30.16 -25.63
C ALA B 106 26.80 30.96 -24.69
N GLY B 107 28.01 30.46 -24.45
CA GLY B 107 28.97 31.20 -23.64
C GLY B 107 28.62 31.16 -22.17
N GLN B 108 27.73 30.24 -21.72
CA GLN B 108 27.32 30.22 -20.33
C GLN B 108 28.15 29.27 -19.50
N ALA B 109 28.94 28.46 -20.15
CA ALA B 109 29.83 27.54 -19.48
C ALA B 109 30.98 27.20 -20.45
N GLN B 110 32.04 26.67 -19.91
CA GLN B 110 33.14 26.13 -20.72
C GLN B 110 33.36 24.63 -20.67
N SER B 111 32.99 24.00 -19.56
CA SER B 111 33.22 22.58 -19.37
C SER B 111 32.05 21.99 -18.57
N ILE B 112 31.38 20.99 -19.15
CA ILE B 112 30.24 20.31 -18.52
C ILE B 112 30.40 18.83 -18.65
N VAL B 113 29.99 18.10 -17.62
CA VAL B 113 29.79 16.67 -17.73
C VAL B 113 28.31 16.40 -17.89
N ALA B 114 27.95 15.64 -18.92
CA ALA B 114 26.56 15.34 -19.17
C ALA B 114 26.29 13.89 -19.56
N GLY B 115 25.10 13.40 -19.26
CA GLY B 115 24.77 12.07 -19.60
C GLY B 115 23.48 11.62 -19.04
N GLY B 116 23.44 10.38 -18.55
CA GLY B 116 22.23 9.89 -17.91
C GLY B 116 22.52 8.60 -17.17
N MET B 117 21.55 8.25 -16.33
CA MET B 117 21.74 7.16 -15.37
C MET B 117 20.30 6.60 -15.05
N GLU B 118 20.23 5.28 -14.90
CA GLU B 118 18.99 4.67 -14.55
C GLU B 118 19.22 3.36 -13.87
N ASN B 119 18.53 3.12 -12.78
CA ASN B 119 18.46 1.76 -12.26
C ASN B 119 17.02 1.37 -12.15
N MET B 120 16.57 0.59 -13.09
CA MET B 120 15.20 0.20 -13.19
C MET B 120 14.93 -0.94 -12.19
N SER B 121 15.94 -1.76 -11.94
CA SER B 121 15.79 -2.85 -10.89
C SER B 121 15.37 -2.23 -9.55
N LEU B 122 15.90 -1.05 -9.22
CA LEU B 122 15.69 -0.48 -7.89
C LEU B 122 14.53 0.47 -7.86
N ALA B 123 13.79 0.63 -8.98
CA ALA B 123 12.62 1.52 -8.95
C ALA B 123 11.61 1.00 -7.91
N PRO B 124 10.95 1.93 -7.18
CA PRO B 124 10.10 1.51 -6.04
C PRO B 124 8.70 1.21 -6.46
N TYR B 125 7.91 0.77 -5.49
CA TYR B 125 6.49 0.68 -5.61
C TYR B 125 5.86 1.84 -4.86
N LEU B 126 4.68 2.28 -5.31
CA LEU B 126 4.08 3.45 -4.90
C LEU B 126 2.59 3.39 -4.56
N LEU B 127 2.23 3.94 -3.41
CA LEU B 127 0.85 4.18 -3.11
C LEU B 127 0.52 5.60 -3.56
N ASP B 128 -0.64 5.80 -4.17
CA ASP B 128 -0.98 7.11 -4.76
C ASP B 128 -1.48 8.08 -3.68
N ALA B 129 -1.98 9.23 -4.10
CA ALA B 129 -2.32 10.30 -3.15
C ALA B 129 -3.30 9.85 -2.12
N LYS B 130 -4.09 8.83 -2.42
CA LYS B 130 -5.07 8.37 -1.38
C LYS B 130 -4.40 7.86 -0.12
N ALA B 131 -3.18 7.34 -0.20
CA ALA B 131 -2.47 6.96 1.00
C ALA B 131 -2.23 8.17 1.92
N ARG B 132 -2.06 9.34 1.31
CA ARG B 132 -1.81 10.56 2.07
C ARG B 132 -3.11 11.19 2.61
N SER B 133 -4.12 11.33 1.78
CA SER B 133 -5.36 11.99 2.20
C SER B 133 -6.46 11.01 2.52
N GLY B 134 -6.13 9.72 2.45
CA GLY B 134 -7.09 8.74 2.93
C GLY B 134 -7.84 7.95 1.85
N TYR B 135 -7.81 6.62 1.93
CA TYR B 135 -8.54 5.77 0.97
C TYR B 135 -10.07 5.87 1.18
N ARG B 136 -10.49 6.20 2.39
CA ARG B 136 -11.88 6.40 2.83
C ARG B 136 -12.77 5.19 2.80
N LEU B 137 -12.99 4.61 1.60
CA LEU B 137 -13.86 3.44 1.41
C LEU B 137 -13.64 2.88 0.05
N GLY B 138 -13.39 1.59 -0.03
CA GLY B 138 -13.07 0.98 -1.29
C GLY B 138 -11.59 0.86 -1.59
N ASP B 139 -11.30 0.03 -2.59
CA ASP B 139 -9.93 -0.37 -2.88
C ASP B 139 -9.12 0.71 -3.55
N GLY B 140 -7.81 0.51 -3.55
CA GLY B 140 -6.91 1.42 -4.26
C GLY B 140 -5.92 0.51 -4.98
N GLN B 141 -4.84 1.08 -5.46
CA GLN B 141 -3.80 0.34 -6.15
C GLN B 141 -2.39 0.68 -5.70
N VAL B 142 -1.47 -0.25 -5.93
CA VAL B 142 -0.08 -0.04 -5.62
C VAL B 142 0.64 -0.16 -6.96
N TYR B 143 1.46 0.84 -7.26
CA TYR B 143 1.93 1.03 -8.59
C TYR B 143 3.41 0.75 -8.68
N ASP B 144 3.79 -0.02 -9.69
CA ASP B 144 5.15 -0.22 -10.03
C ASP B 144 5.61 1.05 -10.75
N VAL B 145 6.61 1.70 -10.19
CA VAL B 145 7.10 2.94 -10.76
C VAL B 145 7.72 2.74 -12.16
N ILE B 146 8.32 1.59 -12.40
CA ILE B 146 8.84 1.30 -13.76
C ILE B 146 7.75 1.54 -14.77
N LEU B 147 6.60 0.96 -14.51
CA LEU B 147 5.44 1.13 -15.38
C LEU B 147 4.86 2.50 -15.34
N ARG B 148 4.59 3.01 -14.13
CA ARG B 148 3.88 4.27 -14.02
CA ARG B 148 3.88 4.29 -14.00
C ARG B 148 4.63 5.50 -14.60
N ASP B 149 5.92 5.59 -14.34
CA ASP B 149 6.69 6.77 -14.73
C ASP B 149 7.63 6.49 -15.93
N GLY B 150 7.80 5.23 -16.31
CA GLY B 150 8.75 4.84 -17.34
C GLY B 150 8.15 4.22 -18.61
N LEU B 151 7.36 3.19 -18.43
CA LEU B 151 6.99 2.30 -19.55
C LEU B 151 5.56 2.33 -19.97
N MET B 152 4.68 3.01 -19.22
CA MET B 152 3.29 3.19 -19.64
C MET B 152 3.04 4.61 -20.14
N CYS B 153 2.22 4.72 -21.17
CA CYS B 153 1.88 5.99 -21.81
C CYS B 153 0.97 6.74 -20.88
N ALA B 154 1.38 7.93 -20.51
CA ALA B 154 0.52 8.77 -19.62
C ALA B 154 -0.71 9.29 -20.33
N THR B 155 -0.64 9.44 -21.63
CA THR B 155 -1.80 9.88 -22.41
C THR B 155 -2.81 8.74 -22.60
N HIS B 156 -2.36 7.54 -23.04
CA HIS B 156 -3.29 6.46 -23.35
C HIS B 156 -3.43 5.37 -22.28
N GLY B 157 -2.54 5.32 -21.30
CA GLY B 157 -2.67 4.33 -20.26
C GLY B 157 -2.29 2.92 -20.66
N TYR B 158 -1.65 2.75 -21.81
CA TYR B 158 -1.19 1.43 -22.20
C TYR B 158 0.34 1.47 -22.38
N HIS B 159 0.93 0.30 -22.44
CA HIS B 159 2.38 0.15 -22.47
C HIS B 159 2.99 0.74 -23.74
N MET B 160 4.25 1.17 -23.64
CA MET B 160 5.05 1.51 -24.77
C MET B 160 4.99 0.41 -25.84
N GLY B 161 4.93 -0.83 -25.42
CA GLY B 161 4.77 -1.96 -26.35
C GLY B 161 3.50 -1.91 -27.22
N ILE B 162 2.43 -1.34 -26.70
CA ILE B 162 1.25 -1.11 -27.48
C ILE B 162 1.47 0.01 -28.53
N THR B 163 2.25 1.02 -28.20
CA THR B 163 2.58 2.04 -29.20
C THR B 163 3.37 1.36 -30.30
N ALA B 164 4.14 0.35 -29.95
CA ALA B 164 4.94 -0.37 -30.94
C ALA B 164 4.03 -1.14 -31.85
N GLU B 165 2.97 -1.76 -31.30
CA GLU B 165 1.95 -2.40 -32.09
C GLU B 165 1.28 -1.41 -33.01
N ASN B 166 0.91 -0.23 -32.49
CA ASN B 166 0.32 0.78 -33.36
C ASN B 166 1.22 1.07 -34.59
N VAL B 167 2.49 1.27 -34.30
CA VAL B 167 3.45 1.58 -35.35
C VAL B 167 3.52 0.41 -36.35
N ALA B 168 3.62 -0.81 -35.84
CA ALA B 168 3.74 -1.99 -36.72
C ALA B 168 2.58 -2.01 -37.72
N LYS B 169 1.38 -1.73 -37.20
CA LYS B 169 0.19 -1.73 -38.07
C LYS B 169 0.19 -0.55 -39.05
N GLU B 170 0.48 0.63 -38.56
CA GLU B 170 0.47 1.85 -39.36
C GLU B 170 1.48 1.79 -40.48
N TYR B 171 2.66 1.21 -40.23
CA TYR B 171 3.74 1.25 -41.23
C TYR B 171 4.02 -0.10 -41.87
N GLY B 172 3.15 -1.07 -41.60
CA GLY B 172 3.27 -2.39 -42.17
C GLY B 172 4.55 -3.13 -41.80
N ILE B 173 4.88 -3.16 -40.50
CA ILE B 173 6.06 -3.84 -40.01
C ILE B 173 5.64 -5.17 -39.41
N THR B 174 5.92 -6.24 -40.13
CA THR B 174 5.40 -7.55 -39.73
C THR B 174 6.20 -8.21 -38.61
N ARG B 175 5.63 -9.24 -38.02
CA ARG B 175 6.32 -10.04 -37.01
C ARG B 175 7.64 -10.58 -37.52
N GLU B 176 7.62 -11.06 -38.79
CA GLU B 176 8.82 -11.65 -39.34
C GLU B 176 9.90 -10.59 -39.52
N MET B 177 9.52 -9.42 -40.00
CA MET B 177 10.45 -8.32 -40.16
C MET B 177 11.06 -7.94 -38.78
N GLN B 178 10.21 -7.82 -37.78
CA GLN B 178 10.65 -7.57 -36.40
C GLN B 178 11.65 -8.60 -35.86
N ASP B 179 11.37 -9.88 -36.09
CA ASP B 179 12.27 -10.95 -35.60
C ASP B 179 13.58 -11.03 -36.35
N GLU B 180 13.55 -10.72 -37.66
CA GLU B 180 14.78 -10.67 -38.47
C GLU B 180 15.69 -9.60 -37.88
N LEU B 181 15.10 -8.46 -37.57
CA LEU B 181 15.85 -7.31 -37.07
C LEU B 181 16.46 -7.65 -35.69
N ALA B 182 15.65 -8.26 -34.83
CA ALA B 182 16.14 -8.71 -33.50
C ALA B 182 17.31 -9.67 -33.58
N LEU B 183 17.25 -10.60 -34.53
CA LEU B 183 18.33 -11.58 -34.64
C LEU B 183 19.59 -10.83 -35.10
N HIS B 184 19.43 -9.89 -36.04
CA HIS B 184 20.57 -9.13 -36.54
C HIS B 184 21.27 -8.38 -35.38
N SER B 185 20.46 -7.78 -34.54
CA SER B 185 20.98 -7.05 -33.39
C SER B 185 21.72 -7.98 -32.42
N GLN B 186 21.11 -9.10 -32.08
CA GLN B 186 21.82 -10.12 -31.28
C GLN B 186 23.15 -10.58 -31.87
N ARG B 187 23.19 -10.78 -33.20
CA ARG B 187 24.40 -11.23 -33.82
C ARG B 187 25.47 -10.19 -33.81
N LYS B 188 25.11 -8.94 -34.10
CA LYS B 188 26.09 -7.87 -34.10
C LYS B 188 26.61 -7.56 -32.72
N ALA B 189 25.74 -7.62 -31.75
CA ALA B 189 26.19 -7.40 -30.38
C ALA B 189 27.18 -8.50 -29.94
N ALA B 190 26.85 -9.75 -30.23
CA ALA B 190 27.72 -10.84 -29.85
C ALA B 190 29.11 -10.70 -30.48
N ALA B 191 29.14 -10.30 -31.75
CA ALA B 191 30.42 -10.14 -32.44
C ALA B 191 31.20 -8.97 -31.90
N ALA B 192 30.50 -7.91 -31.49
CA ALA B 192 31.16 -6.72 -30.91
C ALA B 192 31.77 -7.07 -29.56
N ILE B 193 31.03 -7.80 -28.75
CA ILE B 193 31.52 -8.21 -27.47
C ILE B 193 32.74 -9.09 -27.66
N GLU B 194 32.61 -10.09 -28.54
CA GLU B 194 33.67 -11.06 -28.76
C GLU B 194 34.94 -10.41 -29.31
N SER B 195 34.82 -9.38 -30.13
CA SER B 195 36.01 -8.73 -30.69
C SER B 195 36.62 -7.66 -29.80
N GLY B 196 35.98 -7.32 -28.70
CA GLY B 196 36.48 -6.24 -27.85
C GLY B 196 36.07 -4.84 -28.27
N ALA B 197 35.01 -4.72 -29.07
CA ALA B 197 34.66 -3.46 -29.62
C ALA B 197 34.10 -2.48 -28.55
N PHE B 198 33.64 -3.00 -27.42
CA PHE B 198 33.12 -2.14 -26.33
C PHE B 198 34.15 -1.88 -25.22
N THR B 199 35.33 -2.46 -25.34
CA THR B 199 36.34 -2.37 -24.27
C THR B 199 36.77 -0.96 -23.98
N ALA B 200 36.96 -0.17 -25.01
CA ALA B 200 37.43 1.19 -24.78
C ALA B 200 36.34 2.08 -24.08
N GLU B 201 35.07 1.80 -24.33
CA GLU B 201 33.99 2.70 -23.86
C GLU B 201 33.45 2.37 -22.53
N ILE B 202 33.67 1.15 -22.08
CA ILE B 202 33.11 0.68 -20.82
C ILE B 202 34.06 0.90 -19.62
N VAL B 203 33.52 1.55 -18.59
CA VAL B 203 34.15 1.66 -17.32
C VAL B 203 33.61 0.50 -16.41
N PRO B 204 34.51 -0.33 -15.90
CA PRO B 204 34.03 -1.44 -15.06
C PRO B 204 33.43 -0.92 -13.77
N VAL B 205 32.46 -1.65 -13.21
CA VAL B 205 31.86 -1.29 -11.94
C VAL B 205 32.18 -2.39 -10.92
N ASN B 206 32.75 -2.02 -9.78
CA ASN B 206 32.95 -2.97 -8.69
C ASN B 206 31.70 -3.20 -7.91
N VAL B 207 31.23 -4.44 -7.86
CA VAL B 207 29.97 -4.71 -7.17
C VAL B 207 30.29 -5.52 -5.87
N VAL B 208 29.79 -5.07 -4.73
CA VAL B 208 30.01 -5.76 -3.47
C VAL B 208 28.69 -6.06 -2.82
N THR B 209 28.38 -7.34 -2.62
CA THR B 209 27.21 -7.75 -1.80
C THR B 209 27.62 -8.93 -0.89
N ARG B 210 26.65 -9.52 -0.16
CA ARG B 210 26.71 -10.99 0.22
C ARG B 210 28.05 -11.41 0.75
N LYS B 212 28.89 -11.69 -2.45
CA LYS B 212 29.15 -11.29 -3.82
C LYS B 212 30.08 -10.09 -3.85
N THR B 213 31.30 -10.35 -4.37
CA THR B 213 32.17 -9.26 -4.85
C THR B 213 32.76 -9.58 -6.22
N PHE B 214 32.52 -8.70 -7.20
CA PHE B 214 32.93 -8.98 -8.56
C PHE B 214 32.95 -7.71 -9.37
N VAL B 215 33.55 -7.78 -10.56
CA VAL B 215 33.68 -6.63 -11.41
C VAL B 215 32.76 -6.82 -12.59
N PHE B 216 31.91 -5.85 -12.86
CA PHE B 216 31.00 -5.91 -13.99
C PHE B 216 31.55 -5.04 -15.11
N SER B 217 31.86 -5.69 -16.23
CA SER B 217 32.43 -5.00 -17.36
C SER B 217 31.91 -5.42 -18.71
N GLN B 218 30.96 -6.35 -18.76
CA GLN B 218 30.45 -6.86 -20.00
C GLN B 218 28.95 -6.85 -20.00
N ASP B 219 28.39 -6.23 -21.02
CA ASP B 219 26.96 -6.19 -21.23
C ASP B 219 26.32 -7.58 -21.11
N GLU B 220 25.30 -7.72 -20.26
CA GLU B 220 24.79 -9.04 -19.90
C GLU B 220 23.38 -9.31 -20.38
N PHE B 221 22.74 -8.33 -21.01
CA PHE B 221 21.43 -8.58 -21.61
C PHE B 221 21.40 -9.39 -22.94
N PRO B 222 22.48 -9.40 -23.73
CA PRO B 222 22.48 -10.20 -24.98
C PRO B 222 22.10 -11.65 -24.78
N LYS B 223 21.29 -12.19 -25.69
CA LYS B 223 20.79 -13.55 -25.56
C LYS B 223 21.59 -14.49 -26.48
N ALA B 224 22.48 -15.26 -25.85
CA ALA B 224 23.37 -16.19 -26.62
C ALA B 224 22.58 -17.13 -27.52
N ASN B 225 23.13 -17.45 -28.69
CA ASN B 225 22.48 -18.40 -29.60
C ASN B 225 21.00 -18.09 -29.91
N SER B 226 20.67 -16.80 -30.04
CA SER B 226 19.34 -16.45 -30.51
C SER B 226 19.12 -17.07 -31.91
N THR B 227 17.91 -17.48 -32.22
CA THR B 227 17.66 -18.05 -33.55
C THR B 227 16.35 -17.52 -34.04
N ALA B 228 16.18 -17.54 -35.36
CA ALA B 228 14.90 -17.17 -35.97
C ALA B 228 13.74 -18.04 -35.46
N GLU B 229 14.02 -19.34 -35.27
CA GLU B 229 13.02 -20.33 -34.82
C GLU B 229 12.60 -20.03 -33.37
N ALA B 230 13.56 -19.86 -32.46
CA ALA B 230 13.19 -19.52 -31.09
C ALA B 230 12.36 -18.21 -31.05
N LEU B 231 12.77 -17.21 -31.85
CA LEU B 231 12.10 -15.90 -31.81
C LEU B 231 10.71 -16.05 -32.34
N GLY B 232 10.56 -16.81 -33.43
CA GLY B 232 9.25 -16.95 -34.09
C GLY B 232 8.26 -17.66 -33.24
N ALA B 233 8.74 -18.38 -32.24
CA ALA B 233 7.82 -19.08 -31.42
C ALA B 233 7.34 -18.30 -30.21
N LEU B 234 8.03 -17.22 -29.86
CA LEU B 234 7.73 -16.47 -28.64
C LEU B 234 6.31 -16.02 -28.74
N ARG B 235 5.67 -15.91 -27.60
CA ARG B 235 4.31 -15.38 -27.49
C ARG B 235 4.42 -13.85 -27.48
N PRO B 236 3.45 -13.14 -28.07
CA PRO B 236 3.45 -11.69 -27.93
C PRO B 236 3.40 -11.26 -26.46
N ALA B 237 4.09 -10.16 -26.15
CA ALA B 237 4.23 -9.72 -24.76
C ALA B 237 3.13 -8.80 -24.34
N PHE B 238 2.51 -8.06 -25.26
CA PHE B 238 1.56 -7.02 -24.87
C PHE B 238 0.16 -7.15 -25.35
N ASP B 239 -0.03 -7.87 -26.45
CA ASP B 239 -1.34 -8.09 -27.02
C ASP B 239 -1.29 -9.48 -27.61
N LYS B 240 -2.24 -10.32 -27.18
CA LYS B 240 -2.28 -11.70 -27.61
C LYS B 240 -2.38 -11.89 -29.13
N ALA B 241 -2.95 -10.92 -29.82
CA ALA B 241 -3.00 -10.94 -31.28
C ALA B 241 -1.93 -10.09 -31.96
N GLY B 242 -0.90 -9.69 -31.26
CA GLY B 242 0.06 -8.71 -31.75
C GLY B 242 1.31 -9.36 -32.29
N THR B 243 2.30 -8.49 -32.51
CA THR B 243 3.57 -8.83 -33.09
C THR B 243 4.79 -8.63 -32.16
N VAL B 244 4.62 -7.85 -31.09
CA VAL B 244 5.76 -7.45 -30.25
C VAL B 244 5.95 -8.49 -29.12
N THR B 245 7.15 -8.98 -28.99
CA THR B 245 7.52 -9.95 -28.01
C THR B 245 8.75 -9.51 -27.18
N ALA B 246 9.11 -10.31 -26.19
CA ALA B 246 10.31 -10.07 -25.41
C ALA B 246 11.55 -10.23 -26.26
N GLY B 247 11.41 -10.94 -27.37
CA GLY B 247 12.56 -11.15 -28.22
C GLY B 247 12.76 -10.11 -29.30
N ASN B 248 11.76 -9.32 -29.58
CA ASN B 248 11.95 -8.22 -30.55
C ASN B 248 11.77 -6.82 -29.97
N ALA B 249 11.86 -6.73 -28.66
CA ALA B 249 11.81 -5.49 -27.88
C ALA B 249 13.02 -5.48 -26.95
N SER B 250 13.46 -4.30 -26.49
CA SER B 250 14.50 -4.22 -25.50
C SER B 250 13.92 -4.67 -24.13
N GLY B 251 14.76 -4.55 -23.11
CA GLY B 251 14.46 -4.97 -21.77
C GLY B 251 14.26 -3.85 -20.79
N ILE B 252 14.20 -4.28 -19.54
CA ILE B 252 14.29 -3.43 -18.39
C ILE B 252 15.68 -3.60 -17.91
N ASN B 253 16.40 -2.49 -17.74
CA ASN B 253 17.86 -2.54 -17.59
C ASN B 253 18.39 -1.43 -16.74
N ASP B 254 19.66 -1.59 -16.30
CA ASP B 254 20.32 -0.67 -15.42
C ASP B 254 21.59 -0.20 -16.06
N GLY B 255 21.93 1.06 -15.92
CA GLY B 255 23.25 1.58 -16.46
C GLY B 255 23.39 3.05 -16.46
N ALA B 256 24.55 3.56 -16.86
CA ALA B 256 24.77 4.98 -16.97
C ALA B 256 25.78 5.30 -18.02
N ALA B 257 25.82 6.58 -18.41
CA ALA B 257 26.80 7.02 -19.40
C ALA B 257 27.07 8.50 -19.23
N ALA B 258 28.29 8.96 -19.53
CA ALA B 258 28.60 10.40 -19.44
C ALA B 258 29.69 10.79 -20.38
N LEU B 259 29.68 12.06 -20.70
CA LEU B 259 30.67 12.68 -21.60
C LEU B 259 31.13 14.01 -21.01
N VAL B 260 32.41 14.35 -21.23
CA VAL B 260 32.91 15.68 -20.97
C VAL B 260 32.76 16.46 -22.26
N ILE B 261 32.03 17.58 -22.13
CA ILE B 261 31.77 18.51 -23.25
C ILE B 261 32.49 19.81 -22.91
N MET B 262 33.16 20.46 -23.88
CA MET B 262 33.92 21.68 -23.59
C MET B 262 33.87 22.68 -24.74
N GLU B 263 34.03 23.96 -24.42
CA GLU B 263 34.21 24.94 -25.46
C GLU B 263 35.56 24.61 -26.19
N GLU B 264 35.53 24.67 -27.51
CA GLU B 264 36.61 24.14 -28.31
C GLU B 264 37.96 24.87 -28.07
N SER B 265 37.95 26.21 -28.06
CA SER B 265 39.21 26.91 -27.86
C SER B 265 39.76 26.59 -26.50
N ALA B 266 38.86 26.47 -25.50
CA ALA B 266 39.30 26.22 -24.14
C ALA B 266 39.90 24.81 -23.98
N ALA B 267 39.34 23.82 -24.62
CA ALA B 267 39.92 22.48 -24.64
C ALA B 267 41.33 22.50 -25.25
N LEU B 268 41.46 23.14 -26.41
CA LEU B 268 42.76 23.22 -27.11
C LEU B 268 43.80 23.99 -26.29
N ALA B 269 43.37 25.10 -25.67
CA ALA B 269 44.27 25.90 -24.88
C ALA B 269 44.77 25.11 -23.70
N ALA B 270 43.93 24.24 -23.15
CA ALA B 270 44.32 23.36 -22.04
C ALA B 270 45.15 22.16 -22.47
N GLY B 271 45.49 22.03 -23.74
CA GLY B 271 46.26 20.89 -24.18
C GLY B 271 45.49 19.58 -24.22
N LEU B 272 44.17 19.65 -24.25
CA LEU B 272 43.34 18.44 -24.34
C LEU B 272 43.10 18.11 -25.80
N THR B 273 42.56 16.93 -26.04
CA THR B 273 42.32 16.45 -27.42
C THR B 273 40.82 16.31 -27.72
N PRO B 274 40.23 17.24 -28.49
CA PRO B 274 38.86 17.06 -28.87
C PRO B 274 38.68 15.77 -29.63
N LEU B 275 37.68 14.99 -29.25
CA LEU B 275 37.34 13.78 -29.97
C LEU B 275 36.33 13.99 -31.10
N ALA B 276 35.40 14.94 -30.93
CA ALA B 276 34.41 15.25 -31.93
C ALA B 276 33.81 16.60 -31.62
N ARG B 277 33.31 17.29 -32.64
CA ARG B 277 32.55 18.49 -32.46
C ARG B 277 31.04 18.10 -32.51
N ILE B 278 30.21 18.71 -31.66
CA ILE B 278 28.79 18.50 -31.73
C ILE B 278 28.35 19.47 -32.81
N LYS B 279 27.81 18.94 -33.90
CA LYS B 279 27.45 19.74 -35.08
C LYS B 279 26.01 20.26 -35.02
N SER B 280 25.07 19.45 -34.54
CA SER B 280 23.71 19.89 -34.38
C SER B 280 22.94 18.92 -33.48
N TYR B 281 21.78 19.39 -33.04
CA TYR B 281 20.87 18.58 -32.25
C TYR B 281 19.46 19.14 -32.41
N ALA B 282 18.46 18.28 -32.21
CA ALA B 282 17.08 18.68 -32.32
C ALA B 282 16.16 17.67 -31.69
N SER B 283 15.02 18.17 -31.28
CA SER B 283 13.88 17.36 -30.81
C SER B 283 12.67 17.48 -31.72
N GLY B 284 11.81 16.44 -31.70
CA GLY B 284 10.64 16.40 -32.49
C GLY B 284 9.49 15.77 -31.73
N GLY B 285 8.29 16.15 -32.09
CA GLY B 285 7.07 15.69 -31.45
C GLY B 285 6.21 14.97 -32.42
N VAL B 286 5.60 13.90 -31.94
CA VAL B 286 4.66 13.06 -32.75
C VAL B 286 3.50 12.67 -31.85
N PRO B 287 2.47 12.02 -32.39
CA PRO B 287 1.42 11.52 -31.48
C PRO B 287 1.91 10.52 -30.42
N PRO B 288 1.43 10.63 -29.17
CA PRO B 288 1.88 9.66 -28.18
C PRO B 288 1.64 8.21 -28.60
N ALA B 289 0.54 7.97 -29.33
CA ALA B 289 0.20 6.60 -29.76
C ALA B 289 1.25 6.04 -30.73
N LEU B 290 1.95 6.93 -31.38
CA LEU B 290 3.01 6.57 -32.33
C LEU B 290 4.39 7.04 -31.92
N MET B 291 4.74 6.94 -30.63
CA MET B 291 5.85 7.65 -30.06
C MET B 291 7.17 7.10 -30.69
N GLY B 292 7.13 5.82 -31.07
CA GLY B 292 8.28 5.24 -31.68
C GLY B 292 8.77 5.94 -32.95
N MET B 293 7.96 6.81 -33.50
CA MET B 293 8.32 7.59 -34.75
C MET B 293 9.04 8.88 -34.49
N GLY B 294 9.22 9.21 -33.20
CA GLY B 294 9.85 10.45 -32.81
C GLY B 294 11.17 10.78 -33.48
N PRO B 295 12.01 9.75 -33.75
CA PRO B 295 13.26 10.07 -34.37
C PRO B 295 13.14 10.73 -35.74
N VAL B 296 12.03 10.48 -36.40
CA VAL B 296 11.90 10.99 -37.80
C VAL B 296 11.99 12.52 -37.84
N PRO B 297 11.03 13.24 -37.26
CA PRO B 297 11.22 14.68 -37.27
C PRO B 297 12.51 15.18 -36.58
N ALA B 298 12.97 14.52 -35.53
CA ALA B 298 14.12 14.99 -34.80
C ALA B 298 15.31 14.90 -35.74
N THR B 299 15.44 13.78 -36.40
CA THR B 299 16.57 13.58 -37.34
C THR B 299 16.49 14.58 -38.52
N GLN B 300 15.33 14.73 -39.10
CA GLN B 300 15.14 15.71 -40.18
C GLN B 300 15.63 17.07 -39.80
N LYS B 301 15.21 17.55 -38.63
CA LYS B 301 15.60 18.82 -38.11
C LYS B 301 17.08 18.91 -37.79
N ALA B 302 17.63 17.86 -37.16
CA ALA B 302 19.05 17.83 -36.86
C ALA B 302 19.89 17.91 -38.12
N LEU B 303 19.51 17.15 -39.13
CA LEU B 303 20.29 17.14 -40.37
C LEU B 303 20.21 18.50 -41.02
N GLN B 304 19.04 19.08 -40.96
CA GLN B 304 18.86 20.39 -41.63
C GLN B 304 19.72 21.45 -40.93
N LEU B 305 19.74 21.41 -39.60
CA LEU B 305 20.57 22.31 -38.80
C LEU B 305 22.05 22.12 -39.06
N ALA B 306 22.47 20.90 -39.40
CA ALA B 306 23.86 20.59 -39.67
C ALA B 306 24.22 20.93 -41.13
N GLY B 307 23.26 21.25 -41.96
CA GLY B 307 23.50 21.45 -43.41
C GLY B 307 23.85 20.17 -44.13
N LEU B 308 23.30 19.05 -43.65
CA LEU B 308 23.59 17.75 -44.20
C LEU B 308 22.37 17.02 -44.75
N GLN B 309 22.63 16.06 -45.62
CA GLN B 309 21.66 15.07 -46.01
C GLN B 309 22.00 13.82 -45.19
N LEU B 310 21.02 12.95 -45.08
CA LEU B 310 21.19 11.69 -44.37
C LEU B 310 22.36 10.87 -44.95
N ALA B 311 22.46 10.80 -46.25
CA ALA B 311 23.54 10.04 -46.86
C ALA B 311 24.95 10.53 -46.43
N ASP B 312 25.09 11.76 -45.95
CA ASP B 312 26.41 12.28 -45.55
C ASP B 312 26.90 11.61 -44.26
N ILE B 313 25.98 11.09 -43.49
CA ILE B 313 26.29 10.44 -42.24
C ILE B 313 26.95 9.08 -42.47
N ASP B 314 28.08 8.83 -41.81
CA ASP B 314 28.80 7.57 -41.94
C ASP B 314 28.31 6.45 -41.06
N LEU B 315 27.90 6.81 -39.82
CA LEU B 315 27.42 5.83 -38.85
C LEU B 315 26.25 6.40 -38.06
N ILE B 316 25.31 5.51 -37.74
CA ILE B 316 24.10 5.88 -37.06
C ILE B 316 23.87 4.96 -35.85
N GLU B 317 23.49 5.56 -34.72
CA GLU B 317 22.94 4.80 -33.66
C GLU B 317 21.48 5.25 -33.49
N ALA B 318 20.55 4.34 -33.75
CA ALA B 318 19.12 4.58 -33.64
C ALA B 318 18.56 3.56 -32.67
N ASN B 319 18.08 4.03 -31.53
CA ASN B 319 17.83 3.11 -30.45
C ASN B 319 16.75 2.09 -30.83
N GLU B 320 16.87 0.87 -30.30
CA GLU B 320 15.93 -0.21 -30.59
C GLU B 320 15.05 -0.51 -29.43
N ALA B 321 14.23 0.42 -29.02
CA ALA B 321 13.32 0.10 -27.96
C ALA B 321 12.42 -1.04 -28.37
N PHE B 322 11.94 -0.98 -29.61
CA PHE B 322 11.15 -2.04 -30.23
C PHE B 322 11.54 -2.15 -31.70
N ALA B 323 11.76 -3.39 -32.14
CA ALA B 323 12.04 -3.59 -33.54
C ALA B 323 10.99 -2.90 -34.45
N ALA B 324 9.71 -2.96 -34.05
CA ALA B 324 8.67 -2.39 -34.85
C ALA B 324 8.99 -0.94 -35.18
N GLN B 325 9.36 -0.18 -34.17
CA GLN B 325 9.58 1.27 -34.36
C GLN B 325 10.94 1.53 -34.95
N PHE B 326 11.94 0.76 -34.58
CA PHE B 326 13.23 0.86 -35.23
C PHE B 326 13.04 0.79 -36.76
N LEU B 327 12.24 -0.20 -37.21
CA LEU B 327 12.12 -0.49 -38.65
C LEU B 327 11.28 0.59 -39.34
N ALA B 328 10.19 1.00 -38.70
CA ALA B 328 9.35 2.03 -39.27
C ALA B 328 10.14 3.32 -39.39
N VAL B 329 10.97 3.64 -38.38
CA VAL B 329 11.80 4.81 -38.42
C VAL B 329 12.78 4.75 -39.57
N GLY B 330 13.40 3.58 -39.71
CA GLY B 330 14.35 3.38 -40.81
C GLY B 330 13.68 3.62 -42.17
N LYS B 331 12.54 3.05 -42.35
CA LYS B 331 11.80 3.14 -43.64
C LYS B 331 11.43 4.62 -43.93
N ASN B 332 10.95 5.35 -42.93
CA ASN B 332 10.62 6.75 -43.06
C ASN B 332 11.80 7.67 -43.23
N LEU B 333 12.95 7.31 -42.69
CA LEU B 333 14.10 8.14 -42.95
C LEU B 333 14.92 7.67 -44.16
N GLY B 334 14.81 6.40 -44.51
CA GLY B 334 15.68 5.82 -45.57
C GLY B 334 17.08 5.43 -45.12
N PHE B 335 17.19 4.90 -43.89
CA PHE B 335 18.49 4.51 -43.32
C PHE B 335 19.15 3.48 -44.20
N ASP B 336 20.44 3.60 -44.45
CA ASP B 336 21.26 2.48 -44.97
C ASP B 336 21.50 1.49 -43.81
N SER B 337 20.87 0.31 -43.86
CA SER B 337 20.90 -0.63 -42.72
C SER B 337 22.30 -1.05 -42.29
N GLU B 338 23.25 -1.04 -43.22
CA GLU B 338 24.62 -1.39 -42.90
C GLU B 338 25.37 -0.36 -42.03
N LYS B 339 24.88 0.88 -41.98
CA LYS B 339 25.51 1.95 -41.19
C LYS B 339 24.93 2.10 -39.83
N VAL B 340 23.88 1.33 -39.53
CA VAL B 340 23.15 1.53 -38.29
C VAL B 340 23.54 0.45 -37.26
N ASN B 341 23.67 0.89 -36.00
CA ASN B 341 23.87 0.04 -34.85
C ASN B 341 24.91 -1.06 -35.20
N VAL B 342 26.11 -0.66 -35.62
CA VAL B 342 27.07 -1.59 -36.19
C VAL B 342 27.61 -2.55 -35.16
N ASN B 343 27.51 -2.18 -33.89
CA ASN B 343 27.88 -3.08 -32.79
C ASN B 343 26.67 -3.69 -32.08
N GLY B 344 25.50 -3.66 -32.73
CA GLY B 344 24.30 -4.16 -32.13
C GLY B 344 23.56 -3.00 -31.44
N GLY B 345 22.32 -3.27 -31.08
CA GLY B 345 21.50 -2.27 -30.40
C GLY B 345 20.76 -2.76 -29.19
N ALA B 346 19.80 -1.93 -28.71
CA ALA B 346 19.16 -2.18 -27.45
C ALA B 346 18.42 -3.49 -27.37
N ILE B 347 17.98 -4.09 -28.47
CA ILE B 347 17.27 -5.37 -28.36
C ILE B 347 18.21 -6.41 -27.69
N ALA B 348 19.49 -6.33 -28.05
CA ALA B 348 20.54 -7.14 -27.48
C ALA B 348 21.11 -6.51 -26.21
N LEU B 349 21.36 -5.18 -26.25
CA LEU B 349 22.14 -4.56 -25.23
C LEU B 349 21.36 -4.05 -24.02
N GLY B 350 20.11 -3.72 -24.18
CA GLY B 350 19.30 -3.23 -23.05
C GLY B 350 18.98 -1.78 -23.17
N HIS B 351 18.03 -1.33 -22.35
CA HIS B 351 17.49 0.00 -22.43
C HIS B 351 17.21 0.64 -21.04
N PRO B 352 18.28 1.08 -20.40
CA PRO B 352 18.19 1.79 -19.08
C PRO B 352 17.74 3.22 -19.39
N ILE B 353 16.48 3.45 -19.23
CA ILE B 353 15.84 4.50 -19.95
C ILE B 353 16.52 5.89 -19.90
N GLY B 354 16.84 6.40 -18.72
CA GLY B 354 17.39 7.74 -18.62
C GLY B 354 18.82 7.84 -19.07
N ALA B 355 19.51 6.71 -19.21
CA ALA B 355 20.88 6.65 -19.70
C ALA B 355 21.00 6.40 -21.18
N SER B 356 19.99 5.77 -21.81
CA SER B 356 20.17 5.19 -23.15
C SER B 356 20.54 6.23 -24.16
N GLY B 357 20.02 7.42 -24.01
CA GLY B 357 20.36 8.52 -24.99
C GLY B 357 21.81 8.95 -24.99
N ALA B 358 22.44 8.90 -23.81
CA ALA B 358 23.84 9.15 -23.70
C ALA B 358 24.63 7.89 -24.10
N ARG B 359 24.09 6.73 -23.73
CA ARG B 359 24.72 5.45 -24.01
C ARG B 359 24.94 5.27 -25.50
N ILE B 360 23.95 5.63 -26.30
CA ILE B 360 24.09 5.42 -27.75
C ILE B 360 25.12 6.38 -28.30
N LEU B 361 25.21 7.57 -27.72
CA LEU B 361 26.19 8.56 -28.17
C LEU B 361 27.61 8.12 -27.91
N VAL B 362 27.85 7.59 -26.73
CA VAL B 362 29.13 7.00 -26.37
C VAL B 362 29.51 5.84 -27.35
N THR B 363 28.57 4.94 -27.60
CA THR B 363 28.77 3.85 -28.53
C THR B 363 29.03 4.33 -29.95
N LEU B 364 28.26 5.32 -30.38
CA LEU B 364 28.48 5.92 -31.69
C LEU B 364 29.91 6.43 -31.82
N LEU B 365 30.36 7.22 -30.86
CA LEU B 365 31.65 7.89 -31.04
C LEU B 365 32.75 6.83 -31.14
N HIS B 366 32.71 5.85 -30.25
CA HIS B 366 33.75 4.84 -30.25
C HIS B 366 33.71 4.04 -31.54
N ALA B 367 32.55 3.73 -32.05
CA ALA B 367 32.44 3.02 -33.32
C ALA B 367 32.99 3.84 -34.47
N MET B 368 32.77 5.15 -34.44
CA MET B 368 33.34 6.06 -35.48
C MET B 368 34.88 6.07 -35.42
N GLN B 369 35.41 6.07 -34.20
CA GLN B 369 36.88 6.00 -34.01
C GLN B 369 37.45 4.68 -34.52
N ALA B 370 36.80 3.58 -34.19
CA ALA B 370 37.23 2.29 -34.63
C ALA B 370 37.22 2.13 -36.14
N ARG B 371 36.24 2.76 -36.81
CA ARG B 371 36.10 2.65 -38.23
C ARG B 371 36.63 3.86 -38.99
N ASP B 372 37.28 4.77 -38.29
CA ASP B 372 37.75 6.04 -38.86
C ASP B 372 36.69 6.71 -39.73
N LYS B 373 35.54 6.95 -39.14
CA LYS B 373 34.48 7.67 -39.82
C LYS B 373 34.36 9.12 -39.34
N THR B 374 33.79 9.96 -40.19
CA THR B 374 33.72 11.38 -39.96
C THR B 374 32.40 11.89 -39.35
N LEU B 375 31.25 11.41 -39.79
CA LEU B 375 29.96 11.99 -39.35
C LEU B 375 29.10 10.94 -38.77
N GLY B 376 28.46 11.26 -37.65
CA GLY B 376 27.63 10.29 -36.94
C GLY B 376 26.33 10.90 -36.45
N LEU B 377 25.31 10.07 -36.36
CA LEU B 377 23.95 10.50 -35.91
C LEU B 377 23.53 9.58 -34.82
N ALA B 378 23.05 10.15 -33.72
CA ALA B 378 22.46 9.41 -32.65
C ALA B 378 21.04 9.90 -32.48
N THR B 379 20.08 8.95 -32.45
CA THR B 379 18.68 9.32 -32.30
C THR B 379 17.88 8.27 -31.58
N LEU B 380 16.84 8.71 -30.88
CA LEU B 380 15.95 7.80 -30.24
C LEU B 380 14.56 8.32 -30.02
N CYS B 381 13.61 7.39 -29.92
CA CYS B 381 12.23 7.72 -29.64
C CYS B 381 12.06 7.91 -28.16
N ILE B 382 10.97 8.61 -27.82
CA ILE B 382 10.69 9.04 -26.46
C ILE B 382 9.17 8.87 -26.10
N GLY B 383 8.92 8.11 -25.05
CA GLY B 383 7.58 7.94 -24.56
C GLY B 383 6.90 9.27 -24.37
N GLY B 384 5.63 9.33 -24.72
CA GLY B 384 4.84 10.55 -24.70
C GLY B 384 4.79 11.19 -26.06
N GLY B 385 5.53 10.64 -27.03
CA GLY B 385 5.45 11.11 -28.38
C GLY B 385 6.52 12.18 -28.73
N GLN B 386 7.78 11.81 -28.54
CA GLN B 386 8.91 12.71 -28.91
C GLN B 386 10.07 11.91 -29.49
N GLY B 387 11.03 12.64 -30.02
CA GLY B 387 12.28 12.07 -30.43
C GLY B 387 13.37 13.12 -30.24
N ILE B 388 14.60 12.68 -30.26
CA ILE B 388 15.75 13.58 -30.14
C ILE B 388 16.83 13.00 -31.04
N ALA B 389 17.66 13.88 -31.61
CA ALA B 389 18.70 13.47 -32.49
C ALA B 389 19.91 14.46 -32.33
N MET B 390 21.10 13.93 -32.56
CA MET B 390 22.33 14.71 -32.49
C MET B 390 23.29 14.23 -33.59
N VAL B 391 23.95 15.18 -34.23
CA VAL B 391 24.93 14.88 -35.19
C VAL B 391 26.30 15.35 -34.66
N ILE B 392 27.31 14.48 -34.81
CA ILE B 392 28.66 14.76 -34.38
C ILE B 392 29.66 14.49 -35.50
N GLU B 393 30.77 15.19 -35.40
CA GLU B 393 31.78 15.16 -36.43
C GLU B 393 33.11 14.86 -35.75
N ARG B 394 33.71 13.76 -36.15
CA ARG B 394 34.99 13.37 -35.60
C ARG B 394 36.11 14.28 -35.99
N LEU B 395 36.97 14.49 -34.99
CA LEU B 395 38.18 15.35 -35.12
C LEU B 395 39.49 14.53 -34.98
N ALA C 1 -26.76 -37.78 31.95
CA ALA C 1 -26.84 -36.37 32.49
C ALA C 1 -27.93 -35.63 31.74
N SER C 2 -28.64 -34.75 32.42
CA SER C 2 -29.80 -34.09 31.84
C SER C 2 -29.35 -32.70 31.30
N MET C 3 -29.99 -32.20 30.26
CA MET C 3 -29.75 -30.84 29.73
C MET C 3 -30.20 -29.84 30.82
N LYS C 4 -29.60 -28.65 30.82
CA LYS C 4 -29.96 -27.61 31.77
C LYS C 4 -30.63 -26.46 31.02
N ASN C 5 -31.36 -25.62 31.76
CA ASN C 5 -31.94 -24.41 31.21
C ASN C 5 -30.96 -23.26 31.29
N CYS C 6 -31.03 -22.38 30.31
CA CYS C 6 -30.19 -21.25 30.22
C CYS C 6 -31.08 -19.99 30.30
N VAL C 7 -30.69 -19.01 31.11
CA VAL C 7 -31.36 -17.74 31.15
C VAL C 7 -30.44 -16.55 30.85
N ILE C 8 -31.06 -15.50 30.35
CA ILE C 8 -30.42 -14.17 30.22
C ILE C 8 -30.60 -13.46 31.53
N VAL C 9 -29.50 -12.91 32.04
CA VAL C 9 -29.50 -12.18 33.30
C VAL C 9 -29.20 -10.70 33.14
N SER C 10 -28.62 -10.31 32.01
CA SER C 10 -28.48 -8.90 31.66
C SER C 10 -28.27 -8.79 30.16
N ALA C 11 -28.51 -7.60 29.66
CA ALA C 11 -28.41 -7.35 28.26
C ALA C 11 -28.14 -5.87 28.04
N VAL C 12 -27.05 -5.58 27.36
CA VAL C 12 -26.66 -4.20 27.13
C VAL C 12 -25.98 -4.00 25.78
N ARG C 13 -26.02 -2.76 25.31
CA ARG C 13 -25.32 -2.42 24.06
C ARG C 13 -24.78 -1.01 24.12
N THR C 14 -23.81 -0.69 23.29
CA THR C 14 -23.49 0.71 23.05
C THR C 14 -24.55 1.31 22.13
N ALA C 15 -24.66 2.63 22.16
CA ALA C 15 -25.26 3.31 21.04
C ALA C 15 -24.45 2.95 19.79
N ILE C 16 -25.09 3.05 18.62
CA ILE C 16 -24.44 2.60 17.36
C ILE C 16 -23.93 3.86 16.69
N GLY C 17 -22.62 3.86 16.43
CA GLY C 17 -22.02 4.98 15.76
C GLY C 17 -22.11 4.89 14.24
N SER C 18 -22.05 6.05 13.60
CA SER C 18 -21.93 6.14 12.16
C SER C 18 -20.48 5.98 11.74
N PHE C 19 -20.33 5.65 10.49
CA PHE C 19 -19.04 5.50 9.88
C PHE C 19 -18.31 6.84 10.03
N ASN C 20 -17.12 6.80 10.62
CA ASN C 20 -16.32 7.98 10.90
C ASN C 20 -16.97 8.90 11.95
N GLY C 21 -17.89 8.34 12.70
CA GLY C 21 -18.67 9.11 13.65
C GLY C 21 -18.15 8.97 15.07
N SER C 22 -19.06 9.03 16.02
CA SER C 22 -18.69 9.20 17.44
C SER C 22 -17.80 8.10 18.03
N LEU C 23 -17.90 6.87 17.51
CA LEU C 23 -17.13 5.71 18.03
C LEU C 23 -15.96 5.41 17.13
N ALA C 24 -15.72 6.27 16.12
CA ALA C 24 -14.65 5.94 15.17
C ALA C 24 -13.24 5.96 15.71
N SER C 25 -13.05 6.42 16.95
CA SER C 25 -11.69 6.34 17.52
C SER C 25 -11.64 5.31 18.63
N THR C 26 -12.75 4.59 18.86
CA THR C 26 -12.82 3.59 19.95
C THR C 26 -12.76 2.20 19.34
N SER C 27 -11.68 1.49 19.61
CA SER C 27 -11.44 0.17 19.01
C SER C 27 -12.58 -0.80 19.32
N ALA C 28 -12.79 -1.73 18.43
CA ALA C 28 -13.81 -2.79 18.63
C ALA C 28 -13.63 -3.49 19.93
N ILE C 29 -12.38 -3.77 20.24
CA ILE C 29 -12.06 -4.48 21.50
C ILE C 29 -12.40 -3.60 22.75
N ASP C 30 -12.18 -2.29 22.67
CA ASP C 30 -12.57 -1.41 23.78
C ASP C 30 -14.07 -1.26 23.85
N LEU C 31 -14.77 -1.23 22.71
CA LEU C 31 -16.23 -1.33 22.74
C LEU C 31 -16.71 -2.67 23.41
N GLY C 32 -16.08 -3.76 23.05
CA GLY C 32 -16.40 -5.05 23.64
C GLY C 32 -16.16 -5.05 25.12
N ALA C 33 -15.04 -4.53 25.57
CA ALA C 33 -14.71 -4.47 27.02
C ALA C 33 -15.79 -3.67 27.75
N THR C 34 -16.23 -2.57 27.14
CA THR C 34 -17.27 -1.74 27.73
C THR C 34 -18.57 -2.49 27.96
N VAL C 35 -19.04 -3.23 26.96
CA VAL C 35 -20.29 -3.97 27.13
C VAL C 35 -20.14 -5.19 28.00
N ILE C 36 -18.98 -5.84 27.94
CA ILE C 36 -18.73 -7.03 28.84
C ILE C 36 -18.84 -6.60 30.29
N LYS C 37 -18.11 -5.54 30.61
CA LYS C 37 -18.13 -5.00 31.99
C LYS C 37 -19.51 -4.55 32.39
N ALA C 38 -20.19 -3.82 31.53
CA ALA C 38 -21.55 -3.36 31.84
C ALA C 38 -22.53 -4.51 32.02
N ALA C 39 -22.44 -5.55 31.17
CA ALA C 39 -23.34 -6.69 31.28
C ALA C 39 -23.09 -7.40 32.61
N ILE C 40 -21.83 -7.51 33.02
CA ILE C 40 -21.48 -8.14 34.28
C ILE C 40 -22.07 -7.29 35.45
N GLU C 41 -21.85 -5.99 35.40
CA GLU C 41 -22.35 -5.09 36.44
C GLU C 41 -23.87 -5.22 36.54
N ARG C 42 -24.55 -5.15 35.41
CA ARG C 42 -26.05 -5.14 35.43
C ARG C 42 -26.63 -6.46 35.88
N ALA C 43 -25.94 -7.56 35.61
CA ALA C 43 -26.37 -8.87 36.08
C ALA C 43 -26.22 -9.03 37.56
N LYS C 44 -25.34 -8.26 38.18
CA LYS C 44 -25.03 -8.37 39.63
C LYS C 44 -24.39 -9.70 39.99
N ILE C 45 -23.76 -10.33 38.99
CA ILE C 45 -22.99 -11.54 39.26
C ILE C 45 -21.66 -11.20 39.88
N ASP C 46 -21.14 -12.16 40.63
CA ASP C 46 -19.77 -12.10 41.07
C ASP C 46 -18.91 -12.24 39.81
N SER C 47 -18.07 -11.28 39.52
CA SER C 47 -17.26 -11.36 38.29
C SER C 47 -16.19 -12.44 38.28
N GLN C 48 -15.88 -13.00 39.43
CA GLN C 48 -14.97 -14.15 39.47
C GLN C 48 -15.72 -15.44 39.13
N HIS C 49 -17.03 -15.39 38.89
CA HIS C 49 -17.76 -16.60 38.55
C HIS C 49 -18.02 -16.71 37.04
N VAL C 50 -17.44 -15.83 36.23
CA VAL C 50 -17.61 -15.92 34.79
C VAL C 50 -16.69 -17.04 34.26
N ASP C 51 -17.27 -17.97 33.52
CA ASP C 51 -16.56 -19.10 32.98
C ASP C 51 -15.97 -18.86 31.59
N GLU C 52 -16.53 -17.95 30.82
CA GLU C 52 -16.01 -17.74 29.46
C GLU C 52 -16.63 -16.47 28.95
N VAL C 53 -15.97 -15.91 27.94
CA VAL C 53 -16.49 -14.84 27.15
C VAL C 53 -16.44 -15.25 25.67
N ILE C 54 -17.53 -15.04 24.96
CA ILE C 54 -17.65 -15.43 23.56
C ILE C 54 -18.10 -14.19 22.78
N MET C 55 -17.26 -13.67 21.89
CA MET C 55 -17.63 -12.44 21.19
C MET C 55 -17.52 -12.61 19.68
N GLY C 56 -18.56 -12.14 18.99
CA GLY C 56 -18.54 -12.04 17.55
C GLY C 56 -17.72 -10.84 17.12
N ASN C 57 -16.98 -11.01 16.01
CA ASN C 57 -16.18 -9.95 15.45
C ASN C 57 -15.79 -10.40 14.05
N VAL C 58 -16.14 -9.59 13.05
CA VAL C 58 -16.01 -10.04 11.68
C VAL C 58 -14.70 -9.49 11.04
N LEU C 59 -14.44 -8.21 11.25
CA LEU C 59 -13.23 -7.61 10.71
C LEU C 59 -12.07 -7.69 11.66
N GLN C 60 -11.48 -8.92 11.80
CA GLN C 60 -10.48 -9.18 12.77
C GLN C 60 -9.08 -8.63 12.36
N ALA C 61 -8.95 -8.27 11.09
CA ALA C 61 -7.65 -7.96 10.54
C ALA C 61 -6.97 -6.88 11.36
N GLY C 62 -5.78 -7.21 11.78
CA GLY C 62 -4.89 -6.27 12.47
C GLY C 62 -5.23 -6.04 13.94
N LEU C 63 -6.29 -6.69 14.43
CA LEU C 63 -6.75 -6.45 15.79
C LEU C 63 -5.98 -7.19 16.85
N GLY C 64 -5.08 -8.10 16.41
CA GLY C 64 -4.27 -8.79 17.39
C GLY C 64 -4.89 -10.13 17.78
N GLN C 65 -4.09 -10.99 18.41
CA GLN C 65 -4.53 -12.33 18.85
C GLN C 65 -5.90 -12.31 19.54
N ASN C 66 -6.87 -13.05 18.98
CA ASN C 66 -8.16 -13.36 19.61
C ASN C 66 -8.85 -12.17 20.28
N PRO C 67 -9.45 -11.29 19.48
CA PRO C 67 -10.09 -10.10 19.99
C PRO C 67 -10.95 -10.33 21.23
N ALA C 68 -11.75 -11.40 21.28
CA ALA C 68 -12.56 -11.68 22.43
C ALA C 68 -11.77 -11.71 23.74
N ARG C 69 -10.63 -12.37 23.72
CA ARG C 69 -9.76 -12.51 24.89
C ARG C 69 -9.16 -11.15 25.26
N GLN C 70 -8.82 -10.32 24.25
CA GLN C 70 -8.34 -8.98 24.58
C GLN C 70 -9.43 -8.16 25.23
N ALA C 71 -10.66 -8.35 24.73
CA ALA C 71 -11.80 -7.58 25.31
C ALA C 71 -12.07 -8.00 26.73
N LEU C 72 -12.05 -9.30 26.99
CA LEU C 72 -12.34 -9.77 28.35
C LEU C 72 -11.31 -9.28 29.33
N LEU C 73 -10.06 -9.32 28.93
CA LEU C 73 -8.98 -8.77 29.77
C LEU C 73 -9.11 -7.28 30.02
N LYS C 74 -9.38 -6.52 28.98
CA LYS C 74 -9.64 -5.12 29.12
C LYS C 74 -10.87 -4.78 29.97
N SER C 75 -11.84 -5.66 30.05
CA SER C 75 -12.99 -5.41 30.88
C SER C 75 -12.67 -5.56 32.34
N GLY C 76 -11.51 -6.13 32.66
CA GLY C 76 -11.09 -6.30 34.03
C GLY C 76 -11.22 -7.73 34.54
N LEU C 77 -11.64 -8.67 33.71
CA LEU C 77 -11.80 -10.06 34.15
C LEU C 77 -10.45 -10.68 34.38
N ALA C 78 -10.40 -11.71 35.22
CA ALA C 78 -9.12 -12.37 35.53
C ALA C 78 -8.60 -13.15 34.32
N GLU C 79 -7.28 -13.28 34.23
CA GLU C 79 -6.58 -14.04 33.23
C GLU C 79 -6.93 -15.52 33.18
N THR C 80 -7.52 -16.05 34.24
CA THR C 80 -8.05 -17.41 34.24
C THR C 80 -9.37 -17.56 33.46
N VAL C 81 -10.00 -16.45 33.07
CA VAL C 81 -11.28 -16.53 32.33
C VAL C 81 -10.95 -16.70 30.82
N CYS C 82 -11.47 -17.77 30.24
CA CYS C 82 -11.21 -18.05 28.85
C CYS C 82 -12.09 -17.23 27.94
N GLY C 83 -11.65 -17.11 26.72
CA GLY C 83 -12.52 -16.58 25.69
C GLY C 83 -12.10 -16.89 24.28
N PHE C 84 -13.04 -16.72 23.37
CA PHE C 84 -12.78 -16.95 21.94
C PHE C 84 -13.72 -16.12 21.06
N THR C 85 -13.26 -15.95 19.84
CA THR C 85 -13.88 -14.99 18.88
C THR C 85 -14.57 -15.78 17.77
N VAL C 86 -15.81 -15.39 17.48
CA VAL C 86 -16.70 -16.08 16.52
C VAL C 86 -16.89 -15.20 15.29
N ASN C 87 -16.77 -15.84 14.13
CA ASN C 87 -17.02 -15.23 12.82
C ASN C 87 -17.97 -16.05 12.03
N MLY C 88 -19.26 -15.66 12.08
CA MLY C 88 -20.36 -16.16 11.24
CB MLY C 88 -21.41 -16.93 12.11
CG MLY C 88 -22.39 -17.85 11.32
CD MLY C 88 -23.67 -18.66 11.89
CE MLY C 88 -23.95 -20.05 11.12
NZ MLY C 88 -23.54 -21.28 11.92
CH1 MLY C 88 -24.30 -21.43 13.09
CH2 MLY C 88 -22.97 -22.60 11.63
C MLY C 88 -20.93 -14.88 10.56
O MLY C 88 -22.11 -14.70 10.51
N VAL C 89 -20.05 -13.96 10.11
CA VAL C 89 -20.33 -12.64 9.46
C VAL C 89 -21.40 -11.90 10.25
N CYS C 90 -22.48 -11.45 9.58
CA CYS C 90 -23.59 -10.74 10.24
C CYS C 90 -24.23 -11.54 11.43
N GLY C 91 -24.12 -12.84 11.44
CA GLY C 91 -24.72 -13.68 12.52
C GLY C 91 -23.86 -13.80 13.77
N SER C 92 -22.61 -13.30 13.72
CA SER C 92 -21.61 -13.55 14.75
C SER C 92 -22.06 -13.24 16.18
N GLY C 93 -22.71 -12.11 16.36
CA GLY C 93 -23.11 -11.69 17.72
C GLY C 93 -24.23 -12.58 18.25
N LEU C 94 -25.14 -13.06 17.41
CA LEU C 94 -26.20 -13.98 17.89
C LEU C 94 -25.65 -15.38 18.06
N LYS C 95 -24.79 -15.81 17.12
CA LYS C 95 -24.12 -17.05 17.28
C LYS C 95 -23.35 -17.21 18.56
N SER C 96 -22.64 -16.14 18.97
CA SER C 96 -21.95 -16.14 20.28
C SER C 96 -22.87 -16.44 21.42
N VAL C 97 -24.05 -15.84 21.39
CA VAL C 97 -25.04 -16.08 22.45
C VAL C 97 -25.62 -17.50 22.40
N ALA C 98 -25.89 -18.00 21.18
CA ALA C 98 -26.29 -19.40 21.00
C ALA C 98 -25.29 -20.39 21.52
N LEU C 99 -23.99 -20.15 21.24
CA LEU C 99 -22.94 -20.95 21.77
C LEU C 99 -22.85 -20.91 23.29
N ALA C 100 -23.07 -19.73 23.87
CA ALA C 100 -23.04 -19.63 25.32
C ALA C 100 -24.18 -20.46 25.89
N ALA C 101 -25.37 -20.30 25.31
CA ALA C 101 -26.53 -21.08 25.76
C ALA C 101 -26.28 -22.56 25.68
N GLN C 102 -25.74 -23.02 24.55
CA GLN C 102 -25.42 -24.43 24.36
C GLN C 102 -24.43 -25.00 25.38
N ALA C 103 -23.39 -24.25 25.69
CA ALA C 103 -22.44 -24.62 26.67
C ALA C 103 -23.05 -24.77 28.04
N ILE C 104 -23.94 -23.85 28.37
CA ILE C 104 -24.65 -23.88 29.65
C ILE C 104 -25.64 -25.04 29.65
N GLN C 105 -26.40 -25.22 28.58
CA GLN C 105 -27.34 -26.31 28.51
C GLN C 105 -26.66 -27.68 28.60
N ALA C 106 -25.45 -27.74 28.03
CA ALA C 106 -24.65 -28.95 28.07
C ALA C 106 -23.86 -29.18 29.35
N GLY C 107 -24.04 -28.31 30.35
CA GLY C 107 -23.38 -28.49 31.61
C GLY C 107 -21.89 -28.19 31.57
N GLN C 108 -21.40 -27.49 30.55
CA GLN C 108 -19.99 -27.19 30.43
C GLN C 108 -19.58 -25.87 31.05
N ALA C 109 -20.55 -25.05 31.40
CA ALA C 109 -20.30 -23.80 32.03
C ALA C 109 -21.58 -23.42 32.79
N GLN C 110 -21.42 -22.50 33.71
CA GLN C 110 -22.57 -21.93 34.40
C GLN C 110 -22.87 -20.47 34.10
N SER C 111 -21.83 -19.68 33.76
CA SER C 111 -21.98 -18.26 33.55
CA SER C 111 -21.98 -18.24 33.55
C SER C 111 -21.04 -17.82 32.41
N ILE C 112 -21.61 -17.13 31.41
CA ILE C 112 -20.85 -16.74 30.23
C ILE C 112 -21.34 -15.37 29.78
N VAL C 113 -20.39 -14.56 29.38
CA VAL C 113 -20.76 -13.28 28.75
C VAL C 113 -20.60 -13.46 27.29
N ALA C 114 -21.65 -13.15 26.54
CA ALA C 114 -21.58 -13.34 25.08
C ALA C 114 -22.15 -12.14 24.35
N GLY C 115 -21.63 -11.88 23.15
CA GLY C 115 -22.17 -10.83 22.34
C GLY C 115 -21.38 -10.64 21.11
N GLY C 116 -21.14 -9.38 20.78
CA GLY C 116 -20.31 -9.09 19.61
C GLY C 116 -19.84 -7.63 19.61
N MET C 117 -18.87 -7.34 18.76
CA MET C 117 -18.22 -6.05 18.71
C MET C 117 -17.71 -5.80 17.33
N GLU C 118 -17.82 -4.58 16.86
CA GLU C 118 -17.31 -4.23 15.56
C GLU C 118 -16.98 -2.74 15.47
N ASN C 119 -15.80 -2.42 14.96
CA ASN C 119 -15.55 -1.06 14.56
C ASN C 119 -15.17 -1.05 13.09
N MET C 120 -16.12 -0.67 12.25
CA MET C 120 -15.92 -0.72 10.82
C MET C 120 -15.10 0.49 10.42
N SER C 121 -15.26 1.62 11.10
CA SER C 121 -14.47 2.88 10.82
C SER C 121 -12.97 2.57 10.86
N LEU C 122 -12.53 1.71 11.77
CA LEU C 122 -11.14 1.45 12.01
C LEU C 122 -10.58 0.26 11.26
N ALA C 123 -11.43 -0.41 10.44
CA ALA C 123 -10.99 -1.51 9.62
C ALA C 123 -9.83 -1.03 8.72
N PRO C 124 -8.79 -1.85 8.60
CA PRO C 124 -7.58 -1.48 7.86
C PRO C 124 -7.71 -1.71 6.36
N TYR C 125 -6.65 -1.34 5.67
CA TYR C 125 -6.42 -1.71 4.31
C TYR C 125 -5.31 -2.73 4.24
N LEU C 126 -5.34 -3.53 3.18
CA LEU C 126 -4.47 -4.62 3.08
C LEU C 126 -3.74 -4.75 1.77
N LEU C 127 -2.51 -5.22 1.87
CA LEU C 127 -1.77 -5.64 0.71
C LEU C 127 -1.85 -7.15 0.72
N ASP C 128 -2.09 -7.76 -0.44
CA ASP C 128 -2.29 -9.23 -0.46
C ASP C 128 -0.95 -9.96 -0.43
N ALA C 129 -0.97 -11.28 -0.57
CA ALA C 129 0.24 -12.07 -0.38
C ALA C 129 1.36 -11.67 -1.31
N LYS C 130 1.05 -10.98 -2.43
CA LYS C 130 2.16 -10.65 -3.36
C LYS C 130 3.10 -9.70 -2.69
N ALA C 131 2.64 -8.96 -1.68
CA ALA C 131 3.58 -8.11 -0.91
C ALA C 131 4.62 -8.93 -0.16
N ARG C 132 4.24 -10.10 0.31
CA ARG C 132 5.12 -10.97 1.08
C ARG C 132 6.08 -11.70 0.16
N SER C 133 5.58 -12.22 -0.95
CA SER C 133 6.45 -12.99 -1.88
C SER C 133 7.05 -12.13 -2.95
N GLY C 134 6.48 -10.95 -3.11
CA GLY C 134 7.09 -9.98 -3.95
C GLY C 134 6.26 -9.60 -5.13
N TYR C 135 6.09 -8.29 -5.37
CA TYR C 135 5.32 -7.86 -6.53
C TYR C 135 6.03 -8.21 -7.82
N ARG C 136 7.36 -8.21 -7.82
CA ARG C 136 8.25 -8.48 -8.94
C ARG C 136 8.23 -7.47 -10.05
N LEU C 137 7.11 -7.33 -10.70
CA LEU C 137 6.92 -6.40 -11.83
C LEU C 137 5.44 -6.21 -12.06
N GLY C 138 4.99 -4.98 -12.21
CA GLY C 138 3.57 -4.76 -12.31
C GLY C 138 2.89 -4.41 -11.02
N ASP C 139 1.65 -4.01 -11.17
CA ASP C 139 0.89 -3.39 -10.08
C ASP C 139 0.18 -4.42 -9.23
N GLY C 140 -0.34 -3.95 -8.09
CA GLY C 140 -1.19 -4.80 -7.27
C GLY C 140 -2.31 -3.94 -6.75
N GLN C 141 -3.10 -4.50 -5.87
CA GLN C 141 -4.28 -3.84 -5.33
C GLN C 141 -4.05 -3.60 -3.82
N VAL C 142 -4.76 -2.61 -3.29
CA VAL C 142 -4.77 -2.33 -1.85
C VAL C 142 -6.25 -2.51 -1.49
N TYR C 143 -6.57 -3.49 -0.61
CA TYR C 143 -7.94 -3.89 -0.39
C TYR C 143 -8.54 -3.29 0.87
N ASP C 144 -9.75 -2.75 0.76
CA ASP C 144 -10.53 -2.32 1.92
C ASP C 144 -11.05 -3.56 2.65
N VAL C 145 -10.64 -3.73 3.88
CA VAL C 145 -11.06 -4.91 4.63
C VAL C 145 -12.58 -4.94 4.85
N ILE C 146 -13.21 -3.77 5.02
CA ILE C 146 -14.66 -3.75 5.15
C ILE C 146 -15.28 -4.53 4.02
N LEU C 147 -14.88 -4.19 2.80
CA LEU C 147 -15.40 -4.85 1.60
C LEU C 147 -14.93 -6.31 1.53
N ARG C 148 -13.63 -6.53 1.70
CA ARG C 148 -13.07 -7.85 1.43
C ARG C 148 -13.58 -8.91 2.42
N ASP C 149 -13.66 -8.56 3.70
CA ASP C 149 -13.98 -9.57 4.75
C ASP C 149 -15.41 -9.39 5.30
N GLY C 150 -16.03 -8.28 4.98
CA GLY C 150 -17.37 -7.98 5.51
C GLY C 150 -18.54 -7.89 4.55
N LEU C 151 -18.40 -7.04 3.50
CA LEU C 151 -19.51 -6.66 2.71
C LEU C 151 -19.53 -7.21 1.25
N MET C 152 -18.50 -7.90 0.83
CA MET C 152 -18.50 -8.51 -0.50
C MET C 152 -18.64 -10.01 -0.38
N CYS C 153 -19.39 -10.60 -1.30
CA CYS C 153 -19.64 -12.01 -1.30
C CYS C 153 -18.38 -12.69 -1.69
N ALA C 154 -17.93 -13.63 -0.85
CA ALA C 154 -16.75 -14.45 -1.28
C ALA C 154 -17.03 -15.46 -2.38
N THR C 155 -18.27 -15.93 -2.48
CA THR C 155 -18.63 -16.84 -3.51
C THR C 155 -18.81 -16.13 -4.87
N HIS C 156 -19.53 -15.00 -4.90
CA HIS C 156 -19.82 -14.33 -6.19
C HIS C 156 -19.01 -13.08 -6.47
N GLY C 157 -18.32 -12.55 -5.48
CA GLY C 157 -17.41 -11.42 -5.74
C GLY C 157 -18.13 -10.09 -5.90
N TYR C 158 -19.43 -10.04 -5.58
CA TYR C 158 -20.16 -8.80 -5.65
C TYR C 158 -20.66 -8.41 -4.25
N HIS C 159 -21.13 -7.20 -4.13
CA HIS C 159 -21.54 -6.66 -2.81
C HIS C 159 -22.78 -7.38 -2.31
N MET C 160 -22.89 -7.44 -1.01
CA MET C 160 -24.15 -7.84 -0.38
C MET C 160 -25.36 -7.13 -0.96
N GLY C 161 -25.20 -5.90 -1.38
CA GLY C 161 -26.27 -5.14 -1.99
C GLY C 161 -26.79 -5.79 -3.26
N ILE C 162 -25.91 -6.43 -4.00
CA ILE C 162 -26.33 -7.16 -5.18
C ILE C 162 -27.15 -8.37 -4.80
N THR C 163 -26.83 -9.02 -3.68
CA THR C 163 -27.65 -10.11 -3.20
C THR C 163 -29.01 -9.59 -2.84
N ALA C 164 -29.05 -8.37 -2.37
CA ALA C 164 -30.34 -7.75 -2.07
C ALA C 164 -31.18 -7.48 -3.36
N GLU C 165 -30.51 -6.99 -4.41
CA GLU C 165 -31.16 -6.87 -5.70
C GLU C 165 -31.67 -8.25 -6.16
N ASN C 166 -30.88 -9.32 -5.98
CA ASN C 166 -31.33 -10.63 -6.42
C ASN C 166 -32.64 -10.97 -5.74
N VAL C 167 -32.67 -10.73 -4.43
CA VAL C 167 -33.86 -11.05 -3.64
C VAL C 167 -35.05 -10.19 -4.04
N ALA C 168 -34.80 -8.89 -4.29
CA ALA C 168 -35.88 -7.99 -4.76
C ALA C 168 -36.51 -8.52 -6.03
N LYS C 169 -35.68 -8.95 -6.96
CA LYS C 169 -36.19 -9.49 -8.24
C LYS C 169 -36.94 -10.81 -8.03
N GLU C 170 -36.35 -11.73 -7.26
CA GLU C 170 -36.90 -13.05 -7.07
C GLU C 170 -38.25 -12.98 -6.34
N TYR C 171 -38.41 -12.06 -5.40
CA TYR C 171 -39.62 -12.05 -4.58
C TYR C 171 -40.53 -10.87 -4.89
N GLY C 172 -40.23 -10.14 -5.97
CA GLY C 172 -41.04 -9.02 -6.41
C GLY C 172 -41.13 -7.89 -5.42
N ILE C 173 -39.98 -7.50 -4.86
CA ILE C 173 -39.96 -6.42 -3.87
C ILE C 173 -39.51 -5.13 -4.58
N THR C 174 -40.46 -4.22 -4.78
CA THR C 174 -40.20 -3.01 -5.59
C THR C 174 -39.48 -1.91 -4.83
N ARG C 175 -38.97 -0.95 -5.59
CA ARG C 175 -38.31 0.21 -5.02
C ARG C 175 -39.24 0.87 -4.03
N GLU C 176 -40.49 1.01 -4.43
CA GLU C 176 -41.45 1.75 -3.59
C GLU C 176 -41.67 0.98 -2.28
N MET C 177 -41.80 -0.33 -2.38
CA MET C 177 -41.99 -1.20 -1.17
C MET C 177 -40.82 -1.04 -0.21
N GLN C 178 -39.62 -1.07 -0.77
CA GLN C 178 -38.40 -0.85 0.00
C GLN C 178 -38.35 0.49 0.68
N ASP C 179 -38.71 1.56 -0.04
CA ASP C 179 -38.64 2.89 0.54
C ASP C 179 -39.71 3.09 1.60
N GLU C 180 -40.89 2.50 1.41
CA GLU C 180 -41.95 2.59 2.41
C GLU C 180 -41.46 1.94 3.73
N LEU C 181 -40.77 0.82 3.60
CA LEU C 181 -40.29 0.08 4.74
C LEU C 181 -39.20 0.88 5.45
N ALA C 182 -38.28 1.45 4.67
CA ALA C 182 -37.23 2.32 5.22
C ALA C 182 -37.84 3.48 6.04
N LEU C 183 -38.87 4.12 5.50
CA LEU C 183 -39.41 5.29 6.16
C LEU C 183 -40.06 4.85 7.45
N HIS C 184 -40.70 3.70 7.43
CA HIS C 184 -41.31 3.17 8.61
C HIS C 184 -40.28 2.89 9.72
N SER C 185 -39.12 2.33 9.30
CA SER C 185 -38.05 2.07 10.26
C SER C 185 -37.51 3.37 10.84
N GLN C 186 -37.28 4.36 9.99
CA GLN C 186 -36.81 5.64 10.44
C GLN C 186 -37.81 6.26 11.44
N ARG C 187 -39.10 6.09 11.16
CA ARG C 187 -40.11 6.74 12.02
C ARG C 187 -40.20 6.04 13.35
N LYS C 188 -40.15 4.70 13.33
CA LYS C 188 -40.18 3.96 14.59
C LYS C 188 -38.94 4.20 15.43
N ALA C 189 -37.79 4.26 14.79
CA ALA C 189 -36.57 4.61 15.49
C ALA C 189 -36.57 5.97 16.12
N ALA C 190 -37.00 6.99 15.36
CA ALA C 190 -37.10 8.33 15.90
C ALA C 190 -38.02 8.39 17.11
N ALA C 191 -39.17 7.73 17.03
CA ALA C 191 -40.11 7.74 18.15
C ALA C 191 -39.57 6.99 19.39
N ALA C 192 -38.88 5.87 19.15
CA ALA C 192 -38.27 5.10 20.23
C ALA C 192 -37.19 5.93 20.90
N ILE C 193 -36.35 6.60 20.11
CA ILE C 193 -35.31 7.47 20.68
C ILE C 193 -35.95 8.57 21.54
N GLU C 194 -36.91 9.27 20.98
CA GLU C 194 -37.53 10.39 21.63
C GLU C 194 -38.29 9.99 22.89
N SER C 195 -38.86 8.81 22.95
CA SER C 195 -39.64 8.38 24.09
C SER C 195 -38.76 7.74 25.15
N GLY C 196 -37.45 7.59 24.89
CA GLY C 196 -36.57 6.90 25.82
C GLY C 196 -36.54 5.38 25.80
N ALA C 197 -37.05 4.79 24.73
CA ALA C 197 -37.23 3.37 24.70
C ALA C 197 -35.86 2.61 24.73
N PHE C 198 -34.77 3.29 24.37
CA PHE C 198 -33.43 2.69 24.33
C PHE C 198 -32.54 3.08 25.52
N THR C 199 -33.07 3.90 26.42
CA THR C 199 -32.34 4.29 27.59
C THR C 199 -31.88 3.14 28.45
N ALA C 200 -32.73 2.19 28.69
CA ALA C 200 -32.37 1.12 29.64
C ALA C 200 -31.26 0.22 29.07
N GLU C 201 -31.25 0.07 27.74
CA GLU C 201 -30.36 -0.96 27.11
C GLU C 201 -29.02 -0.40 26.71
N ILE C 202 -28.88 0.90 26.61
CA ILE C 202 -27.64 1.52 26.18
C ILE C 202 -26.72 1.88 27.31
N VAL C 203 -25.47 1.51 27.14
CA VAL C 203 -24.40 1.93 28.01
C VAL C 203 -23.63 3.06 27.34
N PRO C 204 -23.44 4.18 28.03
CA PRO C 204 -22.77 5.31 27.34
C PRO C 204 -21.30 5.03 27.20
N VAL C 205 -20.67 5.64 26.21
CA VAL C 205 -19.25 5.49 25.99
C VAL C 205 -18.56 6.82 26.08
N ASN C 206 -17.54 6.94 26.93
CA ASN C 206 -16.77 8.21 26.97
C ASN C 206 -15.82 8.27 25.84
N VAL C 207 -15.84 9.38 25.14
CA VAL C 207 -14.93 9.56 24.03
C VAL C 207 -14.01 10.77 24.22
N VAL C 208 -12.71 10.56 24.13
CA VAL C 208 -11.73 11.63 24.24
C VAL C 208 -10.83 11.64 23.02
N THR C 209 -10.81 12.77 22.32
CA THR C 209 -9.81 12.98 21.25
C THR C 209 -9.18 14.37 21.40
N ARG C 210 -8.19 14.67 20.57
CA ARG C 210 -7.59 15.99 20.57
C ARG C 210 -8.69 17.02 20.34
N LYS C 211 -9.63 16.73 19.45
CA LYS C 211 -10.65 17.70 19.11
C LYS C 211 -11.85 17.81 20.07
N LYS C 212 -12.29 16.69 20.67
CA LYS C 212 -13.61 16.63 21.30
C LYS C 212 -13.52 15.72 22.53
N THR C 213 -14.30 16.07 23.55
CA THR C 213 -14.42 15.21 24.69
C THR C 213 -15.90 15.15 24.95
N PHE C 214 -16.47 13.96 24.94
CA PHE C 214 -17.92 13.86 25.06
C PHE C 214 -18.38 12.48 25.41
N VAL C 215 -19.65 12.36 25.73
CA VAL C 215 -20.25 11.05 26.07
C VAL C 215 -21.21 10.64 24.96
N PHE C 216 -21.01 9.45 24.37
CA PHE C 216 -21.88 8.98 23.32
C PHE C 216 -22.93 8.02 23.88
N SER C 217 -24.19 8.39 23.80
CA SER C 217 -25.29 7.58 24.36
C SER C 217 -26.53 7.45 23.52
N GLN C 218 -26.56 8.08 22.34
CA GLN C 218 -27.77 8.08 21.49
C GLN C 218 -27.34 7.63 20.05
N ASP C 219 -28.06 6.66 19.55
CA ASP C 219 -27.86 6.12 18.21
C ASP C 219 -27.84 7.31 17.19
N GLU C 220 -26.78 7.43 16.39
CA GLU C 220 -26.59 8.60 15.58
C GLU C 220 -26.83 8.33 14.06
N PHE C 221 -27.08 7.08 13.68
CA PHE C 221 -27.31 6.76 12.27
C PHE C 221 -28.65 7.22 11.76
N PRO C 222 -29.69 7.37 12.62
CA PRO C 222 -31.00 7.64 12.12
C PRO C 222 -31.04 8.95 11.36
N LYS C 223 -31.81 8.98 10.29
CA LYS C 223 -31.81 10.15 9.41
C LYS C 223 -33.11 10.94 9.64
N ALA C 224 -32.96 12.05 10.33
CA ALA C 224 -34.09 12.95 10.61
C ALA C 224 -34.74 13.43 9.32
N ASN C 225 -33.92 13.65 8.29
CA ASN C 225 -34.41 14.19 7.02
C ASN C 225 -35.15 13.16 6.10
N SER C 226 -35.69 12.07 6.72
CA SER C 226 -36.44 11.01 6.02
C SER C 226 -37.89 11.22 5.64
N THR C 227 -38.05 11.20 4.33
CA THR C 227 -39.34 11.35 3.71
C THR C 227 -39.41 10.44 2.53
N ALA C 228 -40.63 10.10 2.12
CA ALA C 228 -40.84 9.25 0.97
C ALA C 228 -40.22 9.92 -0.26
N GLU C 229 -40.30 11.25 -0.31
CA GLU C 229 -39.75 12.02 -1.42
C GLU C 229 -38.24 11.96 -1.46
N ALA C 230 -37.57 12.25 -0.35
CA ALA C 230 -36.11 12.18 -0.33
C ALA C 230 -35.65 10.73 -0.70
N LEU C 231 -36.37 9.73 -0.21
CA LEU C 231 -35.96 8.32 -0.43
C LEU C 231 -36.13 7.95 -1.89
N GLY C 232 -37.22 8.43 -2.48
CA GLY C 232 -37.50 8.13 -3.88
C GLY C 232 -36.50 8.79 -4.81
N ALA C 233 -35.80 9.82 -4.35
CA ALA C 233 -34.88 10.62 -5.19
C ALA C 233 -33.47 10.10 -5.16
N LEU C 234 -33.19 9.17 -4.25
CA LEU C 234 -31.84 8.60 -4.18
C LEU C 234 -31.53 7.78 -5.37
N ARG C 235 -30.25 7.76 -5.74
CA ARG C 235 -29.76 6.94 -6.85
C ARG C 235 -29.47 5.52 -6.30
N PRO C 236 -29.67 4.47 -7.11
CA PRO C 236 -29.27 3.12 -6.63
C PRO C 236 -27.79 3.05 -6.31
N ALA C 237 -27.47 2.28 -5.26
CA ALA C 237 -26.14 2.28 -4.74
C ALA C 237 -25.28 1.24 -5.44
N PHE C 238 -25.87 0.15 -5.93
CA PHE C 238 -25.05 -0.99 -6.37
C PHE C 238 -25.24 -1.40 -7.80
N ASP C 239 -26.38 -1.07 -8.38
CA ASP C 239 -26.66 -1.38 -9.79
C ASP C 239 -27.48 -0.21 -10.30
N LYS C 240 -27.01 0.43 -11.37
CA LYS C 240 -27.73 1.57 -11.98
C LYS C 240 -29.17 1.28 -12.38
N ALA C 241 -29.45 0.02 -12.68
CA ALA C 241 -30.81 -0.38 -13.00
C ALA C 241 -31.58 -0.96 -11.81
N GLY C 242 -31.06 -0.80 -10.60
CA GLY C 242 -31.58 -1.53 -9.46
C GLY C 242 -32.50 -0.67 -8.59
N THR C 243 -32.72 -1.19 -7.39
CA THR C 243 -33.66 -0.71 -6.42
C THR C 243 -33.06 -0.32 -5.07
N VAL C 244 -31.87 -0.84 -4.77
CA VAL C 244 -31.30 -0.72 -3.44
C VAL C 244 -30.47 0.57 -3.43
N THR C 245 -30.70 1.39 -2.42
CA THR C 245 -30.05 2.67 -2.24
C THR C 245 -29.51 2.77 -0.80
N ALA C 246 -28.76 3.83 -0.56
CA ALA C 246 -28.26 4.09 0.79
C ALA C 246 -29.43 4.35 1.74
N GLY C 247 -30.59 4.70 1.20
CA GLY C 247 -31.75 5.03 2.03
C GLY C 247 -32.57 3.81 2.40
N ASN C 248 -32.46 2.74 1.63
CA ASN C 248 -33.28 1.52 1.95
C ASN C 248 -32.39 0.31 2.29
N ALA C 249 -31.15 0.60 2.68
CA ALA C 249 -30.21 -0.37 3.21
C ALA C 249 -29.64 0.21 4.51
N SER C 250 -29.07 -0.68 5.38
CA SER C 250 -28.35 -0.20 6.55
C SER C 250 -27.03 0.38 6.13
N GLY C 251 -26.26 0.77 7.12
CA GLY C 251 -24.95 1.44 6.96
C GLY C 251 -23.73 0.63 7.27
N ILE C 252 -22.60 1.33 7.27
CA ILE C 252 -21.36 0.88 7.86
C ILE C 252 -21.32 1.56 9.23
N ASN C 253 -21.16 0.77 10.29
CA ASN C 253 -21.39 1.30 11.63
C ASN C 253 -20.52 0.61 12.67
N ASP C 254 -20.41 1.26 13.83
CA ASP C 254 -19.56 0.86 14.89
C ASP C 254 -20.38 0.60 16.15
N GLY C 255 -20.07 -0.47 16.90
CA GLY C 255 -20.84 -0.70 18.12
C GLY C 255 -20.57 -2.10 18.70
N ALA C 256 -21.11 -2.32 19.88
CA ALA C 256 -20.99 -3.62 20.56
C ALA C 256 -22.21 -3.92 21.43
N ALA C 257 -22.35 -5.19 21.83
CA ALA C 257 -23.43 -5.60 22.68
C ALA C 257 -23.02 -6.86 23.41
N ALA C 258 -23.54 -7.04 24.59
CA ALA C 258 -23.24 -8.26 25.38
C ALA C 258 -24.36 -8.58 26.32
N LEU C 259 -24.40 -9.86 26.70
CA LEU C 259 -25.41 -10.40 27.60
C LEU C 259 -24.72 -11.35 28.54
N VAL C 260 -25.17 -11.34 29.78
CA VAL C 260 -24.76 -12.39 30.74
C VAL C 260 -25.80 -13.51 30.58
N ILE C 261 -25.28 -14.72 30.32
CA ILE C 261 -26.11 -15.93 30.19
C ILE C 261 -25.73 -16.87 31.34
N MET C 262 -26.71 -17.51 32.00
CA MET C 262 -26.37 -18.40 33.13
C MET C 262 -27.23 -19.62 33.17
N GLU C 263 -26.73 -20.68 33.84
CA GLU C 263 -27.56 -21.77 34.13
C GLU C 263 -28.66 -21.28 35.10
N GLU C 264 -29.89 -21.71 34.88
CA GLU C 264 -31.03 -21.16 35.60
C GLU C 264 -30.96 -21.40 37.12
N SER C 265 -30.67 -22.63 37.54
CA SER C 265 -30.67 -22.92 39.00
C SER C 265 -29.59 -22.11 39.67
N ALA C 266 -28.46 -21.98 39.01
CA ALA C 266 -27.34 -21.26 39.57
C ALA C 266 -27.65 -19.76 39.68
N ALA C 267 -28.30 -19.15 38.68
CA ALA C 267 -28.68 -17.77 38.79
C ALA C 267 -29.60 -17.57 40.00
N LEU C 268 -30.59 -18.43 40.12
CA LEU C 268 -31.53 -18.36 41.26
C LEU C 268 -30.83 -18.56 42.59
N ALA C 269 -29.91 -19.53 42.67
CA ALA C 269 -29.22 -19.82 43.95
C ALA C 269 -28.36 -18.65 44.36
N ALA C 270 -27.86 -17.91 43.37
CA ALA C 270 -27.07 -16.72 43.61
C ALA C 270 -27.92 -15.50 43.90
N GLY C 271 -29.25 -15.61 43.96
CA GLY C 271 -30.07 -14.46 44.28
C GLY C 271 -30.23 -13.48 43.14
N LEU C 272 -29.88 -13.88 41.91
CA LEU C 272 -30.01 -13.04 40.76
C LEU C 272 -31.41 -13.19 40.15
N THR C 273 -31.74 -12.31 39.22
CA THR C 273 -33.06 -12.28 38.62
C THR C 273 -32.95 -12.65 37.09
N PRO C 274 -33.43 -13.85 36.73
CA PRO C 274 -33.49 -14.18 35.29
C PRO C 274 -34.43 -13.25 34.58
N LEU C 275 -34.01 -12.77 33.44
CA LEU C 275 -34.84 -11.87 32.62
C LEU C 275 -35.64 -12.62 31.58
N ALA C 276 -35.04 -13.67 31.03
CA ALA C 276 -35.68 -14.51 30.01
C ALA C 276 -34.96 -15.84 29.89
N ARG C 277 -35.65 -16.87 29.41
CA ARG C 277 -35.06 -18.17 29.19
C ARG C 277 -34.82 -18.25 27.69
N ILE C 278 -33.68 -18.79 27.31
CA ILE C 278 -33.42 -19.05 25.89
C ILE C 278 -34.13 -20.33 25.53
N LYS C 279 -35.16 -20.26 24.69
CA LYS C 279 -35.99 -21.41 24.43
C LYS C 279 -35.46 -22.30 23.29
N SER C 280 -34.89 -21.67 22.26
CA SER C 280 -34.29 -22.40 21.15
C SER C 280 -33.42 -21.45 20.31
N TYR C 281 -32.62 -22.05 19.45
CA TYR C 281 -31.86 -21.31 18.48
C TYR C 281 -31.56 -22.27 17.35
N ALA C 282 -31.28 -21.73 16.16
CA ALA C 282 -30.94 -22.52 15.00
C ALA C 282 -30.33 -21.66 13.93
N SER C 283 -29.58 -22.31 13.05
CA SER C 283 -29.00 -21.63 11.91
C SER C 283 -29.51 -22.36 10.63
N GLY C 284 -29.50 -21.63 9.53
CA GLY C 284 -29.98 -22.16 8.26
C GLY C 284 -29.09 -21.69 7.15
N GLY C 285 -29.17 -22.41 6.02
CA GLY C 285 -28.31 -22.05 4.86
C GLY C 285 -29.18 -21.88 3.65
N VAL C 286 -28.79 -20.94 2.80
CA VAL C 286 -29.47 -20.67 1.56
C VAL C 286 -28.40 -20.31 0.54
N PRO C 287 -28.78 -20.13 -0.72
CA PRO C 287 -27.74 -19.76 -1.71
C PRO C 287 -27.07 -18.42 -1.34
N PRO C 288 -25.76 -18.32 -1.47
CA PRO C 288 -25.09 -17.05 -1.23
C PRO C 288 -25.70 -15.93 -2.01
N ALA C 289 -26.14 -16.20 -3.25
CA ALA C 289 -26.73 -15.12 -4.08
C ALA C 289 -28.00 -14.56 -3.46
N LEU C 290 -28.67 -15.40 -2.64
CA LEU C 290 -29.95 -15.02 -1.99
C LEU C 290 -29.79 -14.98 -0.44
N MET C 291 -28.64 -14.51 0.02
CA MET C 291 -28.23 -14.71 1.44
C MET C 291 -29.27 -14.00 2.37
N GLY C 292 -29.88 -12.93 1.84
CA GLY C 292 -30.91 -12.22 2.63
C GLY C 292 -32.10 -13.06 3.07
N MET C 293 -32.26 -14.22 2.46
CA MET C 293 -33.40 -15.15 2.84
C MET C 293 -33.03 -16.11 3.95
N GLY C 294 -31.80 -15.99 4.44
CA GLY C 294 -31.30 -16.86 5.53
C GLY C 294 -32.22 -17.03 6.70
N PRO C 295 -32.97 -15.97 7.05
CA PRO C 295 -33.77 -16.09 8.25
C PRO C 295 -34.90 -17.09 8.12
N VAL C 296 -35.30 -17.42 6.88
CA VAL C 296 -36.45 -18.28 6.69
C VAL C 296 -36.21 -19.68 7.28
N PRO C 297 -35.14 -20.37 6.82
CA PRO C 297 -34.94 -21.66 7.42
C PRO C 297 -34.53 -21.59 8.87
N ALA C 298 -33.76 -20.58 9.23
CA ALA C 298 -33.30 -20.45 10.64
C ALA C 298 -34.51 -20.29 11.57
N THR C 299 -35.42 -19.43 11.17
CA THR C 299 -36.62 -19.21 11.95
C THR C 299 -37.55 -20.41 12.01
N GLN C 300 -37.73 -21.08 10.86
CA GLN C 300 -38.55 -22.26 10.86
C GLN C 300 -38.01 -23.29 11.85
N LYS C 301 -36.71 -23.54 11.79
CA LYS C 301 -36.11 -24.51 12.64
C LYS C 301 -36.19 -24.11 14.10
N ALA C 302 -35.93 -22.84 14.38
CA ALA C 302 -35.97 -22.35 15.78
C ALA C 302 -37.36 -22.49 16.36
N LEU C 303 -38.36 -22.17 15.55
CA LEU C 303 -39.74 -22.35 16.00
C LEU C 303 -40.06 -23.84 16.29
N GLN C 304 -39.57 -24.71 15.43
CA GLN C 304 -39.88 -26.15 15.60
C GLN C 304 -39.23 -26.60 16.90
N LEU C 305 -37.97 -26.23 17.08
CA LEU C 305 -37.21 -26.63 18.30
C LEU C 305 -37.83 -26.09 19.59
N ALA C 306 -38.55 -24.97 19.51
CA ALA C 306 -39.25 -24.39 20.64
C ALA C 306 -40.68 -24.98 20.79
N GLY C 307 -41.16 -25.75 19.82
CA GLY C 307 -42.52 -26.27 19.91
C GLY C 307 -43.56 -25.19 19.70
N LEU C 308 -43.22 -24.20 18.85
CA LEU C 308 -44.08 -23.08 18.64
C LEU C 308 -44.46 -22.89 17.19
N GLN C 309 -45.57 -22.18 16.98
CA GLN C 309 -45.91 -21.63 15.67
C GLN C 309 -45.55 -20.14 15.68
N LEU C 310 -45.29 -19.59 14.49
CA LEU C 310 -44.88 -18.20 14.34
C LEU C 310 -45.89 -17.25 15.03
N ALA C 311 -47.17 -17.55 14.89
CA ALA C 311 -48.23 -16.74 15.58
C ALA C 311 -48.14 -16.74 17.11
N ASP C 312 -47.45 -17.69 17.74
CA ASP C 312 -47.26 -17.63 19.21
C ASP C 312 -46.27 -16.53 19.66
N ILE C 313 -45.36 -16.13 18.75
CA ILE C 313 -44.39 -15.10 19.05
C ILE C 313 -45.05 -13.72 19.19
N ASP C 314 -44.80 -13.05 20.30
CA ASP C 314 -45.39 -11.71 20.56
C ASP C 314 -44.60 -10.55 19.88
N LEU C 315 -43.26 -10.66 19.85
CA LEU C 315 -42.40 -9.58 19.27
C LEU C 315 -41.24 -10.23 18.53
N ILE C 316 -40.88 -9.58 17.43
CA ILE C 316 -39.87 -10.06 16.54
C ILE C 316 -38.86 -8.97 16.28
N GLU C 317 -37.57 -9.31 16.32
CA GLU C 317 -36.51 -8.51 15.73
C GLU C 317 -35.89 -9.23 14.57
N ALA C 318 -36.12 -8.69 13.36
CA ALA C 318 -35.62 -9.26 12.14
C ALA C 318 -34.76 -8.22 11.53
N ASN C 319 -33.47 -8.50 11.37
CA ASN C 319 -32.53 -7.42 11.05
C ASN C 319 -32.81 -6.83 9.64
N GLU C 320 -32.55 -5.54 9.47
CA GLU C 320 -32.80 -4.85 8.24
C GLU C 320 -31.49 -4.50 7.56
N ALA C 321 -30.70 -5.49 7.17
CA ALA C 321 -29.56 -5.20 6.38
C ALA C 321 -29.96 -4.46 5.09
N PHE C 322 -31.02 -4.96 4.45
CA PHE C 322 -31.59 -4.36 3.26
C PHE C 322 -33.09 -4.50 3.30
N ALA C 323 -33.80 -3.39 3.04
CA ALA C 323 -35.24 -3.49 2.99
C ALA C 323 -35.71 -4.64 2.08
N ALA C 324 -35.00 -4.83 0.98
CA ALA C 324 -35.40 -5.87 -0.01
C ALA C 324 -35.50 -7.24 0.62
N GLN C 325 -34.50 -7.56 1.41
CA GLN C 325 -34.53 -8.89 2.06
C GLN C 325 -35.40 -8.93 3.28
N PHE C 326 -35.43 -7.84 4.04
CA PHE C 326 -36.32 -7.78 5.18
C PHE C 326 -37.78 -8.11 4.72
N LEU C 327 -38.17 -7.47 3.64
CA LEU C 327 -39.55 -7.64 3.13
C LEU C 327 -39.81 -9.02 2.58
N ALA C 328 -38.87 -9.54 1.82
CA ALA C 328 -39.00 -10.86 1.22
C ALA C 328 -39.09 -11.92 2.30
N VAL C 329 -38.31 -11.75 3.36
CA VAL C 329 -38.41 -12.70 4.49
C VAL C 329 -39.79 -12.65 5.15
N GLY C 330 -40.27 -11.42 5.38
CA GLY C 330 -41.52 -11.24 6.05
C GLY C 330 -42.70 -11.80 5.27
N LYS C 331 -42.68 -11.58 3.97
CA LYS C 331 -43.70 -12.14 3.06
C LYS C 331 -43.66 -13.68 3.10
N ASN C 332 -42.47 -14.26 2.96
CA ASN C 332 -42.32 -15.68 3.01
C ASN C 332 -42.80 -16.28 4.34
N LEU C 333 -42.44 -15.69 5.47
CA LEU C 333 -42.79 -16.29 6.74
C LEU C 333 -44.21 -15.89 7.19
N GLY C 334 -44.73 -14.82 6.61
CA GLY C 334 -46.00 -14.25 7.06
C GLY C 334 -45.92 -13.47 8.38
N PHE C 335 -44.87 -12.65 8.54
CA PHE C 335 -44.70 -11.85 9.78
C PHE C 335 -45.86 -10.89 9.95
N ASP C 336 -46.36 -10.74 11.15
CA ASP C 336 -47.32 -9.68 11.46
C ASP C 336 -46.52 -8.40 11.62
N SER C 337 -46.63 -7.49 10.66
CA SER C 337 -45.75 -6.33 10.62
C SER C 337 -45.82 -5.44 11.89
N GLU C 338 -46.93 -5.47 12.61
CA GLU C 338 -47.05 -4.74 13.86
C GLU C 338 -46.25 -5.32 15.01
N LYS C 339 -45.81 -6.57 14.89
CA LYS C 339 -44.97 -7.18 15.90
C LYS C 339 -43.45 -7.03 15.66
N VAL C 340 -43.06 -6.48 14.51
CA VAL C 340 -41.68 -6.54 14.07
C VAL C 340 -40.98 -5.21 14.23
N ASN C 341 -39.74 -5.27 14.75
CA ASN C 341 -38.87 -4.13 14.89
C ASN C 341 -39.65 -2.92 15.46
N VAL C 342 -40.29 -3.12 16.59
CA VAL C 342 -41.24 -2.11 17.09
C VAL C 342 -40.59 -0.79 17.45
N ASN C 343 -39.28 -0.82 17.71
CA ASN C 343 -38.49 0.38 17.96
C ASN C 343 -37.60 0.78 16.80
N GLY C 344 -37.96 0.31 15.62
CA GLY C 344 -37.12 0.59 14.45
C GLY C 344 -36.01 -0.45 14.30
N GLY C 345 -35.38 -0.42 13.11
CA GLY C 345 -34.39 -1.41 12.74
C GLY C 345 -33.18 -0.85 12.10
N ALA C 346 -32.34 -1.76 11.59
CA ALA C 346 -30.98 -1.36 11.16
C ALA C 346 -30.94 -0.32 10.08
N ILE C 347 -31.99 -0.19 9.28
CA ILE C 347 -31.95 0.88 8.22
C ILE C 347 -31.76 2.24 8.91
N ALA C 348 -32.45 2.43 10.04
CA ALA C 348 -32.31 3.61 10.85
C ALA C 348 -31.14 3.52 11.82
N LEU C 349 -30.98 2.35 12.48
CA LEU C 349 -30.08 2.24 13.62
C LEU C 349 -28.66 1.88 13.28
N GLY C 350 -28.43 1.16 12.17
CA GLY C 350 -27.06 0.84 11.79
C GLY C 350 -26.80 -0.66 11.96
N HIS C 351 -25.70 -1.12 11.37
CA HIS C 351 -25.35 -2.53 11.27
C HIS C 351 -23.84 -2.78 11.48
N PRO C 352 -23.37 -2.67 12.73
CA PRO C 352 -22.03 -3.04 13.09
C PRO C 352 -21.90 -4.53 13.08
N ILE C 353 -21.35 -5.05 12.01
CA ILE C 353 -21.70 -6.41 11.57
C ILE C 353 -21.52 -7.48 12.64
N GLY C 354 -20.40 -7.51 13.33
CA GLY C 354 -20.17 -8.58 14.31
C GLY C 354 -20.97 -8.41 15.60
N ALA C 355 -21.51 -7.25 15.82
CA ALA C 355 -22.32 -6.93 16.99
C ALA C 355 -23.79 -7.08 16.74
N SER C 356 -24.25 -6.93 15.50
CA SER C 356 -25.70 -6.74 15.23
C SER C 356 -26.58 -7.83 15.76
N GLY C 357 -26.10 -9.07 15.69
CA GLY C 357 -26.89 -10.18 16.15
C GLY C 357 -27.15 -10.15 17.66
N ALA C 358 -26.17 -9.74 18.43
CA ALA C 358 -26.36 -9.55 19.85
C ALA C 358 -27.18 -8.27 20.08
N ARG C 359 -26.93 -7.22 19.28
CA ARG C 359 -27.63 -5.96 19.37
C ARG C 359 -29.12 -6.12 19.26
N ILE C 360 -29.57 -6.88 18.29
CA ILE C 360 -31.03 -7.08 18.11
C ILE C 360 -31.63 -7.87 19.22
N LEU C 361 -30.85 -8.78 19.77
CA LEU C 361 -31.34 -9.58 20.88
C LEU C 361 -31.56 -8.70 22.14
N VAL C 362 -30.59 -7.84 22.43
CA VAL C 362 -30.72 -6.82 23.47
C VAL C 362 -31.97 -5.97 23.28
N THR C 363 -32.19 -5.42 22.09
CA THR C 363 -33.30 -4.61 21.76
C THR C 363 -34.60 -5.35 21.93
N LEU C 364 -34.61 -6.62 21.50
CA LEU C 364 -35.77 -7.46 21.62
C LEU C 364 -36.19 -7.61 23.08
N LEU C 365 -35.25 -8.00 23.92
CA LEU C 365 -35.57 -8.30 25.32
C LEU C 365 -36.15 -7.03 25.96
N HIS C 366 -35.48 -5.88 25.77
CA HIS C 366 -35.96 -4.62 26.38
C HIS C 366 -37.32 -4.22 25.86
N ALA C 367 -37.59 -4.44 24.58
CA ALA C 367 -38.90 -4.15 24.03
C ALA C 367 -40.01 -5.09 24.60
N MET C 368 -39.66 -6.33 24.87
CA MET C 368 -40.58 -7.30 25.48
C MET C 368 -40.90 -6.89 26.91
N GLN C 369 -39.90 -6.39 27.61
CA GLN C 369 -40.12 -5.90 28.95
C GLN C 369 -41.02 -4.69 28.93
N ALA C 370 -40.76 -3.76 28.04
CA ALA C 370 -41.55 -2.54 28.00
C ALA C 370 -43.02 -2.82 27.71
N ARG C 371 -43.28 -3.84 26.91
CA ARG C 371 -44.59 -4.12 26.45
C ARG C 371 -45.21 -5.32 27.17
N ASP C 372 -44.52 -5.81 28.20
CA ASP C 372 -44.94 -7.00 28.93
C ASP C 372 -45.36 -8.13 27.99
N LYS C 373 -44.45 -8.55 27.09
CA LYS C 373 -44.68 -9.67 26.19
C LYS C 373 -43.87 -10.92 26.59
N THR C 374 -44.36 -12.07 26.20
CA THR C 374 -43.86 -13.32 26.69
C THR C 374 -42.87 -13.99 25.78
N LEU C 375 -43.12 -14.00 24.48
CA LEU C 375 -42.29 -14.76 23.53
C LEU C 375 -41.71 -13.83 22.49
N GLY C 376 -40.39 -13.99 22.22
CA GLY C 376 -39.70 -13.15 21.26
C GLY C 376 -38.85 -13.96 20.32
N LEU C 377 -38.66 -13.43 19.13
CA LEU C 377 -37.83 -14.09 18.08
C LEU C 377 -36.84 -13.04 17.61
N ALA C 378 -35.59 -13.41 17.54
CA ALA C 378 -34.55 -12.58 16.93
C ALA C 378 -33.97 -13.37 15.79
N THR C 379 -33.87 -12.75 14.62
CA THR C 379 -33.28 -13.41 13.49
C THR C 379 -32.58 -12.43 12.54
N LEU C 380 -31.54 -12.92 11.87
CA LEU C 380 -30.90 -12.14 10.85
C LEU C 380 -30.23 -12.92 9.74
N CYS C 381 -30.14 -12.29 8.58
CA CYS C 381 -29.45 -12.90 7.46
C CYS C 381 -27.97 -12.72 7.59
N ILE C 382 -27.21 -13.51 6.82
CA ILE C 382 -25.77 -13.64 7.00
C ILE C 382 -25.08 -13.80 5.67
N GLY C 383 -24.15 -12.88 5.37
CA GLY C 383 -23.41 -12.98 4.13
C GLY C 383 -22.79 -14.34 3.96
N GLY C 384 -22.82 -14.84 2.72
CA GLY C 384 -22.32 -16.19 2.39
C GLY C 384 -23.49 -17.18 2.37
N GLY C 385 -24.71 -16.70 2.65
CA GLY C 385 -25.91 -17.55 2.48
C GLY C 385 -26.28 -18.30 3.72
N GLN C 386 -26.43 -17.58 4.83
CA GLN C 386 -26.90 -18.21 6.09
C GLN C 386 -27.91 -17.32 6.82
N GLY C 387 -28.49 -17.88 7.88
CA GLY C 387 -29.36 -17.18 8.76
C GLY C 387 -29.20 -17.76 10.13
N ILE C 388 -29.56 -16.96 11.14
CA ILE C 388 -29.57 -17.46 12.51
C ILE C 388 -30.81 -16.87 13.20
N ALA C 389 -31.38 -17.64 14.11
CA ALA C 389 -32.59 -17.26 14.83
C ALA C 389 -32.55 -17.80 16.25
N MET C 390 -33.15 -17.04 17.16
CA MET C 390 -33.22 -17.43 18.57
C MET C 390 -34.63 -17.03 19.09
N VAL C 391 -35.23 -17.91 19.90
CA VAL C 391 -36.49 -17.62 20.56
C VAL C 391 -36.22 -17.52 22.06
N ILE C 392 -36.81 -16.51 22.69
CA ILE C 392 -36.65 -16.29 24.09
C ILE C 392 -37.99 -16.10 24.72
N GLU C 393 -38.04 -16.44 25.99
CA GLU C 393 -39.27 -16.36 26.76
C GLU C 393 -38.99 -15.54 27.96
N ARG C 394 -39.74 -14.46 28.10
CA ARG C 394 -39.63 -13.65 29.29
C ARG C 394 -40.05 -14.33 30.59
N LEU C 395 -39.28 -13.98 31.62
CA LEU C 395 -39.53 -14.42 32.98
C LEU C 395 -39.76 -13.23 33.93
N ALA D 1 -34.52 -33.09 28.60
CA ALA D 1 -33.67 -33.78 27.56
C ALA D 1 -32.49 -34.43 28.27
N SER D 2 -31.97 -35.52 27.73
CA SER D 2 -30.71 -36.11 28.25
C SER D 2 -29.51 -35.82 27.29
N MET D 3 -28.29 -35.74 27.82
CA MET D 3 -27.09 -35.58 26.99
C MET D 3 -26.86 -36.80 26.12
N LYS D 4 -26.19 -36.60 25.00
CA LYS D 4 -25.86 -37.68 24.09
C LYS D 4 -24.36 -37.87 24.07
N ASN D 5 -23.95 -39.03 23.57
CA ASN D 5 -22.53 -39.34 23.34
C ASN D 5 -22.09 -38.94 21.93
N CYS D 6 -20.86 -38.45 21.83
CA CYS D 6 -20.32 -37.96 20.60
C CYS D 6 -19.17 -38.88 20.21
N VAL D 7 -19.11 -39.29 18.98
CA VAL D 7 -17.98 -40.06 18.46
C VAL D 7 -17.30 -39.44 17.26
N ILE D 8 -16.00 -39.70 17.16
CA ILE D 8 -15.23 -39.39 15.93
C ILE D 8 -15.45 -40.55 14.99
N VAL D 9 -15.77 -40.23 13.76
CA VAL D 9 -15.99 -41.20 12.71
C VAL D 9 -14.92 -41.17 11.64
N SER D 10 -14.19 -40.04 11.51
CA SER D 10 -13.06 -39.97 10.64
C SER D 10 -12.17 -38.84 11.11
N ALA D 11 -10.91 -38.91 10.70
CA ALA D 11 -9.89 -37.95 11.10
C ALA D 11 -8.82 -37.89 10.06
N VAL D 12 -8.61 -36.68 9.50
CA VAL D 12 -7.66 -36.55 8.40
C VAL D 12 -6.95 -35.20 8.42
N ARG D 13 -5.77 -35.12 7.83
CA ARG D 13 -5.04 -33.89 7.78
C ARG D 13 -4.28 -33.81 6.48
N THR D 14 -3.91 -32.58 6.10
CA THR D 14 -2.89 -32.50 5.09
C THR D 14 -1.54 -32.76 5.70
N ALA D 15 -0.58 -33.10 4.84
CA ALA D 15 0.81 -32.89 5.25
C ALA D 15 1.02 -31.42 5.56
N ILE D 16 2.04 -31.13 6.35
CA ILE D 16 2.29 -29.77 6.75
C ILE D 16 3.37 -29.18 5.91
N GLY D 17 3.07 -28.02 5.30
CA GLY D 17 4.08 -27.36 4.51
C GLY D 17 4.94 -26.37 5.28
N SER D 18 6.16 -26.18 4.78
CA SER D 18 7.08 -25.18 5.29
C SER D 18 6.69 -23.80 4.77
N PHE D 19 7.14 -22.78 5.46
CA PHE D 19 6.94 -21.39 5.03
C PHE D 19 7.53 -21.24 3.65
N ASN D 20 6.73 -20.73 2.73
CA ASN D 20 7.13 -20.58 1.29
C ASN D 20 7.36 -21.93 0.64
N GLY D 21 6.83 -23.00 1.20
CA GLY D 21 7.06 -24.33 0.71
C GLY D 21 5.92 -24.88 -0.16
N SER D 22 5.70 -26.17 -0.04
CA SER D 22 4.82 -26.93 -0.97
C SER D 22 3.39 -26.48 -1.02
N LEU D 23 2.88 -25.99 0.09
CA LEU D 23 1.51 -25.49 0.14
C LEU D 23 1.37 -23.96 0.03
N ALA D 24 2.47 -23.26 -0.21
CA ALA D 24 2.46 -21.80 -0.22
C ALA D 24 1.64 -21.16 -1.30
N SER D 25 1.16 -21.91 -2.29
CA SER D 25 0.24 -21.34 -3.25
C SER D 25 -1.20 -21.85 -3.09
N THR D 26 -1.48 -22.62 -2.05
CA THR D 26 -2.81 -23.22 -1.84
C THR D 26 -3.49 -22.52 -0.65
N SER D 27 -4.54 -21.77 -0.92
CA SER D 27 -5.21 -20.95 0.10
C SER D 27 -5.64 -21.81 1.29
N ALA D 28 -5.74 -21.15 2.46
CA ALA D 28 -6.21 -21.83 3.66
C ALA D 28 -7.57 -22.49 3.44
N ILE D 29 -8.42 -21.76 2.78
CA ILE D 29 -9.75 -22.24 2.46
C ILE D 29 -9.75 -23.43 1.52
N ASP D 30 -8.85 -23.45 0.54
CA ASP D 30 -8.75 -24.65 -0.30
C ASP D 30 -8.18 -25.83 0.47
N LEU D 31 -7.22 -25.59 1.36
CA LEU D 31 -6.76 -26.68 2.25
C LEU D 31 -7.90 -27.17 3.13
N GLY D 32 -8.68 -26.24 3.69
CA GLY D 32 -9.83 -26.63 4.47
C GLY D 32 -10.83 -27.44 3.70
N ALA D 33 -11.15 -27.01 2.49
CA ALA D 33 -12.02 -27.81 1.58
C ALA D 33 -11.52 -29.24 1.35
N THR D 34 -10.22 -29.37 1.15
CA THR D 34 -9.61 -30.71 0.92
C THR D 34 -9.76 -31.64 2.07
N VAL D 35 -9.56 -31.14 3.29
CA VAL D 35 -9.74 -32.04 4.47
C VAL D 35 -11.20 -32.27 4.81
N ILE D 36 -12.06 -31.27 4.60
CA ILE D 36 -13.50 -31.49 4.80
C ILE D 36 -14.06 -32.61 3.93
N LYS D 37 -13.81 -32.51 2.61
CA LYS D 37 -14.20 -33.54 1.65
C LYS D 37 -13.62 -34.88 2.01
N ALA D 38 -12.33 -34.95 2.33
CA ALA D 38 -11.72 -36.24 2.71
C ALA D 38 -12.29 -36.80 4.00
N ALA D 39 -12.57 -35.95 5.01
CA ALA D 39 -13.06 -36.46 6.24
C ALA D 39 -14.45 -37.06 5.98
N ILE D 40 -15.23 -36.42 5.14
CA ILE D 40 -16.59 -36.93 4.79
C ILE D 40 -16.50 -38.30 4.03
N GLU D 41 -15.61 -38.36 3.07
CA GLU D 41 -15.36 -39.60 2.33
C GLU D 41 -14.94 -40.73 3.26
N ARG D 42 -13.98 -40.44 4.13
CA ARG D 42 -13.47 -41.51 5.01
C ARG D 42 -14.48 -41.96 6.02
N ALA D 43 -15.38 -41.07 6.45
CA ALA D 43 -16.41 -41.46 7.41
C ALA D 43 -17.47 -42.39 6.82
N LYS D 44 -17.59 -42.37 5.50
CA LYS D 44 -18.59 -43.17 4.75
C LYS D 44 -20.00 -42.67 5.00
N ILE D 45 -20.12 -41.43 5.45
CA ILE D 45 -21.44 -40.84 5.68
C ILE D 45 -22.01 -40.48 4.32
N ASP D 46 -23.34 -40.41 4.25
CA ASP D 46 -23.95 -39.88 3.02
C ASP D 46 -23.31 -38.53 2.86
N SER D 47 -22.89 -38.23 1.65
CA SER D 47 -21.98 -37.11 1.45
C SER D 47 -22.60 -35.74 1.72
N GLN D 48 -23.92 -35.65 1.87
CA GLN D 48 -24.61 -34.44 2.33
C GLN D 48 -25.22 -34.50 3.72
N HIS D 49 -25.00 -35.56 4.50
CA HIS D 49 -25.58 -35.58 5.88
C HIS D 49 -24.56 -34.96 6.82
N VAL D 50 -24.45 -33.65 6.64
CA VAL D 50 -23.66 -32.85 7.53
C VAL D 50 -24.50 -31.68 8.00
N ASP D 51 -24.57 -31.49 9.31
CA ASP D 51 -25.37 -30.41 9.89
C ASP D 51 -24.62 -29.06 9.98
N GLU D 52 -23.29 -29.12 10.09
CA GLU D 52 -22.50 -27.92 10.27
C GLU D 52 -21.07 -28.22 10.06
N VAL D 53 -20.33 -27.17 9.66
CA VAL D 53 -18.88 -27.23 9.56
C VAL D 53 -18.32 -26.15 10.45
N ILE D 54 -17.38 -26.49 11.28
CA ILE D 54 -16.78 -25.55 12.21
C ILE D 54 -15.27 -25.62 12.01
N MET D 55 -14.67 -24.52 11.61
CA MET D 55 -13.23 -24.51 11.31
C MET D 55 -12.52 -23.37 12.03
N GLY D 56 -11.36 -23.68 12.58
CA GLY D 56 -10.41 -22.74 13.13
C GLY D 56 -9.61 -22.10 12.07
N ASN D 57 -9.36 -20.83 12.24
CA ASN D 57 -8.55 -20.03 11.29
C ASN D 57 -8.17 -18.73 11.97
N VAL D 58 -6.88 -18.46 12.09
CA VAL D 58 -6.39 -17.36 12.94
C VAL D 58 -6.12 -16.11 12.10
N LEU D 59 -5.47 -16.32 10.98
CA LEU D 59 -5.13 -15.20 10.09
C LEU D 59 -6.20 -14.97 9.04
N GLN D 60 -7.33 -14.42 9.49
CA GLN D 60 -8.53 -14.36 8.65
C GLN D 60 -8.44 -13.15 7.71
N ALA D 61 -7.47 -12.27 7.96
CA ALA D 61 -7.34 -11.02 7.19
C ALA D 61 -7.33 -11.31 5.68
N GLY D 62 -8.28 -10.66 4.98
CA GLY D 62 -8.32 -10.69 3.53
C GLY D 62 -8.83 -11.99 2.95
N LEU D 63 -9.19 -13.01 3.79
CA LEU D 63 -9.67 -14.24 3.27
C LEU D 63 -11.13 -14.27 2.84
N GLY D 64 -11.87 -13.21 3.13
CA GLY D 64 -13.26 -13.11 2.71
C GLY D 64 -14.24 -13.54 3.76
N GLN D 65 -15.48 -13.22 3.55
CA GLN D 65 -16.55 -13.59 4.54
C GLN D 65 -16.46 -15.04 5.03
N ASN D 66 -16.35 -15.19 6.32
CA ASN D 66 -16.46 -16.50 7.02
C ASN D 66 -15.73 -17.63 6.30
N PRO D 67 -14.41 -17.70 6.48
CA PRO D 67 -13.61 -18.71 5.81
C PRO D 67 -14.17 -20.14 5.95
N ALA D 68 -14.70 -20.52 7.11
CA ALA D 68 -15.29 -21.87 7.25
C ALA D 68 -16.39 -22.17 6.24
N ARG D 69 -17.27 -21.22 6.03
CA ARG D 69 -18.35 -21.37 5.08
C ARG D 69 -17.80 -21.43 3.62
N GLN D 70 -16.81 -20.58 3.32
CA GLN D 70 -16.19 -20.73 1.97
C GLN D 70 -15.62 -22.14 1.80
N ALA D 71 -14.97 -22.64 2.83
CA ALA D 71 -14.30 -23.94 2.75
C ALA D 71 -15.36 -25.06 2.59
N LEU D 72 -16.47 -24.96 3.32
CA LEU D 72 -17.45 -26.03 3.18
C LEU D 72 -18.07 -26.03 1.78
N LEU D 73 -18.30 -24.83 1.22
CA LEU D 73 -18.84 -24.74 -0.11
C LEU D 73 -17.85 -25.32 -1.13
N LYS D 74 -16.61 -24.89 -1.06
CA LYS D 74 -15.60 -25.44 -1.94
C LYS D 74 -15.47 -26.94 -1.84
N SER D 75 -15.67 -27.53 -0.67
CA SER D 75 -15.64 -28.96 -0.53
C SER D 75 -16.75 -29.71 -1.29
N GLY D 76 -17.77 -28.98 -1.73
CA GLY D 76 -18.91 -29.54 -2.44
C GLY D 76 -20.17 -29.76 -1.59
N LEU D 77 -20.15 -29.38 -0.31
CA LEU D 77 -21.35 -29.48 0.51
C LEU D 77 -22.42 -28.53 0.04
N ALA D 78 -23.68 -28.89 0.25
CA ALA D 78 -24.76 -28.08 -0.23
C ALA D 78 -24.83 -26.75 0.53
N GLU D 79 -25.39 -25.74 -0.14
CA GLU D 79 -25.61 -24.41 0.42
C GLU D 79 -26.49 -24.35 1.70
N THR D 80 -27.27 -25.41 1.94
CA THR D 80 -28.04 -25.55 3.12
C THR D 80 -27.19 -25.94 4.37
N VAL D 81 -25.90 -26.29 4.19
CA VAL D 81 -25.07 -26.67 5.31
C VAL D 81 -24.40 -25.45 5.92
N CYS D 82 -24.67 -25.21 7.20
CA CYS D 82 -24.15 -24.02 7.86
C CYS D 82 -22.71 -24.19 8.25
N GLY D 83 -22.03 -23.07 8.49
CA GLY D 83 -20.71 -23.10 9.06
C GLY D 83 -20.26 -21.78 9.68
N PHE D 84 -19.26 -21.86 10.54
CA PHE D 84 -18.61 -20.74 11.12
C PHE D 84 -17.19 -20.94 11.43
N THR D 85 -16.51 -19.83 11.62
CA THR D 85 -15.09 -19.80 11.78
C THR D 85 -14.74 -19.38 13.22
N VAL D 86 -13.85 -20.15 13.84
CA VAL D 86 -13.43 -19.97 15.22
C VAL D 86 -11.98 -19.42 15.27
N ASN D 87 -11.80 -18.48 16.19
CA ASN D 87 -10.45 -17.94 16.54
C ASN D 87 -10.25 -17.93 18.04
N MLY D 88 -9.49 -18.94 18.48
CA MLY D 88 -8.96 -19.10 19.84
CB MLY D 88 -9.63 -20.30 20.55
CG MLY D 88 -9.42 -20.26 22.09
CD MLY D 88 -9.87 -21.40 23.06
CE MLY D 88 -10.23 -20.86 24.59
NZ MLY D 88 -11.72 -20.79 24.90
CH1 MLY D 88 -12.39 -22.08 24.88
CH2 MLY D 88 -12.78 -19.98 25.55
C MLY D 88 -7.44 -19.29 19.56
O MLY D 88 -6.83 -20.09 20.13
N VAL D 89 -6.86 -18.45 18.64
CA VAL D 89 -5.43 -18.51 18.20
C VAL D 89 -4.99 -20.00 18.02
N CYS D 90 -3.87 -20.40 18.60
CA CYS D 90 -3.30 -21.75 18.43
C CYS D 90 -4.31 -22.84 18.79
N GLY D 91 -5.28 -22.52 19.61
CA GLY D 91 -6.28 -23.52 20.08
C GLY D 91 -7.45 -23.70 19.14
N SER D 92 -7.55 -22.83 18.10
CA SER D 92 -8.70 -22.83 17.21
C SER D 92 -9.17 -24.16 16.65
N GLY D 93 -8.25 -24.98 16.16
CA GLY D 93 -8.56 -26.22 15.56
C GLY D 93 -9.09 -27.25 16.55
N LEU D 94 -8.64 -27.21 17.79
CA LEU D 94 -9.16 -28.15 18.80
C LEU D 94 -10.47 -27.58 19.36
N LYS D 95 -10.50 -26.25 19.55
CA LYS D 95 -11.78 -25.57 19.99
C LYS D 95 -12.96 -25.89 19.05
N SER D 96 -12.72 -25.91 17.71
CA SER D 96 -13.77 -26.28 16.80
C SER D 96 -14.32 -27.67 17.05
N VAL D 97 -13.40 -28.63 17.21
CA VAL D 97 -13.84 -30.00 17.49
C VAL D 97 -14.64 -30.02 18.80
N ALA D 98 -14.15 -29.33 19.81
CA ALA D 98 -14.89 -29.29 21.11
C ALA D 98 -16.28 -28.75 20.98
N LEU D 99 -16.44 -27.70 20.16
CA LEU D 99 -17.74 -27.11 19.97
C LEU D 99 -18.64 -28.06 19.22
N ALA D 100 -18.06 -28.82 18.28
CA ALA D 100 -18.87 -29.80 17.54
C ALA D 100 -19.35 -30.90 18.49
N ALA D 101 -18.46 -31.31 19.39
CA ALA D 101 -18.84 -32.37 20.34
C ALA D 101 -19.93 -31.87 21.26
N GLN D 102 -19.81 -30.62 21.68
CA GLN D 102 -20.80 -30.01 22.54
C GLN D 102 -22.21 -29.88 21.87
N ALA D 103 -22.23 -29.45 20.62
CA ALA D 103 -23.49 -29.39 19.89
C ALA D 103 -24.15 -30.74 19.76
N ILE D 104 -23.35 -31.76 19.48
CA ILE D 104 -23.88 -33.12 19.41
C ILE D 104 -24.32 -33.60 20.78
N GLN D 105 -23.53 -33.35 21.81
CA GLN D 105 -23.92 -33.84 23.17
C GLN D 105 -25.20 -33.16 23.62
N ALA D 106 -25.33 -31.90 23.23
CA ALA D 106 -26.53 -31.14 23.49
C ALA D 106 -27.81 -31.48 22.66
N GLY D 107 -27.71 -32.43 21.74
CA GLY D 107 -28.81 -32.77 20.90
C GLY D 107 -29.10 -31.79 19.81
N GLN D 108 -28.20 -30.86 19.52
CA GLN D 108 -28.49 -29.81 18.53
C GLN D 108 -28.11 -30.21 17.11
N ALA D 109 -27.31 -31.24 16.99
CA ALA D 109 -26.83 -31.70 15.68
C ALA D 109 -26.54 -33.18 15.79
N GLN D 110 -26.51 -33.84 14.64
CA GLN D 110 -26.15 -35.24 14.60
C GLN D 110 -24.80 -35.50 13.94
N SER D 111 -24.38 -34.62 13.02
CA SER D 111 -23.18 -34.83 12.23
C SER D 111 -22.52 -33.51 11.90
N ILE D 112 -21.27 -33.31 12.30
CA ILE D 112 -20.56 -32.03 12.12
C ILE D 112 -19.13 -32.36 11.64
N VAL D 113 -18.60 -31.54 10.72
CA VAL D 113 -17.21 -31.65 10.33
C VAL D 113 -16.50 -30.50 10.99
N ALA D 114 -15.45 -30.80 11.77
CA ALA D 114 -14.73 -29.78 12.50
C ALA D 114 -13.25 -29.93 12.42
N GLY D 115 -12.56 -28.79 12.49
CA GLY D 115 -11.13 -28.82 12.38
C GLY D 115 -10.54 -27.44 12.31
N GLY D 116 -9.48 -27.30 11.52
CA GLY D 116 -8.87 -26.03 11.33
C GLY D 116 -8.00 -25.97 10.06
N MET D 117 -7.66 -24.74 9.71
CA MET D 117 -6.92 -24.49 8.43
C MET D 117 -6.13 -23.19 8.57
N GLU D 118 -4.93 -23.16 7.99
CA GLU D 118 -4.06 -22.01 8.06
C GLU D 118 -3.11 -22.03 6.93
N ASN D 119 -3.00 -20.90 6.25
CA ASN D 119 -1.89 -20.76 5.35
C ASN D 119 -1.12 -19.51 5.74
N MET D 120 -0.03 -19.71 6.46
CA MET D 120 0.76 -18.61 6.95
C MET D 120 1.60 -17.98 5.83
N SER D 121 2.07 -18.80 4.88
CA SER D 121 2.79 -18.29 3.73
C SER D 121 2.02 -17.19 2.97
N LEU D 122 0.72 -17.32 2.88
CA LEU D 122 -0.14 -16.38 2.14
C LEU D 122 -0.79 -15.26 3.00
N ALA D 123 -0.39 -15.15 4.26
CA ALA D 123 -0.88 -14.10 5.10
C ALA D 123 -0.48 -12.74 4.48
N PRO D 124 -1.38 -11.77 4.54
CA PRO D 124 -1.16 -10.50 3.93
C PRO D 124 -0.36 -9.54 4.81
N TYR D 125 -0.22 -8.34 4.31
CA TYR D 125 0.23 -7.18 5.04
C TYR D 125 -0.89 -6.10 5.16
N LEU D 126 -0.81 -5.32 6.22
CA LEU D 126 -1.76 -4.28 6.57
C LEU D 126 -1.12 -2.89 6.54
N LEU D 127 -1.84 -1.95 5.96
CA LEU D 127 -1.47 -0.56 6.14
C LEU D 127 -1.82 -0.12 7.56
N ASP D 128 -1.11 0.89 8.07
CA ASP D 128 -1.58 1.47 9.33
C ASP D 128 -3.10 1.81 9.26
N ALA D 129 -3.88 1.49 10.30
CA ALA D 129 -5.38 1.74 10.25
C ALA D 129 -5.71 3.19 9.93
N LYS D 130 -4.76 4.12 10.14
CA LYS D 130 -4.92 5.50 9.67
C LYS D 130 -4.90 5.77 8.17
N ALA D 131 -4.47 4.80 7.35
CA ALA D 131 -4.54 4.90 5.90
C ALA D 131 -5.95 5.25 5.37
N ARG D 132 -6.99 4.82 6.08
CA ARG D 132 -8.34 5.16 5.68
C ARG D 132 -8.62 6.63 5.70
N SER D 133 -8.18 7.34 6.77
CA SER D 133 -8.28 8.80 6.77
C SER D 133 -7.00 9.47 6.30
N GLY D 134 -5.93 8.73 6.12
CA GLY D 134 -4.70 9.30 5.46
C GLY D 134 -3.47 9.36 6.30
N TYR D 135 -2.31 8.95 5.77
CA TYR D 135 -1.02 9.10 6.47
C TYR D 135 -0.66 10.57 6.71
N ARG D 136 -1.16 11.46 5.85
CA ARG D 136 -1.03 12.87 5.86
C ARG D 136 0.34 13.47 5.63
N LEU D 137 1.30 13.17 6.50
CA LEU D 137 2.65 13.72 6.43
C LEU D 137 3.52 12.89 7.33
N GLY D 138 4.68 12.48 6.84
CA GLY D 138 5.58 11.63 7.60
C GLY D 138 5.58 10.16 7.23
N ASP D 139 6.71 9.49 7.47
CA ASP D 139 6.82 8.05 7.16
C ASP D 139 5.94 7.23 8.06
N GLY D 140 5.63 6.05 7.60
CA GLY D 140 4.64 5.22 8.29
C GLY D 140 5.10 3.81 8.27
N GLN D 141 4.23 2.90 8.69
CA GLN D 141 4.56 1.49 8.69
C GLN D 141 3.55 0.61 7.95
N VAL D 142 4.01 -0.58 7.60
CA VAL D 142 3.22 -1.61 7.00
C VAL D 142 3.40 -2.83 7.88
N TYR D 143 2.30 -3.52 8.21
CA TYR D 143 2.34 -4.53 9.26
C TYR D 143 2.15 -5.95 8.76
N ASP D 144 3.03 -6.86 9.16
CA ASP D 144 2.94 -8.27 8.86
C ASP D 144 1.81 -8.91 9.67
N VAL D 145 0.83 -9.48 8.99
CA VAL D 145 -0.33 -10.04 9.69
C VAL D 145 0.00 -11.29 10.50
N ILE D 146 0.97 -12.09 10.00
CA ILE D 146 1.41 -13.22 10.81
C ILE D 146 1.78 -12.74 12.22
N LEU D 147 2.61 -11.72 12.27
CA LEU D 147 3.06 -11.17 13.55
C LEU D 147 1.95 -10.47 14.28
N ARG D 148 1.26 -9.59 13.62
CA ARG D 148 0.15 -8.82 14.33
C ARG D 148 -1.00 -9.66 14.89
N ASP D 149 -1.49 -10.60 14.10
CA ASP D 149 -2.69 -11.37 14.44
C ASP D 149 -2.38 -12.78 14.96
N GLY D 150 -1.17 -13.25 14.72
CA GLY D 150 -0.80 -14.63 15.04
C GLY D 150 0.24 -14.80 16.12
N LEU D 151 1.42 -14.15 15.93
CA LEU D 151 2.62 -14.50 16.66
C LEU D 151 3.10 -13.51 17.70
N MET D 152 2.45 -12.33 17.80
CA MET D 152 2.84 -11.34 18.80
C MET D 152 1.72 -11.22 19.83
N CYS D 153 2.11 -11.01 21.06
CA CYS D 153 1.19 -10.93 22.17
C CYS D 153 0.50 -9.60 22.10
N ALA D 154 -0.85 -9.63 22.07
CA ALA D 154 -1.60 -8.41 22.10
C ALA D 154 -1.57 -7.72 23.41
N THR D 155 -1.34 -8.45 24.47
CA THR D 155 -1.20 -7.78 25.77
C THR D 155 0.19 -7.13 25.96
N HIS D 156 1.28 -7.82 25.63
CA HIS D 156 2.62 -7.32 25.90
C HIS D 156 3.37 -6.76 24.70
N GLY D 157 2.90 -7.04 23.50
CA GLY D 157 3.53 -6.51 22.31
C GLY D 157 4.81 -7.21 21.92
N TYR D 158 5.14 -8.33 22.54
CA TYR D 158 6.34 -9.04 22.14
C TYR D 158 5.95 -10.42 21.56
N HIS D 159 6.91 -11.09 20.95
CA HIS D 159 6.70 -12.35 20.26
C HIS D 159 6.36 -13.50 21.23
N MET D 160 5.54 -14.43 20.76
CA MET D 160 5.33 -15.69 21.49
C MET D 160 6.65 -16.34 21.97
N GLY D 161 7.70 -16.22 21.18
CA GLY D 161 9.02 -16.68 21.53
C GLY D 161 9.52 -16.09 22.86
N ILE D 162 9.16 -14.85 23.13
CA ILE D 162 9.52 -14.19 24.40
C ILE D 162 8.73 -14.80 25.53
N THR D 163 7.44 -15.16 25.29
CA THR D 163 6.69 -15.85 26.31
C THR D 163 7.37 -17.16 26.61
N ALA D 164 7.98 -17.76 25.59
CA ALA D 164 8.69 -18.99 25.80
C ALA D 164 9.95 -18.80 26.68
N GLU D 165 10.68 -17.72 26.44
CA GLU D 165 11.79 -17.37 27.29
C GLU D 165 11.30 -17.16 28.71
N ASN D 166 10.16 -16.48 28.89
CA ASN D 166 9.59 -16.28 30.26
C ASN D 166 9.35 -17.60 30.97
N VAL D 167 8.75 -18.55 30.25
CA VAL D 167 8.52 -19.87 30.79
C VAL D 167 9.86 -20.63 31.06
N ALA D 168 10.82 -20.55 30.14
CA ALA D 168 12.14 -21.18 30.35
C ALA D 168 12.79 -20.70 31.66
N LYS D 169 12.74 -19.39 31.88
CA LYS D 169 13.27 -18.82 33.11
C LYS D 169 12.45 -19.30 34.31
N GLU D 170 11.13 -19.13 34.27
CA GLU D 170 10.28 -19.38 35.40
C GLU D 170 10.36 -20.83 35.85
N TYR D 171 10.52 -21.74 34.90
CA TYR D 171 10.49 -23.17 35.23
C TYR D 171 11.85 -23.84 35.09
N GLY D 172 12.91 -23.04 34.90
CA GLY D 172 14.27 -23.55 34.82
C GLY D 172 14.54 -24.52 33.71
N ILE D 173 14.09 -24.17 32.52
CA ILE D 173 14.27 -25.03 31.35
C ILE D 173 15.44 -24.48 30.54
N THR D 174 16.55 -25.22 30.54
CA THR D 174 17.77 -24.74 29.93
C THR D 174 17.85 -24.94 28.42
N ARG D 175 18.78 -24.25 27.80
CA ARG D 175 19.03 -24.39 26.37
C ARG D 175 19.29 -25.86 26.03
N GLU D 176 20.06 -26.54 26.87
CA GLU D 176 20.44 -27.92 26.59
C GLU D 176 19.23 -28.83 26.71
N MET D 177 18.39 -28.58 27.70
CA MET D 177 17.13 -29.34 27.83
C MET D 177 16.25 -29.16 26.59
N GLN D 178 16.13 -27.91 26.16
CA GLN D 178 15.38 -27.59 24.97
C GLN D 178 15.91 -28.27 23.72
N ASP D 179 17.23 -28.28 23.55
CA ASP D 179 17.83 -28.92 22.36
C ASP D 179 17.76 -30.42 22.38
N GLU D 180 17.84 -31.04 23.57
CA GLU D 180 17.65 -32.48 23.67
C GLU D 180 16.24 -32.86 23.25
N LEU D 181 15.27 -32.08 23.71
CA LEU D 181 13.88 -32.32 23.38
C LEU D 181 13.68 -32.19 21.86
N ALA D 182 14.21 -31.13 21.28
CA ALA D 182 14.10 -30.92 19.84
C ALA D 182 14.67 -32.10 19.03
N LEU D 183 15.82 -32.63 19.43
CA LEU D 183 16.46 -33.67 18.68
C LEU D 183 15.59 -34.91 18.80
N HIS D 184 15.03 -35.12 19.97
CA HIS D 184 14.11 -36.23 20.18
C HIS D 184 12.90 -36.16 19.24
N SER D 185 12.32 -34.95 19.12
CA SER D 185 11.17 -34.72 18.25
C SER D 185 11.53 -34.95 16.79
N GLN D 186 12.68 -34.44 16.37
CA GLN D 186 13.21 -34.75 15.03
C GLN D 186 13.40 -36.22 14.76
N ARG D 187 13.90 -36.95 15.75
CA ARG D 187 14.16 -38.36 15.54
C ARG D 187 12.89 -39.14 15.44
N LYS D 188 11.93 -38.84 16.31
CA LYS D 188 10.65 -39.57 16.30
C LYS D 188 9.89 -39.29 15.06
N ALA D 189 9.91 -38.05 14.62
CA ALA D 189 9.24 -37.71 13.39
C ALA D 189 9.86 -38.45 12.19
N ALA D 190 11.16 -38.45 12.11
CA ALA D 190 11.86 -39.14 10.99
C ALA D 190 11.52 -40.62 10.95
N ALA D 191 11.49 -41.27 12.10
CA ALA D 191 11.11 -42.65 12.19
C ALA D 191 9.65 -42.90 11.85
N ALA D 192 8.76 -41.98 12.25
CA ALA D 192 7.37 -42.11 11.97
C ALA D 192 7.18 -41.99 10.47
N ILE D 193 7.84 -41.02 9.86
CA ILE D 193 7.71 -40.80 8.41
C ILE D 193 8.20 -42.07 7.70
N GLU D 194 9.38 -42.54 8.08
CA GLU D 194 10.06 -43.66 7.41
C GLU D 194 9.25 -44.94 7.57
N SER D 195 8.53 -45.12 8.70
CA SER D 195 7.73 -46.32 8.93
C SER D 195 6.32 -46.26 8.39
N GLY D 196 5.93 -45.14 7.78
CA GLY D 196 4.58 -45.00 7.25
C GLY D 196 3.51 -44.60 8.28
N ALA D 197 3.95 -44.09 9.41
CA ALA D 197 3.00 -43.94 10.52
C ALA D 197 1.99 -42.86 10.24
N PHE D 198 2.29 -41.96 9.31
CA PHE D 198 1.35 -40.87 8.97
C PHE D 198 0.52 -41.12 7.73
N THR D 199 0.80 -42.23 7.04
CA THR D 199 0.19 -42.51 5.79
C THR D 199 -1.33 -42.53 5.90
N ALA D 200 -1.85 -43.14 6.95
CA ALA D 200 -3.27 -43.31 7.05
C ALA D 200 -3.99 -41.96 7.31
N GLU D 201 -3.33 -41.02 7.99
CA GLU D 201 -3.98 -39.79 8.41
C GLU D 201 -3.86 -38.68 7.37
N ILE D 202 -2.96 -38.82 6.45
CA ILE D 202 -2.72 -37.74 5.52
C ILE D 202 -3.52 -37.91 4.23
N VAL D 203 -4.13 -36.79 3.82
CA VAL D 203 -4.70 -36.65 2.52
C VAL D 203 -3.75 -35.87 1.59
N PRO D 204 -3.41 -36.46 0.45
CA PRO D 204 -2.44 -35.78 -0.42
C PRO D 204 -3.07 -34.60 -1.05
N VAL D 205 -2.26 -33.56 -1.34
CA VAL D 205 -2.76 -32.35 -1.98
C VAL D 205 -2.09 -32.23 -3.33
N ASN D 206 -2.88 -32.14 -4.40
CA ASN D 206 -2.28 -31.86 -5.73
C ASN D 206 -1.92 -30.38 -5.81
N VAL D 207 -0.67 -30.08 -6.07
CA VAL D 207 -0.24 -28.72 -6.25
C VAL D 207 0.07 -28.47 -7.71
N VAL D 208 -0.60 -27.48 -8.29
CA VAL D 208 -0.37 -27.11 -9.67
C VAL D 208 -0.15 -25.63 -9.78
N THR D 209 1.02 -25.26 -10.25
CA THR D 209 1.32 -23.83 -10.53
C THR D 209 1.94 -23.72 -11.93
N ARG D 210 2.12 -22.48 -12.38
CA ARG D 210 2.77 -22.27 -13.68
C ARG D 210 4.13 -22.97 -13.64
N LYS D 211 4.84 -22.83 -12.53
CA LYS D 211 6.19 -23.34 -12.44
C LYS D 211 6.28 -24.85 -12.22
N LYS D 212 5.42 -25.43 -11.37
CA LYS D 212 5.66 -26.77 -10.80
C LYS D 212 4.32 -27.49 -10.59
N THR D 213 4.34 -28.80 -10.74
CA THR D 213 3.15 -29.63 -10.50
C THR D 213 3.55 -30.92 -9.81
N PHE D 214 2.92 -31.21 -8.67
CA PHE D 214 3.34 -32.34 -7.88
C PHE D 214 2.29 -32.70 -6.85
N VAL D 215 2.50 -33.82 -6.17
CA VAL D 215 1.60 -34.25 -5.13
C VAL D 215 2.31 -34.08 -3.78
N PHE D 216 1.66 -33.39 -2.83
CA PHE D 216 2.29 -33.14 -1.57
C PHE D 216 1.62 -34.12 -0.59
N SER D 217 2.42 -35.03 -0.06
CA SER D 217 1.90 -36.03 0.89
C SER D 217 2.77 -36.34 2.07
N GLN D 218 3.91 -35.66 2.20
CA GLN D 218 4.88 -35.93 3.27
C GLN D 218 5.32 -34.65 3.91
N ASP D 219 5.21 -34.63 5.22
CA ASP D 219 5.55 -33.46 6.05
C ASP D 219 6.95 -33.02 5.71
N GLU D 220 7.13 -31.73 5.38
CA GLU D 220 8.39 -31.27 4.84
C GLU D 220 9.21 -30.39 5.78
N PHE D 221 8.64 -30.07 6.94
CA PHE D 221 9.37 -29.28 7.92
C PHE D 221 10.49 -30.04 8.67
N PRO D 222 10.41 -31.37 8.80
CA PRO D 222 11.46 -32.06 9.55
C PRO D 222 12.87 -31.80 9.02
N LYS D 223 13.83 -31.66 9.92
CA LYS D 223 15.20 -31.34 9.47
C LYS D 223 16.06 -32.59 9.48
N ALA D 224 16.30 -33.12 8.28
CA ALA D 224 17.02 -34.39 8.09
C ALA D 224 18.45 -34.23 8.69
N ASN D 225 18.98 -35.33 9.22
CA ASN D 225 20.25 -35.32 9.94
C ASN D 225 20.40 -34.19 10.96
N SER D 226 19.37 -33.91 11.78
CA SER D 226 19.56 -33.05 12.96
C SER D 226 20.56 -33.64 13.96
N THR D 227 21.37 -32.80 14.60
CA THR D 227 22.30 -33.28 15.61
C THR D 227 22.32 -32.33 16.80
N ALA D 228 22.76 -32.84 17.97
CA ALA D 228 22.96 -32.03 19.16
C ALA D 228 23.94 -30.89 18.88
N GLU D 229 24.96 -31.17 18.05
CA GLU D 229 26.01 -30.20 17.70
C GLU D 229 25.46 -29.07 16.81
N ALA D 230 24.78 -29.41 15.73
CA ALA D 230 24.13 -28.38 14.91
C ALA D 230 23.13 -27.52 15.73
N LEU D 231 22.37 -28.16 16.60
CA LEU D 231 21.36 -27.42 17.42
C LEU D 231 22.04 -26.48 18.40
N GLY D 232 23.12 -26.97 19.01
CA GLY D 232 23.81 -26.21 20.04
C GLY D 232 24.53 -25.01 19.48
N ALA D 233 24.75 -25.00 18.17
CA ALA D 233 25.43 -23.91 17.46
C ALA D 233 24.51 -22.78 17.03
N LEU D 234 23.22 -23.01 17.04
CA LEU D 234 22.30 -22.00 16.54
C LEU D 234 22.34 -20.79 17.48
N ARG D 235 22.05 -19.61 16.93
CA ARG D 235 21.88 -18.38 17.68
C ARG D 235 20.43 -18.30 18.19
N PRO D 236 20.20 -17.70 19.37
CA PRO D 236 18.83 -17.45 19.80
C PRO D 236 18.07 -16.58 18.82
N ALA D 237 16.78 -16.86 18.70
CA ALA D 237 15.97 -16.23 17.70
C ALA D 237 15.39 -14.92 18.20
N PHE D 238 15.02 -14.85 19.47
CA PHE D 238 14.15 -13.74 19.95
C PHE D 238 14.85 -12.82 20.92
N ASP D 239 15.88 -13.32 21.57
CA ASP D 239 16.71 -12.56 22.47
C ASP D 239 18.13 -13.05 22.35
N LYS D 240 19.06 -12.12 22.35
CA LYS D 240 20.47 -12.49 22.25
C LYS D 240 21.01 -13.26 23.45
N ALA D 241 20.46 -13.03 24.64
CA ALA D 241 20.91 -13.76 25.85
C ALA D 241 20.01 -14.96 26.14
N GLY D 242 19.11 -15.30 25.19
CA GLY D 242 18.04 -16.24 25.47
C GLY D 242 18.39 -17.65 25.06
N THR D 243 17.38 -18.51 25.12
CA THR D 243 17.54 -19.96 24.92
C THR D 243 16.80 -20.48 23.70
N VAL D 244 15.83 -19.71 23.21
CA VAL D 244 14.91 -20.20 22.18
C VAL D 244 15.53 -19.90 20.81
N THR D 245 15.61 -20.93 19.97
CA THR D 245 16.16 -20.84 18.62
C THR D 245 15.17 -21.46 17.60
N ALA D 246 15.52 -21.30 16.32
CA ALA D 246 14.76 -21.93 15.24
C ALA D 246 14.77 -23.44 15.36
N GLY D 247 15.78 -23.98 16.06
CA GLY D 247 15.91 -25.40 16.18
C GLY D 247 15.17 -26.00 17.33
N ASN D 248 14.78 -25.19 18.31
CA ASN D 248 13.99 -25.73 19.44
C ASN D 248 12.61 -25.12 19.60
N ALA D 249 12.14 -24.53 18.50
CA ALA D 249 10.81 -23.97 18.39
C ALA D 249 10.21 -24.50 17.10
N SER D 250 8.88 -24.50 17.00
CA SER D 250 8.26 -24.87 15.75
C SER D 250 8.44 -23.74 14.74
N GLY D 251 7.85 -23.93 13.56
CA GLY D 251 7.93 -23.00 12.47
C GLY D 251 6.71 -22.17 12.17
N ILE D 252 6.77 -21.47 11.04
CA ILE D 252 5.65 -20.87 10.39
C ILE D 252 5.30 -21.88 9.32
N ASN D 253 4.02 -22.27 9.24
CA ASN D 253 3.67 -23.43 8.42
C ASN D 253 2.26 -23.35 7.93
N ASP D 254 1.98 -24.18 6.95
CA ASP D 254 0.72 -24.23 6.24
C ASP D 254 0.10 -25.62 6.37
N GLY D 255 -1.21 -25.70 6.52
CA GLY D 255 -1.88 -26.94 6.59
C GLY D 255 -3.30 -26.91 7.03
N ALA D 256 -3.96 -28.05 7.00
CA ALA D 256 -5.34 -28.14 7.52
C ALA D 256 -5.64 -29.59 8.05
N ALA D 257 -6.69 -29.69 8.84
CA ALA D 257 -7.10 -30.98 9.44
C ALA D 257 -8.59 -30.94 9.75
N ALA D 258 -9.27 -32.08 9.66
CA ALA D 258 -10.70 -32.13 9.92
C ALA D 258 -11.13 -33.52 10.33
N LEU D 259 -12.23 -33.56 11.04
CA LEU D 259 -12.82 -34.76 11.56
C LEU D 259 -14.30 -34.71 11.38
N VAL D 260 -14.91 -35.87 11.16
CA VAL D 260 -16.36 -36.02 11.23
C VAL D 260 -16.69 -36.49 12.65
N ILE D 261 -17.59 -35.76 13.25
CA ILE D 261 -18.04 -36.00 14.62
C ILE D 261 -19.56 -36.25 14.54
N MET D 262 -20.07 -37.27 15.24
CA MET D 262 -21.48 -37.67 15.11
C MET D 262 -22.04 -38.10 16.43
N GLU D 263 -23.36 -37.99 16.56
CA GLU D 263 -24.03 -38.63 17.69
C GLU D 263 -23.89 -40.15 17.60
N GLU D 264 -23.59 -40.81 18.71
CA GLU D 264 -23.19 -42.23 18.67
C GLU D 264 -24.28 -43.22 18.21
N SER D 265 -25.48 -43.12 18.75
CA SER D 265 -26.51 -44.15 18.45
C SER D 265 -26.96 -44.04 17.02
N ALA D 266 -27.00 -42.82 16.52
CA ALA D 266 -27.32 -42.56 15.11
C ALA D 266 -26.20 -43.02 14.14
N ALA D 267 -24.91 -42.76 14.42
CA ALA D 267 -23.81 -43.29 13.65
C ALA D 267 -24.03 -44.84 13.55
N LEU D 268 -24.23 -45.50 14.67
CA LEU D 268 -24.39 -46.98 14.68
C LEU D 268 -25.61 -47.43 13.87
N ALA D 269 -26.70 -46.69 13.97
CA ALA D 269 -27.94 -47.11 13.29
C ALA D 269 -27.74 -46.96 11.80
N ALA D 270 -26.85 -46.03 11.42
CA ALA D 270 -26.49 -45.84 10.04
C ALA D 270 -25.46 -46.84 9.52
N GLY D 271 -25.05 -47.79 10.37
CA GLY D 271 -24.04 -48.76 9.95
C GLY D 271 -22.62 -48.22 9.94
N LEU D 272 -22.36 -47.07 10.53
CA LEU D 272 -20.99 -46.49 10.47
C LEU D 272 -20.17 -47.09 11.59
N THR D 273 -18.86 -46.86 11.57
CA THR D 273 -17.95 -47.36 12.60
C THR D 273 -17.32 -46.23 13.40
N PRO D 274 -17.81 -46.03 14.62
CA PRO D 274 -17.14 -45.04 15.48
C PRO D 274 -15.72 -45.40 15.73
N LEU D 275 -14.84 -44.41 15.66
CA LEU D 275 -13.42 -44.61 15.93
C LEU D 275 -13.03 -44.32 17.36
N ALA D 276 -13.71 -43.36 17.99
CA ALA D 276 -13.45 -43.03 19.39
C ALA D 276 -14.64 -42.24 19.89
N ARG D 277 -14.81 -42.23 21.20
CA ARG D 277 -15.75 -41.36 21.83
C ARG D 277 -15.00 -40.14 22.40
N ILE D 278 -15.55 -38.93 22.24
CA ILE D 278 -14.95 -37.76 22.85
C ILE D 278 -15.44 -37.77 24.29
N LYS D 279 -14.51 -37.89 25.22
CA LYS D 279 -14.90 -38.11 26.64
C LYS D 279 -15.02 -36.79 27.39
N SER D 280 -14.10 -35.86 27.16
CA SER D 280 -14.18 -34.58 27.76
C SER D 280 -13.32 -33.57 27.01
N TYR D 281 -13.55 -32.33 27.36
CA TYR D 281 -12.76 -31.20 26.79
C TYR D 281 -12.86 -30.06 27.78
N ALA D 282 -11.84 -29.20 27.75
CA ALA D 282 -11.86 -27.98 28.53
C ALA D 282 -10.83 -26.99 28.08
N SER D 283 -11.04 -25.77 28.47
CA SER D 283 -10.09 -24.67 28.24
C SER D 283 -9.65 -24.08 29.56
N GLY D 284 -8.47 -23.46 29.54
CA GLY D 284 -7.89 -22.85 30.75
C GLY D 284 -7.22 -21.53 30.42
N GLY D 285 -7.11 -20.66 31.43
CA GLY D 285 -6.48 -19.33 31.25
C GLY D 285 -5.30 -19.17 32.20
N VAL D 286 -4.27 -18.52 31.73
CA VAL D 286 -3.03 -18.28 32.47
C VAL D 286 -2.59 -16.88 32.06
N PRO D 287 -1.53 -16.32 32.70
CA PRO D 287 -1.05 -15.02 32.25
C PRO D 287 -0.58 -15.03 30.80
N PRO D 288 -0.91 -13.95 30.03
CA PRO D 288 -0.44 -13.93 28.70
C PRO D 288 1.10 -14.10 28.61
N ALA D 289 1.83 -13.55 29.58
CA ALA D 289 3.32 -13.60 29.56
C ALA D 289 3.80 -15.06 29.65
N LEU D 290 2.96 -15.91 30.24
CA LEU D 290 3.28 -17.33 30.48
C LEU D 290 2.29 -18.23 29.69
N MET D 291 1.93 -17.80 28.47
CA MET D 291 0.90 -18.46 27.70
C MET D 291 1.20 -19.95 27.44
N GLY D 292 2.47 -20.28 27.30
CA GLY D 292 2.86 -21.65 27.13
C GLY D 292 2.46 -22.66 28.19
N MET D 293 2.07 -22.17 29.37
CA MET D 293 1.58 -23.02 30.47
C MET D 293 0.08 -23.29 30.42
N GLY D 294 -0.60 -22.72 29.42
CA GLY D 294 -2.01 -22.96 29.21
C GLY D 294 -2.50 -24.39 29.38
N PRO D 295 -1.75 -25.37 28.84
CA PRO D 295 -2.21 -26.73 28.92
C PRO D 295 -2.42 -27.26 30.31
N VAL D 296 -1.76 -26.65 31.29
CA VAL D 296 -1.88 -27.16 32.67
C VAL D 296 -3.32 -27.09 33.18
N PRO D 297 -3.92 -25.89 33.30
CA PRO D 297 -5.28 -25.88 33.78
C PRO D 297 -6.29 -26.55 32.81
N ALA D 298 -6.05 -26.45 31.49
CA ALA D 298 -6.94 -27.11 30.52
C ALA D 298 -6.95 -28.63 30.75
N THR D 299 -5.76 -29.20 30.84
CA THR D 299 -5.61 -30.61 31.06
C THR D 299 -6.16 -31.07 32.42
N GLN D 300 -5.84 -30.34 33.46
CA GLN D 300 -6.45 -30.66 34.80
C GLN D 300 -7.97 -30.72 34.75
N LYS D 301 -8.57 -29.71 34.12
CA LYS D 301 -10.04 -29.66 33.99
C LYS D 301 -10.61 -30.79 33.12
N ALA D 302 -9.93 -31.08 31.98
CA ALA D 302 -10.39 -32.10 31.07
C ALA D 302 -10.35 -33.46 31.75
N LEU D 303 -9.28 -33.71 32.47
CA LEU D 303 -9.19 -34.97 33.19
C LEU D 303 -10.27 -35.08 34.26
N GLN D 304 -10.53 -34.00 34.97
CA GLN D 304 -11.54 -34.04 36.05
C GLN D 304 -12.93 -34.31 35.44
N LEU D 305 -13.24 -33.62 34.35
CA LEU D 305 -14.50 -33.86 33.63
C LEU D 305 -14.64 -35.27 33.08
N ALA D 306 -13.53 -35.92 32.70
CA ALA D 306 -13.53 -37.29 32.19
C ALA D 306 -13.55 -38.30 33.38
N GLY D 307 -13.41 -37.82 34.61
CA GLY D 307 -13.30 -38.74 35.77
C GLY D 307 -12.02 -39.57 35.78
N LEU D 308 -10.93 -39.01 35.31
CA LEU D 308 -9.67 -39.71 35.15
C LEU D 308 -8.52 -39.03 35.85
N GLN D 309 -7.47 -39.79 36.07
CA GLN D 309 -6.19 -39.25 36.48
C GLN D 309 -5.29 -39.32 35.26
N LEU D 310 -4.27 -38.47 35.28
CA LEU D 310 -3.33 -38.39 34.19
C LEU D 310 -2.76 -39.75 33.85
N ALA D 311 -2.44 -40.55 34.88
CA ALA D 311 -1.87 -41.85 34.64
C ALA D 311 -2.76 -42.80 33.84
N ASP D 312 -4.08 -42.55 33.79
CA ASP D 312 -4.98 -43.40 33.01
C ASP D 312 -4.82 -43.22 31.52
N ILE D 313 -4.27 -42.09 31.12
CA ILE D 313 -4.05 -41.79 29.71
C ILE D 313 -2.91 -42.61 29.10
N ASP D 314 -3.18 -43.27 27.99
CA ASP D 314 -2.18 -44.08 27.29
C ASP D 314 -1.26 -43.31 26.36
N LEU D 315 -1.80 -42.34 25.64
CA LEU D 315 -1.02 -41.54 24.70
C LEU D 315 -1.45 -40.05 24.74
N ILE D 316 -0.45 -39.19 24.61
CA ILE D 316 -0.61 -37.76 24.77
C ILE D 316 -0.02 -37.08 23.57
N GLU D 317 -0.79 -36.16 22.98
CA GLU D 317 -0.24 -35.19 22.05
C GLU D 317 -0.29 -33.84 22.72
N ALA D 318 0.90 -33.32 23.02
CA ALA D 318 1.02 -32.01 23.64
C ALA D 318 1.84 -31.18 22.66
N ASN D 319 1.28 -30.08 22.15
CA ASN D 319 1.93 -29.38 21.05
C ASN D 319 3.28 -28.80 21.45
N GLU D 320 4.21 -28.83 20.52
CA GLU D 320 5.54 -28.31 20.74
C GLU D 320 5.73 -26.97 20.03
N ALA D 321 4.95 -25.95 20.37
CA ALA D 321 5.21 -24.61 19.84
C ALA D 321 6.65 -24.17 20.17
N PHE D 322 7.06 -24.38 21.44
CA PHE D 322 8.43 -24.15 21.88
C PHE D 322 8.84 -25.22 22.88
N ALA D 323 10.03 -25.80 22.64
CA ALA D 323 10.52 -26.79 23.57
C ALA D 323 10.42 -26.30 25.00
N ALA D 324 10.70 -25.02 25.21
CA ALA D 324 10.69 -24.43 26.56
C ALA D 324 9.36 -24.66 27.27
N GLN D 325 8.28 -24.41 26.55
CA GLN D 325 6.96 -24.56 27.16
CA GLN D 325 6.96 -24.53 27.04
C GLN D 325 6.51 -25.99 27.14
N PHE D 326 6.91 -26.76 26.13
CA PHE D 326 6.54 -28.14 26.12
C PHE D 326 7.07 -28.81 27.41
N LEU D 327 8.34 -28.54 27.71
CA LEU D 327 9.01 -29.17 28.84
C LEU D 327 8.48 -28.69 30.16
N ALA D 328 8.26 -27.39 30.29
CA ALA D 328 7.68 -26.84 31.50
C ALA D 328 6.31 -27.43 31.79
N VAL D 329 5.49 -27.59 30.76
CA VAL D 329 4.17 -28.19 30.93
C VAL D 329 4.29 -29.65 31.43
N GLY D 330 5.23 -30.38 30.83
CA GLY D 330 5.42 -31.78 31.15
C GLY D 330 5.91 -31.96 32.59
N LYS D 331 6.82 -31.11 32.99
CA LYS D 331 7.35 -31.14 34.34
C LYS D 331 6.20 -30.84 35.30
N ASN D 332 5.45 -29.79 35.05
CA ASN D 332 4.37 -29.41 35.92
C ASN D 332 3.32 -30.51 36.04
N LEU D 333 2.94 -31.13 34.93
CA LEU D 333 1.86 -32.13 35.00
C LEU D 333 2.39 -33.52 35.41
N GLY D 334 3.69 -33.74 35.21
CA GLY D 334 4.31 -35.06 35.39
C GLY D 334 4.04 -36.03 34.26
N PHE D 335 4.09 -35.55 33.01
CA PHE D 335 3.87 -36.42 31.84
C PHE D 335 4.90 -37.54 31.79
N ASP D 336 4.49 -38.75 31.46
CA ASP D 336 5.41 -39.82 31.15
C ASP D 336 5.91 -39.57 29.75
N SER D 337 7.19 -39.21 29.62
CA SER D 337 7.71 -38.81 28.34
C SER D 337 7.56 -39.82 27.21
N GLU D 338 7.53 -41.10 27.56
CA GLU D 338 7.40 -42.20 26.63
C GLU D 338 6.00 -42.22 26.00
N LYS D 339 5.03 -41.57 26.63
CA LYS D 339 3.66 -41.59 26.11
C LYS D 339 3.34 -40.36 25.23
N VAL D 340 4.28 -39.43 25.13
CA VAL D 340 3.99 -38.10 24.55
C VAL D 340 4.59 -38.01 23.16
N ASN D 341 3.79 -37.51 22.25
CA ASN D 341 4.21 -37.21 20.89
C ASN D 341 5.02 -38.35 20.29
N VAL D 342 4.43 -39.54 20.27
CA VAL D 342 5.19 -40.74 19.93
C VAL D 342 5.68 -40.77 18.51
N ASN D 343 5.05 -39.97 17.65
CA ASN D 343 5.47 -39.84 16.26
C ASN D 343 6.15 -38.49 15.98
N GLY D 344 6.66 -37.86 17.03
CA GLY D 344 7.23 -36.57 16.89
C GLY D 344 6.21 -35.48 17.04
N GLY D 345 6.71 -34.27 17.18
CA GLY D 345 5.82 -33.14 17.39
C GLY D 345 6.17 -31.93 16.53
N ALA D 346 5.55 -30.83 16.89
CA ALA D 346 5.60 -29.62 16.02
C ALA D 346 6.99 -29.08 15.79
N ILE D 347 7.95 -29.32 16.66
CA ILE D 347 9.34 -28.81 16.38
C ILE D 347 9.86 -29.41 15.06
N ALA D 348 9.52 -30.66 14.81
CA ALA D 348 9.84 -31.35 13.61
C ALA D 348 8.74 -31.15 12.54
N LEU D 349 7.46 -31.18 12.97
CA LEU D 349 6.38 -31.24 12.03
C LEU D 349 5.79 -29.91 11.57
N GLY D 350 5.86 -28.87 12.38
CA GLY D 350 5.36 -27.56 11.99
C GLY D 350 4.08 -27.19 12.75
N HIS D 351 3.74 -25.90 12.69
CA HIS D 351 2.67 -25.32 13.52
C HIS D 351 1.84 -24.32 12.72
N PRO D 352 0.91 -24.87 11.87
CA PRO D 352 -0.01 -24.04 11.09
C PRO D 352 -1.11 -23.64 12.07
N ILE D 353 -1.00 -22.43 12.57
CA ILE D 353 -1.62 -22.10 13.91
C ILE D 353 -3.09 -22.47 14.04
N GLY D 354 -3.95 -22.10 13.13
CA GLY D 354 -5.40 -22.38 13.24
C GLY D 354 -5.77 -23.89 13.02
N ALA D 355 -4.87 -24.65 12.39
CA ALA D 355 -5.04 -26.05 12.15
C ALA D 355 -4.47 -26.94 13.27
N SER D 356 -3.44 -26.49 13.96
CA SER D 356 -2.63 -27.40 14.81
C SER D 356 -3.42 -28.15 15.85
N GLY D 357 -4.42 -27.50 16.44
CA GLY D 357 -5.18 -28.17 17.46
C GLY D 357 -6.02 -29.35 16.98
N ALA D 358 -6.46 -29.26 15.74
CA ALA D 358 -7.11 -30.38 15.08
C ALA D 358 -6.07 -31.39 14.57
N ARG D 359 -4.96 -30.85 14.12
CA ARG D 359 -3.85 -31.66 13.56
C ARG D 359 -3.38 -32.68 14.62
N ILE D 360 -3.19 -32.21 15.86
CA ILE D 360 -2.68 -33.08 16.89
C ILE D 360 -3.70 -34.09 17.30
N LEU D 361 -4.97 -33.71 17.26
CA LEU D 361 -6.02 -34.68 17.55
C LEU D 361 -6.08 -35.82 16.52
N VAL D 362 -6.00 -35.44 15.25
CA VAL D 362 -5.83 -36.46 14.19
C VAL D 362 -4.63 -37.41 14.42
N THR D 363 -3.46 -36.88 14.74
CA THR D 363 -2.28 -37.67 14.96
C THR D 363 -2.51 -38.57 16.18
N LEU D 364 -3.20 -38.04 17.21
CA LEU D 364 -3.38 -38.78 18.43
C LEU D 364 -4.22 -39.96 18.12
N LEU D 365 -5.35 -39.74 17.45
CA LEU D 365 -6.26 -40.84 17.17
C LEU D 365 -5.56 -41.97 16.38
N HIS D 366 -4.89 -41.58 15.29
CA HIS D 366 -4.19 -42.61 14.50
C HIS D 366 -3.10 -43.33 15.26
N ALA D 367 -2.39 -42.64 16.12
CA ALA D 367 -1.37 -43.29 16.93
C ALA D 367 -1.96 -44.27 17.95
N MET D 368 -3.13 -43.95 18.48
CA MET D 368 -3.85 -44.83 19.39
C MET D 368 -4.30 -46.10 18.70
N GLN D 369 -4.74 -45.95 17.47
CA GLN D 369 -5.12 -47.09 16.65
C GLN D 369 -3.92 -47.97 16.35
N ALA D 370 -2.81 -47.36 15.98
CA ALA D 370 -1.63 -48.09 15.63
C ALA D 370 -1.08 -48.87 16.80
N ARG D 371 -1.21 -48.31 18.01
CA ARG D 371 -0.67 -48.92 19.21
CA ARG D 371 -0.66 -48.90 19.23
C ARG D 371 -1.74 -49.58 20.06
N ASP D 372 -2.96 -49.67 19.50
CA ASP D 372 -4.08 -50.26 20.18
C ASP D 372 -4.18 -49.76 21.62
N LYS D 373 -4.21 -48.43 21.77
CA LYS D 373 -4.40 -47.82 23.06
C LYS D 373 -5.83 -47.31 23.26
N THR D 374 -6.21 -47.16 24.53
CA THR D 374 -7.57 -46.84 24.88
C THR D 374 -7.87 -45.36 25.13
N LEU D 375 -6.99 -44.62 25.83
CA LEU D 375 -7.29 -43.27 26.28
C LEU D 375 -6.22 -42.35 25.79
N GLY D 376 -6.64 -41.23 25.20
CA GLY D 376 -5.71 -40.25 24.68
C GLY D 376 -6.05 -38.85 25.13
N LEU D 377 -5.03 -38.02 25.22
CA LEU D 377 -5.16 -36.62 25.57
C LEU D 377 -4.46 -35.76 24.52
N ALA D 378 -5.17 -34.73 24.07
CA ALA D 378 -4.59 -33.74 23.18
C ALA D 378 -4.69 -32.42 23.84
N THR D 379 -3.58 -31.68 23.85
CA THR D 379 -3.56 -30.37 24.50
C THR D 379 -2.54 -29.44 23.90
N LEU D 380 -2.85 -28.15 23.95
CA LEU D 380 -1.92 -27.15 23.47
C LEU D 380 -2.09 -25.77 24.05
N CYS D 381 -0.98 -25.03 24.09
CA CYS D 381 -1.00 -23.67 24.58
C CYS D 381 -1.53 -22.76 23.52
N ILE D 382 -1.97 -21.61 23.97
CA ILE D 382 -2.66 -20.63 23.15
C ILE D 382 -2.13 -19.19 23.44
N GLY D 383 -1.73 -18.47 22.40
CA GLY D 383 -1.33 -17.07 22.57
C GLY D 383 -2.44 -16.26 23.22
N GLY D 384 -2.06 -15.37 24.13
CA GLY D 384 -3.03 -14.56 24.89
C GLY D 384 -3.25 -15.20 26.25
N GLY D 385 -2.61 -16.34 26.51
CA GLY D 385 -2.64 -16.94 27.84
C GLY D 385 -3.77 -17.93 28.05
N GLN D 386 -3.89 -18.89 27.14
CA GLN D 386 -4.90 -19.94 27.29
C GLN D 386 -4.33 -21.29 26.95
N GLY D 387 -5.13 -22.31 27.21
CA GLY D 387 -4.82 -23.66 26.82
C GLY D 387 -6.16 -24.37 26.53
N ILE D 388 -6.07 -25.44 25.76
CA ILE D 388 -7.25 -26.29 25.53
C ILE D 388 -6.81 -27.74 25.55
N ALA D 389 -7.72 -28.61 25.97
CA ALA D 389 -7.42 -30.03 26.11
C ALA D 389 -8.65 -30.85 25.80
N MET D 390 -8.43 -32.05 25.27
CA MET D 390 -9.51 -33.02 24.99
C MET D 390 -9.04 -34.42 25.31
N VAL D 391 -9.92 -35.24 25.84
CA VAL D 391 -9.69 -36.63 26.10
C VAL D 391 -10.62 -37.49 25.26
N ILE D 392 -10.04 -38.45 24.54
CA ILE D 392 -10.77 -39.34 23.69
C ILE D 392 -10.52 -40.82 24.14
N GLU D 393 -11.52 -41.65 23.88
CA GLU D 393 -11.52 -43.05 24.25
C GLU D 393 -11.80 -43.91 23.03
N ARG D 394 -10.86 -44.80 22.70
CA ARG D 394 -11.09 -45.78 21.63
C ARG D 394 -12.04 -46.90 22.06
CA LEU D 395 -13.96 -47.65 20.14
C LEU D 395 -13.26 -47.90 18.81
C1 EDO E . 9.63 40.28 3.99
O1 EDO E . 8.72 39.84 2.99
C2 EDO E . 11.02 40.37 3.43
O2 EDO E . 11.03 41.29 2.35
C1 EDO F . 19.26 32.66 18.52
O1 EDO F . 17.84 32.93 18.79
C2 EDO F . 19.70 31.32 17.96
O2 EDO F . 20.36 31.37 16.67
C1 EDO G . -1.82 39.29 8.83
O1 EDO G . -0.68 38.98 9.51
C2 EDO G . -1.44 40.51 8.12
O2 EDO G . -1.60 41.55 9.03
C1 EDO H . 12.41 28.37 -35.08
O1 EDO H . 11.05 28.24 -34.59
C2 EDO H . 13.40 27.66 -34.15
O2 EDO H . 14.67 28.37 -34.09
C1 EDO I . 17.70 36.05 21.23
O1 EDO I . 18.49 35.14 20.44
C2 EDO I . 16.77 36.72 20.23
O2 EDO I . 15.99 35.67 19.61
C1 EDO J . -9.65 19.98 -2.17
O1 EDO J . -9.30 20.51 -0.87
C2 EDO J . -10.41 21.05 -2.88
O2 EDO J . -11.51 21.50 -2.04
C1 EDO K . 9.89 27.33 22.90
O1 EDO K . 10.45 26.13 22.40
C2 EDO K . 10.43 28.56 22.16
O2 EDO K . 9.97 28.56 20.81
C1 EDO L . 26.30 26.82 -14.21
O1 EDO L . 26.83 27.18 -15.53
C2 EDO L . 26.51 28.01 -13.24
O2 EDO L . 25.85 29.23 -13.75
C1 EDO M . 12.23 44.34 9.69
O1 EDO M . 10.82 44.55 9.92
C2 EDO M . 12.49 43.25 8.64
O2 EDO M . 13.10 42.09 9.26
C1 EDO N . 11.11 -13.63 -0.97
O1 EDO N . 10.14 -14.12 -1.90
C2 EDO N . 10.43 -13.45 0.38
O2 EDO N . 9.04 -13.90 0.30
C1 EDO O . -6.38 21.98 -18.67
O1 EDO O . -6.31 21.50 -17.29
C2 EDO O . -6.82 23.43 -18.70
O2 EDO O . -5.93 24.23 -19.51
C1 EDO P . -2.14 13.95 -22.05
O1 EDO P . -1.69 14.88 -21.05
C2 EDO P . -3.45 14.50 -22.61
O2 EDO P . -3.50 14.30 -24.03
C1 EDO Q . 29.83 34.10 8.73
O1 EDO Q . 29.38 35.43 8.39
C2 EDO Q . 30.54 33.58 7.50
O2 EDO Q . 30.81 32.19 7.67
C1 EDO R . -3.12 27.04 -26.17
O1 EDO R . -3.54 25.91 -26.95
C2 EDO R . -4.39 27.86 -25.96
C1 EDO S . 11.31 9.25 3.69
O1 EDO S . 10.09 9.95 3.62
C2 EDO S . 12.46 10.19 3.92
O2 EDO S . 13.63 9.48 3.50
C1 EDO T . 11.51 19.33 17.72
O1 EDO T . 11.58 18.20 16.86
C2 EDO T . 10.21 19.22 18.47
O2 EDO T . 9.24 19.08 17.45
C1 EDO U . 20.23 -4.28 -35.60
O1 EDO U . 21.16 -4.02 -34.54
C2 EDO U . 19.79 -3.05 -36.38
O2 EDO U . 20.92 -2.39 -36.93
C1 EDO V . 30.12 -6.06 -34.03
O1 EDO V . 29.00 -6.21 -34.85
C2 EDO V . 31.46 -5.96 -34.74
O2 EDO V . 32.22 -4.96 -34.06
C1 EDO W . 28.19 -9.82 -36.74
O1 EDO W . 26.80 -10.06 -36.86
C2 EDO W . 28.27 -8.34 -36.88
O2 EDO W . 29.52 -7.71 -37.01
C1 EDO X . 14.08 22.03 -30.93
O1 EDO X . 14.39 20.95 -31.78
C2 EDO X . 13.76 21.60 -29.52
O2 EDO X . 12.49 22.18 -29.22
C1 EDO Y . 9.64 -14.73 -23.69
O1 EDO Y . 8.55 -13.98 -24.31
C2 EDO Y . 10.97 -14.49 -24.45
O2 EDO Y . 12.19 -14.51 -23.68
C1 EDO Z . 0.94 -5.68 -38.74
O1 EDO Z . 1.95 -6.64 -38.36
C2 EDO Z . 1.19 -5.16 -40.16
O2 EDO Z . 1.79 -6.18 -41.00
C1 EDO AA . 37.01 14.83 -8.80
O1 EDO AA . 36.83 13.78 -7.85
C2 EDO AA . 36.01 14.58 -9.91
O2 EDO AA . 35.90 13.18 -10.15
C1 EDO BA . -13.74 -5.73 -2.53
O1 EDO BA . -13.36 -5.11 -3.75
C2 EDO BA . -13.35 -7.22 -2.53
O2 EDO BA . -12.02 -7.41 -2.00
C1 EDO CA . 22.95 -7.37 -7.78
O1 EDO CA . 22.01 -8.42 -7.93
C2 EDO CA . 24.34 -7.85 -7.49
O2 EDO CA . 24.46 -9.26 -7.68
C1 EDO DA . -7.43 11.74 -3.15
O1 EDO DA . -6.52 12.77 -2.72
C2 EDO DA . -7.92 12.10 -4.53
O2 EDO DA . -6.74 12.30 -5.32
C1 EDO EA . 5.75 -5.33 -18.35
O1 EDO EA . 4.45 -4.84 -17.94
C2 EDO EA . 6.80 -4.21 -18.44
O2 EDO EA . 7.79 -4.48 -19.44
C1 EDO FA . 13.02 19.06 -41.05
O1 EDO FA . 13.25 20.41 -40.72
C2 EDO FA . 11.91 18.92 -42.10
O2 EDO FA . 11.82 20.10 -42.90
C1 EDO GA . 24.43 -15.31 -31.55
O1 EDO GA . 23.60 -15.31 -32.72
C2 EDO GA . 23.76 -14.35 -30.60
O2 EDO GA . 22.42 -14.77 -30.39
C1 EDO HA . 0.64 2.45 -14.72
O1 EDO HA . 0.69 3.14 -13.46
C2 EDO HA . -0.48 1.42 -14.70
O2 EDO HA . 0.05 0.10 -14.83
C1 EDO IA . -39.71 -2.84 9.84
O1 EDO IA . -40.49 -3.23 10.94
C2 EDO IA . -39.56 -1.35 9.96
O2 EDO IA . -38.81 -1.03 11.15
C1 EDO JA . -31.04 1.81 -16.22
O1 EDO JA . -32.06 1.40 -15.33
C2 EDO JA . -30.82 3.25 -15.87
O2 EDO JA . -31.71 3.98 -16.70
C1 EDO KA . -27.42 -24.96 13.55
O1 EDO KA . -28.89 -25.06 13.55
C2 EDO KA . -26.93 -25.90 12.44
O2 EDO KA . -26.55 -27.14 13.07
C1 EDO LA . -14.53 10.49 17.57
O1 EDO LA . -15.21 11.75 17.56
C2 EDO LA . -13.85 10.27 16.22
O2 EDO LA . -14.76 10.55 15.14
C1 EDO MA . -30.69 -20.21 -6.43
O1 EDO MA . -31.77 -20.66 -5.62
C2 EDO MA . -30.48 -18.75 -6.06
O2 EDO MA . -29.15 -18.32 -6.29
C1 EDO NA . -4.29 -7.00 -9.38
O1 EDO NA . -3.42 -7.58 -8.40
C2 EDO NA . -3.59 -5.82 -10.08
O2 EDO NA . -4.36 -4.62 -9.94
C1 EDO OA . 4.35 -22.90 -4.04
O1 EDO OA . 5.50 -22.89 -3.22
C2 EDO OA . 4.01 -24.31 -4.49
O2 EDO OA . 5.18 -24.79 -5.20
C1 EDO PA . 8.64 -34.86 22.96
O1 EDO PA . 7.76 -36.00 22.93
C2 EDO PA . 9.53 -34.85 21.74
O2 EDO PA . 8.76 -35.30 20.62
C1 EDO QA . 6.16 -16.73 1.80
O1 EDO QA . 5.80 -15.96 0.67
C2 EDO QA . 7.44 -16.18 2.40
O2 EDO QA . 8.55 -16.41 1.50
C1 EDO RA . -13.41 -23.60 29.96
O1 EDO RA . -13.54 -25.04 29.84
C2 EDO RA . -14.54 -22.85 29.26
O2 EDO RA . -15.83 -23.25 29.76
C1 EDO SA . -26.32 -32.81 28.53
O1 EDO SA . -25.39 -33.23 29.52
C2 EDO SA . -25.55 -32.55 27.27
O2 EDO SA . -24.16 -32.82 27.43
C1 EDO TA . -7.17 13.99 5.46
O1 EDO TA . -6.96 14.79 4.27
C2 EDO TA . -5.83 13.51 6.04
O2 EDO TA . -4.72 14.29 5.56
C1 EDO UA . -2.57 -0.72 12.31
O1 EDO UA . -1.29 -1.15 12.71
C2 EDO UA . -3.37 -1.97 12.05
O2 EDO UA . -2.94 -2.44 10.76
C1 EDO VA . -16.97 -40.46 38.01
O1 EDO VA . -16.01 -41.52 37.84
C2 EDO VA . -16.39 -39.40 38.94
O2 EDO VA . -14.94 -39.36 38.81
#